data_1Q42
# 
_entry.id   1Q42 
# 
_audit_conform.dict_name       mmcif_pdbx.dic 
_audit_conform.dict_version    5.376 
_audit_conform.dict_location   http://mmcif.pdb.org/dictionaries/ascii/mmcif_pdbx.dic 
# 
loop_
_database_2.database_id 
_database_2.database_code 
_database_2.pdbx_database_accession 
_database_2.pdbx_DOI 
PDB   1Q42         pdb_00001q42 10.2210/pdb1q42/pdb 
RCSB  RCSB019889   ?            ?                   
WWPDB D_1000019889 ?            ?                   
# 
loop_
_pdbx_database_related.db_name 
_pdbx_database_related.db_id 
_pdbx_database_related.details 
_pdbx_database_related.content_type 
PDB 1OF5 . unspecified 
PDB 1Q40 . unspecified 
# 
_pdbx_database_status.status_code                     REL 
_pdbx_database_status.entry_id                        1Q42 
_pdbx_database_status.recvd_initial_deposition_date   2003-08-01 
_pdbx_database_status.deposit_site                    RCSB 
_pdbx_database_status.process_site                    RCSB 
_pdbx_database_status.status_code_sf                  REL 
_pdbx_database_status.SG_entry                        . 
_pdbx_database_status.pdb_format_compatible           Y 
_pdbx_database_status.status_code_mr                  ? 
_pdbx_database_status.status_code_cs                  ? 
_pdbx_database_status.status_code_nmr_data            ? 
_pdbx_database_status.methods_development_category    ? 
# 
loop_
_audit_author.name 
_audit_author.pdbx_ordinal 
'Senay, C.'    1 
'Ferrari, P.'  2 
'Rocher, C.'   3 
'Rieger, K.J.' 4 
'Winter, J.'   5 
'Platel, D.'   6 
'Bourne, Y.'   7 
# 
_citation.id                        primary 
_citation.title                     
;The mtr2-mex67 ntf2-like domain complex: Structural
insights into a dual role of MTR2 for yeast nuclear export
;
_citation.journal_abbrev            J.Biol.Chem. 
_citation.journal_volume            278 
_citation.page_first                48395 
_citation.page_last                 48403 
_citation.year                      2003 
_citation.journal_id_ASTM           JBCHA3 
_citation.country                   US 
_citation.journal_id_ISSN           0021-9258 
_citation.journal_id_CSD            0071 
_citation.book_publisher            ? 
_citation.pdbx_database_id_PubMed   14504280 
_citation.pdbx_database_id_DOI      10.1074/jbc.M308275200 
# 
loop_
_citation_author.citation_id 
_citation_author.name 
_citation_author.ordinal 
_citation_author.identifier_ORCID 
primary 'Senay, C.'    1 ? 
primary 'Ferrari, P.'  2 ? 
primary 'Rocher, C.'   3 ? 
primary 'Rieger, K.J.' 4 ? 
primary 'Winter, J.'   5 ? 
primary 'Platel, D.'   6 ? 
primary 'Bourne, Y.'   7 ? 
# 
_cell.entry_id           1Q42 
_cell.length_a           62.489 
_cell.length_b           54.308 
_cell.length_c           61.285 
_cell.angle_alpha        90.00 
_cell.angle_beta         99.02 
_cell.angle_gamma        90.00 
_cell.Z_PDB              4 
_cell.pdbx_unique_axis   ? 
# 
_symmetry.entry_id                         1Q42 
_symmetry.space_group_name_H-M             'C 1 2 1' 
_symmetry.pdbx_full_space_group_name_H-M   ? 
_symmetry.cell_setting                     ? 
_symmetry.Int_Tables_number                5 
# 
loop_
_entity.id 
_entity.type 
_entity.src_method 
_entity.pdbx_description 
_entity.formula_weight 
_entity.pdbx_number_of_molecules 
_entity.pdbx_ec 
_entity.pdbx_mutation 
_entity.pdbx_fragment 
_entity.details 
1 polymer man 'MRNA TRANSPORT REGULATOR Mtr2' 22683.338 1  ? ? ? ? 
2 water   nat water                           18.015    71 ? ? ? ? 
# 
_entity_name_com.entity_id   1 
_entity_name_com.name        Mtr2 
# 
_entity_poly.entity_id                      1 
_entity_poly.type                           'polypeptide(L)' 
_entity_poly.nstd_linkage                   no 
_entity_poly.nstd_monomer                   no 
_entity_poly.pdbx_seq_one_letter_code       
;MGSSHHHHHHSSGLVPRGSHMNQDPTQQLEPFLKRFLASLDLLYTQPTSQPFPNVESYATQLGSNLKRSSAIIVNGQPII
PSPQEDCKLQFQKKWLQTPLSSHQLTSYDGHLIPGTGTFVVHFSAKVRFDQSGRNRLGESADLFQENNSIVSKTNQRPIW
GSWFGVDVNLVVDENVMQDGEIINSMDYRFTYVPNDSIIKV
;
_entity_poly.pdbx_seq_one_letter_code_can   
;MGSSHHHHHHSSGLVPRGSHMNQDPTQQLEPFLKRFLASLDLLYTQPTSQPFPNVESYATQLGSNLKRSSAIIVNGQPII
PSPQEDCKLQFQKKWLQTPLSSHQLTSYDGHLIPGTGTFVVHFSAKVRFDQSGRNRLGESADLFQENNSIVSKTNQRPIW
GSWFGVDVNLVVDENVMQDGEIINSMDYRFTYVPNDSIIKV
;
_entity_poly.pdbx_strand_id                 A 
_entity_poly.pdbx_target_identifier         ? 
# 
loop_
_entity_poly_seq.entity_id 
_entity_poly_seq.num 
_entity_poly_seq.mon_id 
_entity_poly_seq.hetero 
1 1   MET n 
1 2   GLY n 
1 3   SER n 
1 4   SER n 
1 5   HIS n 
1 6   HIS n 
1 7   HIS n 
1 8   HIS n 
1 9   HIS n 
1 10  HIS n 
1 11  SER n 
1 12  SER n 
1 13  GLY n 
1 14  LEU n 
1 15  VAL n 
1 16  PRO n 
1 17  ARG n 
1 18  GLY n 
1 19  SER n 
1 20  HIS n 
1 21  MET n 
1 22  ASN n 
1 23  GLN n 
1 24  ASP n 
1 25  PRO n 
1 26  THR n 
1 27  GLN n 
1 28  GLN n 
1 29  LEU n 
1 30  GLU n 
1 31  PRO n 
1 32  PHE n 
1 33  LEU n 
1 34  LYS n 
1 35  ARG n 
1 36  PHE n 
1 37  LEU n 
1 38  ALA n 
1 39  SER n 
1 40  LEU n 
1 41  ASP n 
1 42  LEU n 
1 43  LEU n 
1 44  TYR n 
1 45  THR n 
1 46  GLN n 
1 47  PRO n 
1 48  THR n 
1 49  SER n 
1 50  GLN n 
1 51  PRO n 
1 52  PHE n 
1 53  PRO n 
1 54  ASN n 
1 55  VAL n 
1 56  GLU n 
1 57  SER n 
1 58  TYR n 
1 59  ALA n 
1 60  THR n 
1 61  GLN n 
1 62  LEU n 
1 63  GLY n 
1 64  SER n 
1 65  ASN n 
1 66  LEU n 
1 67  LYS n 
1 68  ARG n 
1 69  SER n 
1 70  SER n 
1 71  ALA n 
1 72  ILE n 
1 73  ILE n 
1 74  VAL n 
1 75  ASN n 
1 76  GLY n 
1 77  GLN n 
1 78  PRO n 
1 79  ILE n 
1 80  ILE n 
1 81  PRO n 
1 82  SER n 
1 83  PRO n 
1 84  GLN n 
1 85  GLU n 
1 86  ASP n 
1 87  CYS n 
1 88  LYS n 
1 89  LEU n 
1 90  GLN n 
1 91  PHE n 
1 92  GLN n 
1 93  LYS n 
1 94  LYS n 
1 95  TRP n 
1 96  LEU n 
1 97  GLN n 
1 98  THR n 
1 99  PRO n 
1 100 LEU n 
1 101 SER n 
1 102 SER n 
1 103 HIS n 
1 104 GLN n 
1 105 LEU n 
1 106 THR n 
1 107 SER n 
1 108 TYR n 
1 109 ASP n 
1 110 GLY n 
1 111 HIS n 
1 112 LEU n 
1 113 ILE n 
1 114 PRO n 
1 115 GLY n 
1 116 THR n 
1 117 GLY n 
1 118 THR n 
1 119 PHE n 
1 120 VAL n 
1 121 VAL n 
1 122 HIS n 
1 123 PHE n 
1 124 SER n 
1 125 ALA n 
1 126 LYS n 
1 127 VAL n 
1 128 ARG n 
1 129 PHE n 
1 130 ASP n 
1 131 GLN n 
1 132 SER n 
1 133 GLY n 
1 134 ARG n 
1 135 ASN n 
1 136 ARG n 
1 137 LEU n 
1 138 GLY n 
1 139 GLU n 
1 140 SER n 
1 141 ALA n 
1 142 ASP n 
1 143 LEU n 
1 144 PHE n 
1 145 GLN n 
1 146 GLU n 
1 147 ASN n 
1 148 ASN n 
1 149 SER n 
1 150 ILE n 
1 151 VAL n 
1 152 SER n 
1 153 LYS n 
1 154 THR n 
1 155 ASN n 
1 156 GLN n 
1 157 ARG n 
1 158 PRO n 
1 159 ILE n 
1 160 TRP n 
1 161 GLY n 
1 162 SER n 
1 163 TRP n 
1 164 PHE n 
1 165 GLY n 
1 166 VAL n 
1 167 ASP n 
1 168 VAL n 
1 169 ASN n 
1 170 LEU n 
1 171 VAL n 
1 172 VAL n 
1 173 ASP n 
1 174 GLU n 
1 175 ASN n 
1 176 VAL n 
1 177 MET n 
1 178 GLN n 
1 179 ASP n 
1 180 GLY n 
1 181 GLU n 
1 182 ILE n 
1 183 ILE n 
1 184 ASN n 
1 185 SER n 
1 186 MET n 
1 187 ASP n 
1 188 TYR n 
1 189 ARG n 
1 190 PHE n 
1 191 THR n 
1 192 TYR n 
1 193 VAL n 
1 194 PRO n 
1 195 ASN n 
1 196 ASP n 
1 197 SER n 
1 198 ILE n 
1 199 ILE n 
1 200 LYS n 
1 201 VAL n 
# 
_entity_src_gen.entity_id                          1 
_entity_src_gen.pdbx_src_id                        1 
_entity_src_gen.pdbx_alt_source_flag               sample 
_entity_src_gen.pdbx_seq_type                      ? 
_entity_src_gen.pdbx_beg_seq_num                   ? 
_entity_src_gen.pdbx_end_seq_num                   ? 
_entity_src_gen.gene_src_common_name               ? 
_entity_src_gen.gene_src_genus                     Candida 
_entity_src_gen.pdbx_gene_src_gene                 ? 
_entity_src_gen.gene_src_species                   ? 
_entity_src_gen.gene_src_strain                    ? 
_entity_src_gen.gene_src_tissue                    ? 
_entity_src_gen.gene_src_tissue_fraction           ? 
_entity_src_gen.gene_src_details                   ? 
_entity_src_gen.pdbx_gene_src_fragment             ? 
_entity_src_gen.pdbx_gene_src_scientific_name      'Candida albicans' 
_entity_src_gen.pdbx_gene_src_ncbi_taxonomy_id     5476 
_entity_src_gen.pdbx_gene_src_variant              ? 
_entity_src_gen.pdbx_gene_src_cell_line            ? 
_entity_src_gen.pdbx_gene_src_atcc                 ? 
_entity_src_gen.pdbx_gene_src_organ                ? 
_entity_src_gen.pdbx_gene_src_organelle            ? 
_entity_src_gen.pdbx_gene_src_cell                 ? 
_entity_src_gen.pdbx_gene_src_cellular_location    ? 
_entity_src_gen.host_org_common_name               ? 
_entity_src_gen.pdbx_host_org_scientific_name      'Escherichia coli' 
_entity_src_gen.pdbx_host_org_ncbi_taxonomy_id     562 
_entity_src_gen.host_org_genus                     Escherichia 
_entity_src_gen.pdbx_host_org_gene                 ? 
_entity_src_gen.pdbx_host_org_organ                ? 
_entity_src_gen.host_org_species                   ? 
_entity_src_gen.pdbx_host_org_tissue               ? 
_entity_src_gen.pdbx_host_org_tissue_fraction      ? 
_entity_src_gen.pdbx_host_org_strain               ? 
_entity_src_gen.pdbx_host_org_variant              ? 
_entity_src_gen.pdbx_host_org_cell_line            ? 
_entity_src_gen.pdbx_host_org_atcc                 ? 
_entity_src_gen.pdbx_host_org_culture_collection   ? 
_entity_src_gen.pdbx_host_org_cell                 ? 
_entity_src_gen.pdbx_host_org_organelle            ? 
_entity_src_gen.pdbx_host_org_cellular_location    ? 
_entity_src_gen.pdbx_host_org_vector_type          plasmid 
_entity_src_gen.pdbx_host_org_vector               ? 
_entity_src_gen.host_org_details                   ? 
_entity_src_gen.expression_system_id               ? 
_entity_src_gen.plasmid_name                       ? 
_entity_src_gen.plasmid_details                    ? 
_entity_src_gen.pdbx_description                   ? 
# 
_struct_ref.id                         1 
_struct_ref.db_name                    UNP 
_struct_ref.db_code                    MTR2_CANAL 
_struct_ref.pdbx_db_accession          P84148 
_struct_ref.entity_id                  1 
_struct_ref.pdbx_align_begin           1 
_struct_ref.pdbx_db_isoform            ? 
_struct_ref.pdbx_seq_one_letter_code   ? 
# 
_struct_ref_seq.align_id                      1 
_struct_ref_seq.ref_id                        1 
_struct_ref_seq.pdbx_PDB_id_code              1Q42 
_struct_ref_seq.pdbx_strand_id                A 
_struct_ref_seq.seq_align_beg                 21 
_struct_ref_seq.pdbx_seq_align_beg_ins_code   ? 
_struct_ref_seq.seq_align_end                 201 
_struct_ref_seq.pdbx_seq_align_end_ins_code   ? 
_struct_ref_seq.pdbx_db_accession             P84148 
_struct_ref_seq.db_align_beg                  1 
_struct_ref_seq.pdbx_db_align_beg_ins_code    ? 
_struct_ref_seq.db_align_end                  181 
_struct_ref_seq.pdbx_db_align_end_ins_code    ? 
_struct_ref_seq.pdbx_auth_seq_align_beg       1 
_struct_ref_seq.pdbx_auth_seq_align_end       181 
# 
loop_
_chem_comp.id 
_chem_comp.type 
_chem_comp.mon_nstd_flag 
_chem_comp.name 
_chem_comp.pdbx_synonyms 
_chem_comp.formula 
_chem_comp.formula_weight 
ALA 'L-peptide linking' y ALANINE         ? 'C3 H7 N O2'     89.093  
ARG 'L-peptide linking' y ARGININE        ? 'C6 H15 N4 O2 1' 175.209 
ASN 'L-peptide linking' y ASPARAGINE      ? 'C4 H8 N2 O3'    132.118 
ASP 'L-peptide linking' y 'ASPARTIC ACID' ? 'C4 H7 N O4'     133.103 
CYS 'L-peptide linking' y CYSTEINE        ? 'C3 H7 N O2 S'   121.158 
GLN 'L-peptide linking' y GLUTAMINE       ? 'C5 H10 N2 O3'   146.144 
GLU 'L-peptide linking' y 'GLUTAMIC ACID' ? 'C5 H9 N O4'     147.129 
GLY 'peptide linking'   y GLYCINE         ? 'C2 H5 N O2'     75.067  
HIS 'L-peptide linking' y HISTIDINE       ? 'C6 H10 N3 O2 1' 156.162 
HOH non-polymer         . WATER           ? 'H2 O'           18.015  
ILE 'L-peptide linking' y ISOLEUCINE      ? 'C6 H13 N O2'    131.173 
LEU 'L-peptide linking' y LEUCINE         ? 'C6 H13 N O2'    131.173 
LYS 'L-peptide linking' y LYSINE          ? 'C6 H15 N2 O2 1' 147.195 
MET 'L-peptide linking' y METHIONINE      ? 'C5 H11 N O2 S'  149.211 
PHE 'L-peptide linking' y PHENYLALANINE   ? 'C9 H11 N O2'    165.189 
PRO 'L-peptide linking' y PROLINE         ? 'C5 H9 N O2'     115.130 
SER 'L-peptide linking' y SERINE          ? 'C3 H7 N O3'     105.093 
THR 'L-peptide linking' y THREONINE       ? 'C4 H9 N O3'     119.119 
TRP 'L-peptide linking' y TRYPTOPHAN      ? 'C11 H12 N2 O2'  204.225 
TYR 'L-peptide linking' y TYROSINE        ? 'C9 H11 N O3'    181.189 
VAL 'L-peptide linking' y VALINE          ? 'C5 H11 N O2'    117.146 
# 
_exptl.entry_id          1Q42 
_exptl.method            'X-RAY DIFFRACTION' 
_exptl.crystals_number   1 
# 
_exptl_crystal.id                    1 
_exptl_crystal.density_meas          ? 
_exptl_crystal.density_Matthews      2.75 
_exptl_crystal.density_percent_sol   54.9 
_exptl_crystal.description           ? 
# 
_exptl_crystal_grow.crystal_id      1 
_exptl_crystal_grow.method          ? 
_exptl_crystal_grow.temp            293 
_exptl_crystal_grow.temp_details    ? 
_exptl_crystal_grow.pH              7.00 
_exptl_crystal_grow.pdbx_details    'NaH2PO4/K2HPO4, pH 7.0, VAPOR DIFFUSION, HANGING DROP, temperature 293K, pH 7.00' 
_exptl_crystal_grow.pdbx_pH_range   . 
# 
_diffrn.id                     1 
_diffrn.ambient_temp           100.0 
_diffrn.ambient_temp_details   ? 
_diffrn.crystal_id             1 
# 
_diffrn_detector.diffrn_id              1 
_diffrn_detector.detector               CCD 
_diffrn_detector.type                   'ADSC QUANTUM 4' 
_diffrn_detector.pdbx_collection_date   ? 
_diffrn_detector.details                ? 
# 
_diffrn_radiation.diffrn_id                        1 
_diffrn_radiation.wavelength_id                    1 
_diffrn_radiation.pdbx_monochromatic_or_laue_m_l   M 
_diffrn_radiation.monochromator                    ? 
_diffrn_radiation.pdbx_diffrn_protocol             'SINGLE WAVELENGTH' 
_diffrn_radiation.pdbx_scattering_type             x-ray 
# 
_diffrn_radiation_wavelength.id           1 
_diffrn_radiation_wavelength.wavelength   0.933 
_diffrn_radiation_wavelength.wt           1.0 
# 
_diffrn_source.diffrn_id                   1 
_diffrn_source.source                      SYNCHROTRON 
_diffrn_source.type                        'ESRF BEAMLINE ID14-2' 
_diffrn_source.pdbx_synchrotron_site       ESRF 
_diffrn_source.pdbx_synchrotron_beamline   ID14-2 
_diffrn_source.pdbx_wavelength             0.933 
_diffrn_source.pdbx_wavelength_list        ? 
# 
_reflns.entry_id                     1Q42 
_reflns.observed_criterion_sigma_I   ? 
_reflns.observed_criterion_sigma_F   ? 
_reflns.d_resolution_low             25.000 
_reflns.d_resolution_high            1.750 
_reflns.number_obs                   19385 
_reflns.number_all                   ? 
_reflns.percent_possible_obs         94.8 
_reflns.pdbx_Rmerge_I_obs            ? 
_reflns.pdbx_Rsym_value              0.056 
_reflns.pdbx_netI_over_sigmaI        4.7000 
_reflns.B_iso_Wilson_estimate        ? 
_reflns.pdbx_redundancy              2.300 
_reflns.R_free_details               ? 
_reflns.limit_h_max                  ? 
_reflns.limit_h_min                  ? 
_reflns.limit_k_max                  ? 
_reflns.limit_k_min                  ? 
_reflns.limit_l_max                  ? 
_reflns.limit_l_min                  ? 
_reflns.observed_criterion_F_max     ? 
_reflns.observed_criterion_F_min     ? 
_reflns.pdbx_ordinal                 1 
_reflns.pdbx_diffrn_id               1 
# 
_reflns_shell.d_res_high             1.75 
_reflns_shell.d_res_low              1.80 
_reflns_shell.percent_possible_all   84.0 
_reflns_shell.Rmerge_I_obs           ? 
_reflns_shell.pdbx_Rsym_value        0.36 
_reflns_shell.meanI_over_sigI_obs    1.800 
_reflns_shell.pdbx_redundancy        ? 
_reflns_shell.percent_possible_obs   ? 
_reflns_shell.number_unique_all      ? 
_reflns_shell.pdbx_ordinal           1 
_reflns_shell.pdbx_diffrn_id         1 
# 
_refine.entry_id                                 1Q42 
_refine.ls_number_reflns_obs                     18343 
_refine.ls_number_reflns_all                     ? 
_refine.pdbx_ls_sigma_I                          ? 
_refine.pdbx_ls_sigma_F                          ? 
_refine.pdbx_data_cutoff_high_absF               ? 
_refine.pdbx_data_cutoff_low_absF                ? 
_refine.pdbx_data_cutoff_high_rms_absF           ? 
_refine.ls_d_res_low                             12.00 
_refine.ls_d_res_high                            1.75 
_refine.ls_percent_reflns_obs                    94.37 
_refine.ls_R_factor_obs                          0.22518 
_refine.ls_R_factor_all                          ? 
_refine.ls_R_factor_R_work                       0.22355 
_refine.ls_R_factor_R_free                       0.25434 
_refine.ls_R_factor_R_free_error                 ? 
_refine.ls_R_factor_R_free_error_details         ? 
_refine.ls_percent_reflns_R_free                 5.1 
_refine.ls_number_reflns_R_free                  994 
_refine.ls_number_parameters                     ? 
_refine.ls_number_restraints                     ? 
_refine.occupancy_min                            ? 
_refine.occupancy_max                            ? 
_refine.correlation_coeff_Fo_to_Fc               0.954 
_refine.correlation_coeff_Fo_to_Fc_free          0.937 
_refine.B_iso_mean                               22.442 
_refine.aniso_B[1][1]                            1.69 
_refine.aniso_B[2][2]                            -0.47 
_refine.aniso_B[3][3]                            -0.76 
_refine.aniso_B[1][2]                            0.00 
_refine.aniso_B[1][3]                            1.47 
_refine.aniso_B[2][3]                            0.00 
_refine.solvent_model_details                    'BABINET MODEL WITH MASK' 
_refine.solvent_model_param_ksol                 ? 
_refine.solvent_model_param_bsol                 ? 
_refine.pdbx_solvent_vdw_probe_radii             1.40 
_refine.pdbx_solvent_ion_probe_radii             0.80 
_refine.pdbx_solvent_shrinkage_radii             0.80 
_refine.pdbx_ls_cross_valid_method               THROUGHOUT 
_refine.details                                  'HYDROGENS HAVE BEEN ADDED IN THE RIDING POSITIONS' 
_refine.pdbx_starting_model                      'PDB ENTRY 1Q40' 
_refine.pdbx_method_to_determine_struct          'MOLECULAR REPLACEMENT' 
_refine.pdbx_isotropic_thermal_model             ? 
_refine.pdbx_stereochemistry_target_values       'MAXIMUM LIKELIHOOD' 
_refine.pdbx_stereochem_target_val_spec_case     ? 
_refine.pdbx_R_Free_selection_details            RANDOM 
_refine.pdbx_overall_ESU_R                       0.126 
_refine.pdbx_overall_ESU_R_Free                  0.122 
_refine.overall_SU_ML                            0.088 
_refine.overall_SU_B                             2.743 
_refine.ls_redundancy_reflns_obs                 ? 
_refine.B_iso_min                                ? 
_refine.B_iso_max                                ? 
_refine.overall_SU_R_Cruickshank_DPI             ? 
_refine.overall_SU_R_free                        ? 
_refine.pdbx_refine_id                           'X-RAY DIFFRACTION' 
_refine.pdbx_TLS_residual_ADP_flag               'LIKELY RESIDUAL' 
_refine.pdbx_diffrn_id                           1 
_refine.pdbx_overall_phase_error                 ? 
_refine.pdbx_overall_SU_R_free_Cruickshank_DPI   ? 
_refine.pdbx_overall_SU_R_Blow_DPI               ? 
_refine.pdbx_overall_SU_R_free_Blow_DPI          ? 
# 
_refine_analyze.entry_id                        1Q42 
_refine_analyze.Luzzati_coordinate_error_obs    0.114 
_refine_analyze.Luzzati_sigma_a_obs             ? 
_refine_analyze.Luzzati_d_res_low_obs           ? 
_refine_analyze.Luzzati_coordinate_error_free   0.115 
_refine_analyze.Luzzati_sigma_a_free            ? 
_refine_analyze.Luzzati_d_res_low_free          ? 
_refine_analyze.number_disordered_residues      ? 
_refine_analyze.occupancy_sum_hydrogen          ? 
_refine_analyze.occupancy_sum_non_hydrogen      ? 
_refine_analyze.pdbx_Luzzati_d_res_high_obs     ? 
_refine_analyze.pdbx_refine_id                  'X-RAY DIFFRACTION' 
# 
_refine_hist.pdbx_refine_id                   'X-RAY DIFFRACTION' 
_refine_hist.cycle_id                         LAST 
_refine_hist.pdbx_number_atoms_protein        1271 
_refine_hist.pdbx_number_atoms_nucleic_acid   0 
_refine_hist.pdbx_number_atoms_ligand         0 
_refine_hist.number_atoms_solvent             71 
_refine_hist.number_atoms_total               1342 
_refine_hist.d_res_high                       1.75 
_refine_hist.d_res_low                        12.00 
# 
loop_
_refine_ls_restr.type 
_refine_ls_restr.dev_ideal 
_refine_ls_restr.dev_ideal_target 
_refine_ls_restr.weight 
_refine_ls_restr.number 
_refine_ls_restr.pdbx_refine_id 
_refine_ls_restr.pdbx_restraint_function 
r_bond_refined_d         0.010 0.021 ? 1304 'X-RAY DIFFRACTION' ? 
r_bond_other_d           0.002 0.020 ? 1137 'X-RAY DIFFRACTION' ? 
r_angle_refined_deg      1.267 1.941 ? 1774 'X-RAY DIFFRACTION' ? 
r_angle_other_deg        0.770 3.000 ? 2664 'X-RAY DIFFRACTION' ? 
r_dihedral_angle_1_deg   6.369 5.000 ? 157  'X-RAY DIFFRACTION' ? 
r_dihedral_angle_2_deg   ?     ?     ? ?    'X-RAY DIFFRACTION' ? 
r_dihedral_angle_3_deg   ?     ?     ? ?    'X-RAY DIFFRACTION' ? 
r_dihedral_angle_4_deg   ?     ?     ? ?    'X-RAY DIFFRACTION' ? 
r_chiral_restr           0.086 0.200 ? 192  'X-RAY DIFFRACTION' ? 
r_gen_planes_refined     0.005 0.020 ? 1449 'X-RAY DIFFRACTION' ? 
r_gen_planes_other       0.002 0.020 ? 259  'X-RAY DIFFRACTION' ? 
r_nbd_refined            0.198 0.200 ? 218  'X-RAY DIFFRACTION' ? 
r_nbd_other              0.225 0.200 ? 1198 'X-RAY DIFFRACTION' ? 
r_nbtor_refined          ?     ?     ? ?    'X-RAY DIFFRACTION' ? 
r_nbtor_other            0.082 0.200 ? 769  'X-RAY DIFFRACTION' ? 
r_xyhbond_nbd_refined    0.082 0.200 ? 14   'X-RAY DIFFRACTION' ? 
r_xyhbond_nbd_other      ?     ?     ? ?    'X-RAY DIFFRACTION' ? 
r_metal_ion_refined      ?     ?     ? ?    'X-RAY DIFFRACTION' ? 
r_metal_ion_other        ?     ?     ? ?    'X-RAY DIFFRACTION' ? 
r_symmetry_vdw_refined   0.106 0.200 ? 6    'X-RAY DIFFRACTION' ? 
r_symmetry_vdw_other     0.174 0.200 ? 35   'X-RAY DIFFRACTION' ? 
r_symmetry_hbond_refined 0.038 0.200 ? 2    'X-RAY DIFFRACTION' ? 
r_symmetry_hbond_other   ?     ?     ? ?    'X-RAY DIFFRACTION' ? 
r_mcbond_it              0.907 1.500 ? 795  'X-RAY DIFFRACTION' ? 
r_mcbond_other           ?     ?     ? ?    'X-RAY DIFFRACTION' ? 
r_mcangle_it             1.708 2.000 ? 1295 'X-RAY DIFFRACTION' ? 
r_scbond_it              1.962 3.000 ? 509  'X-RAY DIFFRACTION' ? 
r_scangle_it             3.272 4.500 ? 479  'X-RAY DIFFRACTION' ? 
r_rigid_bond_restr       ?     ?     ? ?    'X-RAY DIFFRACTION' ? 
r_sphericity_free        ?     ?     ? ?    'X-RAY DIFFRACTION' ? 
r_sphericity_bonded      ?     ?     ? ?    'X-RAY DIFFRACTION' ? 
# 
_refine_ls_shell.pdbx_total_number_of_bins_used   20 
_refine_ls_shell.d_res_high                       1.750 
_refine_ls_shell.d_res_low                        1.795 
_refine_ls_shell.number_reflns_R_work             1177 
_refine_ls_shell.R_factor_R_work                  0.268 
_refine_ls_shell.percent_reflns_obs               ? 
_refine_ls_shell.R_factor_R_free                  0.324 
_refine_ls_shell.R_factor_R_free_error            ? 
_refine_ls_shell.percent_reflns_R_free            ? 
_refine_ls_shell.number_reflns_R_free             64 
_refine_ls_shell.redundancy_reflns_obs            ? 
_refine_ls_shell.number_reflns_all                ? 
_refine_ls_shell.number_reflns_obs                ? 
_refine_ls_shell.pdbx_refine_id                   'X-RAY DIFFRACTION' 
_refine_ls_shell.R_factor_all                     ? 
# 
_struct.entry_id                  1Q42 
_struct.title                     'Crystal structure analysis of the Candida albicans Mtr2' 
_struct.pdbx_model_details        ? 
_struct.pdbx_CASP_flag            ? 
_struct.pdbx_model_type_details   ? 
# 
_struct_keywords.entry_id        1Q42 
_struct_keywords.pdbx_keywords   TRANSLATION 
_struct_keywords.text            'Mtr2; NTF2-fold; nuclear export, TRANSLATION' 
# 
loop_
_struct_asym.id 
_struct_asym.pdbx_blank_PDB_chainid_flag 
_struct_asym.pdbx_modified 
_struct_asym.entity_id 
_struct_asym.details 
A N N 1 ? 
B N N 2 ? 
# 
_struct_biol.id   1 
# 
loop_
_struct_conf.conf_type_id 
_struct_conf.id 
_struct_conf.pdbx_PDB_helix_id 
_struct_conf.beg_label_comp_id 
_struct_conf.beg_label_asym_id 
_struct_conf.beg_label_seq_id 
_struct_conf.pdbx_beg_PDB_ins_code 
_struct_conf.end_label_comp_id 
_struct_conf.end_label_asym_id 
_struct_conf.end_label_seq_id 
_struct_conf.pdbx_end_PDB_ins_code 
_struct_conf.beg_auth_comp_id 
_struct_conf.beg_auth_asym_id 
_struct_conf.beg_auth_seq_id 
_struct_conf.end_auth_comp_id 
_struct_conf.end_auth_asym_id 
_struct_conf.end_auth_seq_id 
_struct_conf.pdbx_PDB_helix_class 
_struct_conf.details 
_struct_conf.pdbx_PDB_helix_length 
HELX_P HELX_P1 1 ASP A 24 ? GLN A 27 ? ASP A 4  GLN A 7  5 ? 4  
HELX_P HELX_P2 2 GLN A 28 ? ASP A 41 ? GLN A 8  ASP A 21 1 ? 14 
HELX_P HELX_P3 3 ASN A 54 ? THR A 60 ? ASN A 34 THR A 40 1 ? 7  
HELX_P HELX_P4 4 ASP A 86 ? GLN A 97 ? ASP A 66 GLN A 77 1 ? 12 
# 
_struct_conf_type.id          HELX_P 
_struct_conf_type.criteria    ? 
_struct_conf_type.reference   ? 
# 
_struct_sheet.id               A 
_struct_sheet.type             ? 
_struct_sheet.number_strands   6 
_struct_sheet.details          ? 
# 
loop_
_struct_sheet_order.sheet_id 
_struct_sheet_order.range_id_1 
_struct_sheet_order.range_id_2 
_struct_sheet_order.offset 
_struct_sheet_order.sense 
A 1 2 ? anti-parallel 
A 2 3 ? parallel      
A 3 4 ? anti-parallel 
A 4 5 ? anti-parallel 
A 5 6 ? anti-parallel 
# 
loop_
_struct_sheet_range.sheet_id 
_struct_sheet_range.id 
_struct_sheet_range.beg_label_comp_id 
_struct_sheet_range.beg_label_asym_id 
_struct_sheet_range.beg_label_seq_id 
_struct_sheet_range.pdbx_beg_PDB_ins_code 
_struct_sheet_range.end_label_comp_id 
_struct_sheet_range.end_label_asym_id 
_struct_sheet_range.end_label_seq_id 
_struct_sheet_range.pdbx_end_PDB_ins_code 
_struct_sheet_range.beg_auth_comp_id 
_struct_sheet_range.beg_auth_asym_id 
_struct_sheet_range.beg_auth_seq_id 
_struct_sheet_range.end_auth_comp_id 
_struct_sheet_range.end_auth_asym_id 
_struct_sheet_range.end_auth_seq_id 
A 1 GLN A 77  ? PRO A 78  ? GLN A 57  PRO A 58  
A 2 LEU A 66  ? VAL A 74  ? LEU A 46  VAL A 54  
A 3 ILE A 183 ? TYR A 192 ? ILE A 163 TYR A 172 
A 4 PHE A 164 ? ASP A 173 ? PHE A 144 ASP A 153 
A 5 THR A 118 ? PHE A 129 ? THR A 98  PHE A 109 
A 6 SER A 101 ? ILE A 113 ? SER A 81  ILE A 93  
# 
loop_
_pdbx_struct_sheet_hbond.sheet_id 
_pdbx_struct_sheet_hbond.range_id_1 
_pdbx_struct_sheet_hbond.range_id_2 
_pdbx_struct_sheet_hbond.range_1_label_atom_id 
_pdbx_struct_sheet_hbond.range_1_label_comp_id 
_pdbx_struct_sheet_hbond.range_1_label_asym_id 
_pdbx_struct_sheet_hbond.range_1_label_seq_id 
_pdbx_struct_sheet_hbond.range_1_PDB_ins_code 
_pdbx_struct_sheet_hbond.range_1_auth_atom_id 
_pdbx_struct_sheet_hbond.range_1_auth_comp_id 
_pdbx_struct_sheet_hbond.range_1_auth_asym_id 
_pdbx_struct_sheet_hbond.range_1_auth_seq_id 
_pdbx_struct_sheet_hbond.range_2_label_atom_id 
_pdbx_struct_sheet_hbond.range_2_label_comp_id 
_pdbx_struct_sheet_hbond.range_2_label_asym_id 
_pdbx_struct_sheet_hbond.range_2_label_seq_id 
_pdbx_struct_sheet_hbond.range_2_PDB_ins_code 
_pdbx_struct_sheet_hbond.range_2_auth_atom_id 
_pdbx_struct_sheet_hbond.range_2_auth_comp_id 
_pdbx_struct_sheet_hbond.range_2_auth_asym_id 
_pdbx_struct_sheet_hbond.range_2_auth_seq_id 
A 1 2 O GLN A 77  ? O GLN A 57  N VAL A 74  ? N VAL A 54  
A 2 3 N ILE A 73  ? N ILE A 53  O TYR A 188 ? O TYR A 168 
A 3 4 O ASN A 184 ? O ASN A 164 N VAL A 171 ? N VAL A 151 
A 4 5 O PHE A 164 ? O PHE A 144 N VAL A 127 ? N VAL A 107 
A 5 6 O LYS A 126 ? O LYS A 106 N GLN A 104 ? N GLN A 84  
# 
_atom_sites.entry_id                    1Q42 
_atom_sites.fract_transf_matrix[1][1]   -0.00310257 
_atom_sites.fract_transf_matrix[1][2]   -0.00509116 
_atom_sites.fract_transf_matrix[1][3]   0.01506658 
_atom_sites.fract_transf_matrix[2][1]   -0.01116337 
_atom_sites.fract_transf_matrix[2][2]   0.01441531 
_atom_sites.fract_transf_matrix[2][3]   0.00257228 
_atom_sites.fract_transf_matrix[3][1]   -0.01309090 
_atom_sites.fract_transf_matrix[3][2]   -0.00957630 
_atom_sites.fract_transf_matrix[3][3]   -0.00314630 
_atom_sites.fract_transf_vector[1]      0.160968 
_atom_sites.fract_transf_vector[2]      0.014034 
_atom_sites.fract_transf_vector[3]      0.223033 
# 
loop_
_atom_type.symbol 
C 
N 
O 
S 
# 
loop_
_atom_site.group_PDB 
_atom_site.id 
_atom_site.type_symbol 
_atom_site.label_atom_id 
_atom_site.label_alt_id 
_atom_site.label_comp_id 
_atom_site.label_asym_id 
_atom_site.label_entity_id 
_atom_site.label_seq_id 
_atom_site.pdbx_PDB_ins_code 
_atom_site.Cartn_x 
_atom_site.Cartn_y 
_atom_site.Cartn_z 
_atom_site.occupancy 
_atom_site.B_iso_or_equiv 
_atom_site.pdbx_formal_charge 
_atom_site.auth_seq_id 
_atom_site.auth_comp_id 
_atom_site.auth_asym_id 
_atom_site.auth_atom_id 
_atom_site.pdbx_PDB_model_num 
ATOM   1    N N   . GLN A 1 23  ? 6.023   9.343   21.307  1.00 74.50 ? 3   GLN A N   1 
ATOM   2    C CA  . GLN A 1 23  ? 4.918   8.458   21.777  1.00 74.98 ? 3   GLN A CA  1 
ATOM   3    C C   . GLN A 1 23  ? 3.568   9.182   21.720  1.00 75.30 ? 3   GLN A C   1 
ATOM   4    O O   . GLN A 1 23  ? 2.577   8.628   21.235  1.00 75.48 ? 3   GLN A O   1 
ATOM   5    C CB  . GLN A 1 23  ? 5.203   7.969   23.204  1.00 75.60 ? 3   GLN A CB  1 
ATOM   6    C CG  . GLN A 1 23  ? 4.486   6.666   23.584  1.00 76.37 ? 3   GLN A CG  1 
ATOM   7    C CD  . GLN A 1 23  ? 3.430   6.860   24.665  1.00 77.61 ? 3   GLN A CD  1 
ATOM   8    O OE1 . GLN A 1 23  ? 3.759   7.032   25.838  1.00 78.20 ? 3   GLN A OE1 1 
ATOM   9    N NE2 . GLN A 1 23  ? 2.162   6.832   24.268  1.00 78.16 ? 3   GLN A NE2 1 
ATOM   10   N N   . ASP A 1 24  ? 3.544   10.421  22.210  1.00 75.41 ? 4   ASP A N   1 
ATOM   11   C CA  . ASP A 1 24  ? 2.307   11.208  22.321  1.00 75.74 ? 4   ASP A CA  1 
ATOM   12   C C   . ASP A 1 24  ? 1.675   11.595  20.975  1.00 74.83 ? 4   ASP A C   1 
ATOM   13   O O   . ASP A 1 24  ? 0.492   11.311  20.748  1.00 75.24 ? 4   ASP A O   1 
ATOM   14   C CB  . ASP A 1 24  ? 2.533   12.471  23.171  1.00 76.46 ? 4   ASP A CB  1 
ATOM   15   C CG  . ASP A 1 24  ? 1.793   12.422  24.490  1.00 77.68 ? 4   ASP A CG  1 
ATOM   16   O OD1 . ASP A 1 24  ? 2.425   12.071  25.509  1.00 78.00 ? 4   ASP A OD1 1 
ATOM   17   O OD2 . ASP A 1 24  ? 0.580   12.712  24.600  1.00 78.36 ? 4   ASP A OD2 1 
ATOM   18   N N   . PRO A 1 25  ? 2.440   12.246  20.093  1.00 73.33 ? 5   PRO A N   1 
ATOM   19   C CA  . PRO A 1 25  ? 1.925   12.594  18.762  1.00 72.20 ? 5   PRO A CA  1 
ATOM   20   C C   . PRO A 1 25  ? 1.829   11.373  17.843  1.00 70.37 ? 5   PRO A C   1 
ATOM   21   O O   . PRO A 1 25  ? 1.131   11.431  16.831  1.00 70.38 ? 5   PRO A O   1 
ATOM   22   C CB  . PRO A 1 25  ? 2.957   13.601  18.235  1.00 72.07 ? 5   PRO A CB  1 
ATOM   23   C CG  . PRO A 1 25  ? 4.229   13.263  18.943  1.00 72.19 ? 5   PRO A CG  1 
ATOM   24   C CD  . PRO A 1 25  ? 3.837   12.692  20.273  1.00 73.00 ? 5   PRO A CD  1 
ATOM   25   N N   . THR A 1 26  ? 2.519   10.290  18.198  1.00 68.45 ? 6   THR A N   1 
ATOM   26   C CA  . THR A 1 26  ? 2.469   9.039   17.440  1.00 66.53 ? 6   THR A CA  1 
ATOM   27   C C   . THR A 1 26  ? 1.486   8.028   18.053  1.00 65.23 ? 6   THR A C   1 
ATOM   28   O O   . THR A 1 26  ? 1.654   6.814   17.894  1.00 65.02 ? 6   THR A O   1 
ATOM   29   C CB  . THR A 1 26  ? 3.894   8.419   17.329  1.00 66.01 ? 6   THR A CB  1 
ATOM   30   O OG1 . THR A 1 26  ? 4.374   8.037   18.626  1.00 67.04 ? 6   THR A OG1 1 
ATOM   31   C CG2 . THR A 1 26  ? 4.917   9.453   16.842  1.00 65.79 ? 6   THR A CG2 1 
ATOM   32   N N   . GLN A 1 27  ? 0.463   8.529   18.746  1.00 63.87 ? 7   GLN A N   1 
ATOM   33   C CA  . GLN A 1 27  ? -0.588  7.682   19.313  1.00 62.51 ? 7   GLN A CA  1 
ATOM   34   C C   . GLN A 1 27  ? -1.647  7.339   18.255  1.00 60.14 ? 7   GLN A C   1 
ATOM   35   O O   . GLN A 1 27  ? -2.394  6.367   18.397  1.00 60.28 ? 7   GLN A O   1 
ATOM   36   C CB  . GLN A 1 27  ? -1.235  8.373   20.522  1.00 63.81 ? 7   GLN A CB  1 
ATOM   37   C CG  . GLN A 1 27  ? -1.925  7.426   21.505  1.00 65.18 ? 7   GLN A CG  1 
ATOM   38   C CD  . GLN A 1 27  ? -0.954  6.481   22.203  1.00 65.94 ? 7   GLN A CD  1 
ATOM   39   O OE1 . GLN A 1 27  ? -0.417  6.804   23.261  1.00 66.82 ? 7   GLN A OE1 1 
ATOM   40   N NE2 . GLN A 1 27  ? -0.733  5.311   21.608  1.00 65.60 ? 7   GLN A NE2 1 
ATOM   41   N N   . GLN A 1 28  ? -1.700  8.142   17.196  1.00 56.86 ? 8   GLN A N   1 
ATOM   42   C CA  . GLN A 1 28  ? -2.589  7.887   16.059  1.00 54.39 ? 8   GLN A CA  1 
ATOM   43   C C   . GLN A 1 28  ? -1.819  7.181   14.934  1.00 50.50 ? 8   GLN A C   1 
ATOM   44   O O   . GLN A 1 28  ? -2.405  6.783   13.924  1.00 49.85 ? 8   GLN A O   1 
ATOM   45   C CB  . GLN A 1 28  ? -3.232  9.183   15.524  1.00 55.03 ? 8   GLN A CB  1 
ATOM   46   C CG  . GLN A 1 28  ? -3.110  10.442  16.408  1.00 56.89 ? 8   GLN A CG  1 
ATOM   47   C CD  . GLN A 1 28  ? -1.899  11.315  16.065  1.00 57.72 ? 8   GLN A CD  1 
ATOM   48   O OE1 . GLN A 1 28  ? -1.867  12.498  16.410  1.00 58.31 ? 8   GLN A OE1 1 
ATOM   49   N NE2 . GLN A 1 28  ? -0.907  10.732  15.393  1.00 57.78 ? 8   GLN A NE2 1 
ATOM   50   N N   . LEU A 1 29  ? -0.516  7.004   15.129  1.00 46.70 ? 9   LEU A N   1 
ATOM   51   C CA  . LEU A 1 29  ? 0.359   6.508   14.072  1.00 43.43 ? 9   LEU A CA  1 
ATOM   52   C C   . LEU A 1 29  ? 0.148   5.024   13.762  1.00 40.52 ? 9   LEU A C   1 
ATOM   53   O O   . LEU A 1 29  ? 0.041   4.649   12.598  1.00 38.98 ? 9   LEU A O   1 
ATOM   54   C CB  . LEU A 1 29  ? 1.833   6.765   14.418  1.00 43.25 ? 9   LEU A CB  1 
ATOM   55   C CG  . LEU A 1 29  ? 2.689   7.457   13.355  1.00 43.08 ? 9   LEU A CG  1 
ATOM   56   C CD1 . LEU A 1 29  ? 4.172   7.303   13.700  1.00 43.24 ? 9   LEU A CD1 1 
ATOM   57   C CD2 . LEU A 1 29  ? 2.399   6.916   11.971  1.00 42.82 ? 9   LEU A CD2 1 
ATOM   58   N N   . GLU A 1 30  ? 0.084   4.180   14.789  1.00 38.03 ? 10  GLU A N   1 
ATOM   59   C CA  . GLU A 1 30  ? -0.036  2.738   14.554  1.00 36.26 ? 10  GLU A CA  1 
ATOM   60   C C   . GLU A 1 30  ? -1.332  2.327   13.830  1.00 34.59 ? 10  GLU A C   1 
ATOM   61   O O   . GLU A 1 30  ? -1.278  1.536   12.894  1.00 33.01 ? 10  GLU A O   1 
ATOM   62   C CB  . GLU A 1 30  ? 0.148   1.931   15.838  1.00 37.09 ? 10  GLU A CB  1 
ATOM   63   C CG  . GLU A 1 30  ? 0.171   0.424   15.607  1.00 38.21 ? 10  GLU A CG  1 
ATOM   64   C CD  . GLU A 1 30  ? 0.778   -0.358  16.762  1.00 41.79 ? 10  GLU A CD  1 
ATOM   65   O OE1 . GLU A 1 30  ? 1.547   0.226   17.562  1.00 43.65 ? 10  GLU A OE1 1 
ATOM   66   O OE2 . GLU A 1 30  ? 0.486   -1.571  16.870  1.00 43.97 ? 10  GLU A OE2 1 
ATOM   67   N N   . PRO A 1 31  ? -2.492  2.829   14.257  1.00 33.24 ? 11  PRO A N   1 
ATOM   68   C CA  . PRO A 1 31  ? -3.734  2.573   13.514  1.00 32.18 ? 11  PRO A CA  1 
ATOM   69   C C   . PRO A 1 31  ? -3.682  3.060   12.067  1.00 29.83 ? 11  PRO A C   1 
ATOM   70   O O   . PRO A 1 31  ? -4.200  2.359   11.201  1.00 29.40 ? 11  PRO A O   1 
ATOM   71   C CB  . PRO A 1 31  ? -4.810  3.335   14.307  1.00 33.14 ? 11  PRO A CB  1 
ATOM   72   C CG  . PRO A 1 31  ? -4.196  3.722   15.590  1.00 34.22 ? 11  PRO A CG  1 
ATOM   73   C CD  . PRO A 1 31  ? -2.723  3.651   15.459  1.00 33.97 ? 11  PRO A CD  1 
ATOM   74   N N   . PHE A 1 32  ? -3.065  4.219   11.809  1.00 27.89 ? 12  PHE A N   1 
ATOM   75   C CA  . PHE A 1 32  ? -2.929  4.725   10.440  1.00 26.48 ? 12  PHE A CA  1 
ATOM   76   C C   . PHE A 1 32  ? -2.126  3.770   9.567   1.00 24.73 ? 12  PHE A C   1 
ATOM   77   O O   . PHE A 1 32  ? -2.530  3.478   8.446   1.00 24.09 ? 12  PHE A O   1 
ATOM   78   C CB  . PHE A 1 32  ? -2.271  6.108   10.411  1.00 26.18 ? 12  PHE A CB  1 
ATOM   79   C CG  . PHE A 1 32  ? -1.676  6.465   9.068   1.00 26.91 ? 12  PHE A CG  1 
ATOM   80   C CD1 . PHE A 1 32  ? -2.497  6.678   7.965   1.00 28.95 ? 12  PHE A CD1 1 
ATOM   81   C CD2 . PHE A 1 32  ? -0.301  6.588   8.909   1.00 28.03 ? 12  PHE A CD2 1 
ATOM   82   C CE1 . PHE A 1 32  ? -1.954  7.010   6.715   1.00 29.79 ? 12  PHE A CE1 1 
ATOM   83   C CE2 . PHE A 1 32  ? 0.242   6.920   7.663   1.00 27.37 ? 12  PHE A CE2 1 
ATOM   84   C CZ  . PHE A 1 32  ? -0.591  7.125   6.572   1.00 27.92 ? 12  PHE A CZ  1 
ATOM   85   N N   . LEU A 1 33  ? -1.002  3.285   10.083  1.00 23.61 ? 13  LEU A N   1 
ATOM   86   C CA  . LEU A 1 33  ? -0.155  2.352   9.321   1.00 23.17 ? 13  LEU A CA  1 
ATOM   87   C C   . LEU A 1 33  ? -0.874  1.047   9.037   1.00 23.28 ? 13  LEU A C   1 
ATOM   88   O O   . LEU A 1 33  ? -0.756  0.492   7.945   1.00 21.99 ? 13  LEU A O   1 
ATOM   89   C CB  . LEU A 1 33  ? 1.168   2.078   10.044  1.00 22.60 ? 13  LEU A CB  1 
ATOM   90   C CG  . LEU A 1 33  ? 2.107   3.270   10.187  1.00 22.73 ? 13  LEU A CG  1 
ATOM   91   C CD1 . LEU A 1 33  ? 3.370   2.873   10.957  1.00 21.76 ? 13  LEU A CD1 1 
ATOM   92   C CD2 . LEU A 1 33  ? 2.486   3.885   8.827   1.00 22.16 ? 13  LEU A CD2 1 
ATOM   93   N N   . LYS A 1 34  ? -1.623  0.555   10.016  1.00 24.06 ? 14  LYS A N   1 
ATOM   94   C CA  . LYS A 1 34  ? -2.373  -0.683  9.836   1.00 25.22 ? 14  LYS A CA  1 
ATOM   95   C C   . LYS A 1 34  ? -3.463  -0.528  8.779   1.00 25.01 ? 14  LYS A C   1 
ATOM   96   O O   . LYS A 1 34  ? -3.673  -1.430  7.969   1.00 25.20 ? 14  LYS A O   1 
ATOM   97   C CB  . LYS A 1 34  ? -2.914  -1.180  11.174  1.00 26.23 ? 14  LYS A CB  1 
ATOM   98   C CG  . LYS A 1 34  ? -1.795  -1.710  12.045  1.00 28.54 ? 14  LYS A CG  1 
ATOM   99   C CD  . LYS A 1 34  ? -2.254  -2.099  13.433  1.00 33.00 ? 14  LYS A CD  1 
ATOM   100  C CE  . LYS A 1 34  ? -1.282  -3.102  14.039  1.00 35.45 ? 14  LYS A CE  1 
ATOM   101  N NZ  . LYS A 1 34  ? -1.444  -3.240  15.505  1.00 38.35 ? 14  LYS A NZ  1 
ATOM   102  N N   . ARG A 1 35  ? -4.109  0.629   8.748   1.00 25.66 ? 15  ARG A N   1 
ATOM   103  C CA  . ARG A 1 35  ? -5.110  0.925   7.729   1.00 25.96 ? 15  ARG A CA  1 
ATOM   104  C C   . ARG A 1 35  ? -4.488  1.005   6.325   1.00 23.97 ? 15  ARG A C   1 
ATOM   105  O O   . ARG A 1 35  ? -5.042  0.489   5.356   1.00 23.90 ? 15  ARG A O   1 
ATOM   106  C CB  . ARG A 1 35  ? -5.823  2.240   8.033   1.00 27.63 ? 15  ARG A CB  1 
ATOM   107  C CG  . ARG A 1 35  ? -6.934  2.121   9.031   1.00 31.15 ? 15  ARG A CG  1 
ATOM   108  C CD  . ARG A 1 35  ? -7.794  3.365   9.102   1.00 35.26 ? 15  ARG A CD  1 
ATOM   109  N NE  . ARG A 1 35  ? -7.123  4.442   9.827   1.00 38.33 ? 15  ARG A NE  1 
ATOM   110  C CZ  . ARG A 1 35  ? -6.694  5.590   9.306   1.00 40.94 ? 15  ARG A CZ  1 
ATOM   111  N NH1 . ARG A 1 35  ? -6.832  5.870   8.008   1.00 42.68 ? 15  ARG A NH1 1 
ATOM   112  N NH2 . ARG A 1 35  ? -6.106  6.475   10.103  1.00 41.89 ? 15  ARG A NH2 1 
ATOM   113  N N   . PHE A 1 36  ? -3.337  1.658   6.231   1.00 22.66 ? 16  PHE A N   1 
ATOM   114  C CA  . PHE A 1 36  ? -2.589  1.742   4.970   1.00 21.09 ? 16  PHE A CA  1 
ATOM   115  C C   . PHE A 1 36  ? -2.236  0.342   4.449   1.00 19.53 ? 16  PHE A C   1 
ATOM   116  O O   . PHE A 1 36  ? -2.525  -0.007  3.310   1.00 18.26 ? 16  PHE A O   1 
ATOM   117  C CB  . PHE A 1 36  ? -1.341  2.593   5.174   1.00 20.86 ? 16  PHE A CB  1 
ATOM   118  C CG  . PHE A 1 36  ? -0.403  2.558   4.024   1.00 22.15 ? 16  PHE A CG  1 
ATOM   119  C CD1 . PHE A 1 36  ? -0.723  3.197   2.837   1.00 25.95 ? 16  PHE A CD1 1 
ATOM   120  C CD2 . PHE A 1 36  ? 0.778   1.850   4.108   1.00 24.23 ? 16  PHE A CD2 1 
ATOM   121  C CE1 . PHE A 1 36  ? 0.144   3.145   1.765   1.00 24.57 ? 16  PHE A CE1 1 
ATOM   122  C CE2 . PHE A 1 36  ? 1.649   1.801   3.030   1.00 25.69 ? 16  PHE A CE2 1 
ATOM   123  C CZ  . PHE A 1 36  ? 1.325   2.445   1.869   1.00 25.60 ? 16  PHE A CZ  1 
ATOM   124  N N   . LEU A 1 37  ? -1.675  -0.496  5.312   1.00 19.67 ? 17  LEU A N   1 
ATOM   125  C CA  . LEU A 1 37  ? -1.349  -1.868  4.924   1.00 19.57 ? 17  LEU A CA  1 
ATOM   126  C C   . LEU A 1 37  ? -2.581  -2.696  4.569   1.00 20.48 ? 17  LEU A C   1 
ATOM   127  O O   . LEU A 1 37  ? -2.546  -3.486  3.631   1.00 19.88 ? 17  LEU A O   1 
ATOM   128  C CB  . LEU A 1 37  ? -0.543  -2.559  6.034   1.00 19.41 ? 17  LEU A CB  1 
ATOM   129  C CG  . LEU A 1 37  ? 0.841   -1.939  6.273   1.00 19.63 ? 17  LEU A CG  1 
ATOM   130  C CD1 . LEU A 1 37  ? 1.560   -2.587  7.451   1.00 20.71 ? 17  LEU A CD1 1 
ATOM   131  C CD2 . LEU A 1 37  ? 1.718   -1.977  5.008   1.00 19.47 ? 17  LEU A CD2 1 
ATOM   132  N N   . ALA A 1 38  ? -3.674  -2.537  5.312   1.00 21.57 ? 18  ALA A N   1 
ATOM   133  C CA  . ALA A 1 38  ? -4.925  -3.248  4.979   1.00 22.94 ? 18  ALA A CA  1 
ATOM   134  C C   . ALA A 1 38  ? -5.421  -2.922  3.572   1.00 22.40 ? 18  ALA A C   1 
ATOM   135  O O   . ALA A 1 38  ? -5.955  -3.792  2.860   1.00 22.90 ? 18  ALA A O   1 
ATOM   136  C CB  . ALA A 1 38  ? -6.030  -2.958  6.036   1.00 23.77 ? 18  ALA A CB  1 
ATOM   137  N N   . SER A 1 39  ? -5.215  -1.677  3.167   1.00 22.24 ? 19  SER A N   1 
ATOM   138  C CA  . SER A 1 39  ? -5.587  -1.213  1.846   1.00 22.19 ? 19  SER A CA  1 
ATOM   139  C C   . SER A 1 39  ? -4.742  -1.882  0.746   1.00 21.57 ? 19  SER A C   1 
ATOM   140  O O   . SER A 1 39  ? -5.232  -2.075  -0.366  1.00 22.58 ? 19  SER A O   1 
ATOM   141  C CB  . SER A 1 39  ? -5.547  0.322   1.760   1.00 22.77 ? 19  SER A CB  1 
ATOM   142  O OG  . SER A 1 39  ? -4.272  0.870   1.429   1.00 22.63 ? 19  SER A OG  1 
ATOM   143  N N   . LEU A 1 40  ? -3.504  -2.272  1.057   1.00 18.84 ? 20  LEU A N   1 
ATOM   144  C CA  . LEU A 1 40  ? -2.712  -3.042  0.105   1.00 18.46 ? 20  LEU A CA  1 
ATOM   145  C C   . LEU A 1 40  ? -3.133  -4.506  0.091   1.00 18.81 ? 20  LEU A C   1 
ATOM   146  O O   . LEU A 1 40  ? -2.973  -5.176  -0.912  1.00 19.24 ? 20  LEU A O   1 
ATOM   147  C CB  . LEU A 1 40  ? -1.214  -2.955  0.412   1.00 17.70 ? 20  LEU A CB  1 
ATOM   148  C CG  . LEU A 1 40  ? -0.560  -1.584  0.412   1.00 16.41 ? 20  LEU A CG  1 
ATOM   149  C CD1 . LEU A 1 40  ? 0.919   -1.736  0.739   1.00 16.16 ? 20  LEU A CD1 1 
ATOM   150  C CD2 . LEU A 1 40  ? -0.790  -0.850  -0.910  1.00 17.54 ? 20  LEU A CD2 1 
ATOM   151  N N   . ASP A 1 41  ? -3.674  -4.978  1.209   1.00 19.93 ? 21  ASP A N   1 
ATOM   152  C CA  . ASP A 1 41  ? -4.006  -6.380  1.413   1.00 20.52 ? 21  ASP A CA  1 
ATOM   153  C C   . ASP A 1 41  ? -5.483  -6.684  1.119   1.00 22.19 ? 21  ASP A C   1 
ATOM   154  O O   . ASP A 1 41  ? -5.951  -7.784  1.386   1.00 22.24 ? 21  ASP A O   1 
ATOM   155  C CB  . ASP A 1 41  ? -3.733  -6.763  2.866   1.00 20.79 ? 21  ASP A CB  1 
ATOM   156  C CG  . ASP A 1 41  ? -2.270  -6.755  3.213   1.00 20.66 ? 21  ASP A CG  1 
ATOM   157  O OD1 . ASP A 1 41  ? -1.403  -6.680  2.293   1.00 16.89 ? 21  ASP A OD1 1 
ATOM   158  O OD2 . ASP A 1 41  ? -1.922  -6.803  4.404   1.00 18.39 ? 21  ASP A OD2 1 
ATOM   159  N N   . LEU A 1 42  ? -6.189  -5.710  0.568   1.00 23.42 ? 22  LEU A N   1 
ATOM   160  C CA  . LEU A 1 42  ? -7.638  -5.803  0.381   1.00 25.50 ? 22  LEU A CA  1 
ATOM   161  C C   . LEU A 1 42  ? -8.065  -7.028  -0.422  1.00 26.51 ? 22  LEU A C   1 
ATOM   162  O O   . LEU A 1 42  ? -7.575  -7.269  -1.531  1.00 25.83 ? 22  LEU A O   1 
ATOM   163  C CB  . LEU A 1 42  ? -8.146  -4.519  -0.296  1.00 26.10 ? 22  LEU A CB  1 
ATOM   164  C CG  . LEU A 1 42  ? -9.652  -4.250  -0.263  1.00 27.91 ? 22  LEU A CG  1 
ATOM   165  C CD1 . LEU A 1 42  ? -10.125 -4.018  1.168   1.00 31.41 ? 22  LEU A CD1 1 
ATOM   166  C CD2 . LEU A 1 42  ? -9.995  -3.049  -1.120  1.00 28.59 ? 22  LEU A CD2 1 
ATOM   167  N N   . LEU A 1 43  ? -8.984  -7.807  0.156   1.00 28.84 ? 23  LEU A N   1 
ATOM   168  C CA  . LEU A 1 43  ? -9.562  -8.954  -0.523  1.00 30.26 ? 23  LEU A CA  1 
ATOM   169  C C   . LEU A 1 43  ? -10.681 -8.446  -1.430  1.00 31.52 ? 23  LEU A C   1 
ATOM   170  O O   . LEU A 1 43  ? -11.483 -7.603  -1.028  1.00 31.91 ? 23  LEU A O   1 
ATOM   171  C CB  . LEU A 1 43  ? -10.106 -9.949  0.505   1.00 31.44 ? 23  LEU A CB  1 
ATOM   172  C CG  . LEU A 1 43  ? -10.749 -11.249 0.019   1.00 33.33 ? 23  LEU A CG  1 
ATOM   173  C CD1 . LEU A 1 43  ? -9.721  -12.247 -0.499  1.00 34.17 ? 23  LEU A CD1 1 
ATOM   174  C CD2 . LEU A 1 43  ? -11.552 -11.837 1.168   1.00 35.71 ? 23  LEU A CD2 1 
ATOM   175  N N   . TYR A 1 44  ? -10.708 -8.941  -2.657  1.00 31.99 ? 24  TYR A N   1 
ATOM   176  C CA  . TYR A 1 44  ? -11.727 -8.552  -3.619  1.00 33.44 ? 24  TYR A CA  1 
ATOM   177  C C   . TYR A 1 44  ? -12.993 -9.320  -3.297  1.00 35.02 ? 24  TYR A C   1 
ATOM   178  O O   . TYR A 1 44  ? -12.958 -10.540 -3.202  1.00 34.88 ? 24  TYR A O   1 
ATOM   179  C CB  . TYR A 1 44  ? -11.271 -8.884  -5.032  1.00 33.30 ? 24  TYR A CB  1 
ATOM   180  C CG  . TYR A 1 44  ? -12.327 -8.656  -6.090  1.00 34.31 ? 24  TYR A CG  1 
ATOM   181  C CD1 . TYR A 1 44  ? -12.634 -7.369  -6.524  1.00 34.54 ? 24  TYR A CD1 1 
ATOM   182  C CD2 . TYR A 1 44  ? -13.028 -9.725  -6.644  1.00 34.95 ? 24  TYR A CD2 1 
ATOM   183  C CE1 . TYR A 1 44  ? -13.604 -7.151  -7.496  1.00 34.64 ? 24  TYR A CE1 1 
ATOM   184  C CE2 . TYR A 1 44  ? -13.994 -9.519  -7.617  1.00 35.20 ? 24  TYR A CE2 1 
ATOM   185  C CZ  . TYR A 1 44  ? -14.278 -8.231  -8.035  1.00 34.78 ? 24  TYR A CZ  1 
ATOM   186  O OH  . TYR A 1 44  ? -15.244 -8.020  -8.989  1.00 34.63 ? 24  TYR A OH  1 
ATOM   187  N N   . THR A 1 45  ? -14.095 -8.596  -3.116  1.00 36.84 ? 25  THR A N   1 
ATOM   188  C CA  . THR A 1 45  ? -15.398 -9.209  -2.906  1.00 38.68 ? 25  THR A CA  1 
ATOM   189  C C   . THR A 1 45  ? -16.393 -8.596  -3.887  1.00 39.17 ? 25  THR A C   1 
ATOM   190  O O   . THR A 1 45  ? -16.614 -7.385  -3.898  1.00 39.58 ? 25  THR A O   1 
ATOM   191  C CB  . THR A 1 45  ? -15.873 -9.063  -1.430  1.00 39.48 ? 25  THR A CB  1 
ATOM   192  O OG1 . THR A 1 45  ? -17.238 -9.484  -1.311  1.00 42.41 ? 25  THR A OG1 1 
ATOM   193  C CG2 . THR A 1 45  ? -15.899 -7.606  -0.965  1.00 40.53 ? 25  THR A CG2 1 
ATOM   194  N N   . GLN A 1 46  ? -16.962 -9.442  -4.730  1.00 39.37 ? 26  GLN A N   1 
ATOM   195  C CA  . GLN A 1 46  ? -17.927 -8.990  -5.719  1.00 39.59 ? 26  GLN A CA  1 
ATOM   196  C C   . GLN A 1 46  ? -19.312 -8.993  -5.081  1.00 39.93 ? 26  GLN A C   1 
ATOM   197  O O   . GLN A 1 46  ? -19.748 -10.035 -4.608  1.00 39.66 ? 26  GLN A O   1 
ATOM   198  C CB  . GLN A 1 46  ? -17.903 -9.925  -6.927  1.00 39.89 ? 26  GLN A CB  1 
ATOM   199  C CG  . GLN A 1 46  ? -18.487 -9.309  -8.189  1.00 40.99 ? 26  GLN A CG  1 
ATOM   200  C CD  . GLN A 1 46  ? -18.279 -10.180 -9.409  1.00 42.86 ? 26  GLN A CD  1 
ATOM   201  O OE1 . GLN A 1 46  ? -19.224 -10.455 -10.158 1.00 43.19 ? 26  GLN A OE1 1 
ATOM   202  N NE2 . GLN A 1 46  ? -17.040 -10.612 -9.621  1.00 42.66 ? 26  GLN A NE2 1 
ATOM   203  N N   . PRO A 1 47  ? -19.998 -7.847  -5.053  1.00 39.90 ? 27  PRO A N   1 
ATOM   204  C CA  . PRO A 1 47  ? -21.406 -7.822  -4.626  1.00 40.58 ? 27  PRO A CA  1 
ATOM   205  C C   . PRO A 1 47  ? -22.237 -8.727  -5.518  1.00 40.30 ? 27  PRO A C   1 
ATOM   206  O O   . PRO A 1 47  ? -21.972 -8.786  -6.723  1.00 39.39 ? 27  PRO A O   1 
ATOM   207  C CB  . PRO A 1 47  ? -21.829 -6.359  -4.832  1.00 40.90 ? 27  PRO A CB  1 
ATOM   208  C CG  . PRO A 1 47  ? -20.551 -5.575  -4.920  1.00 40.62 ? 27  PRO A CG  1 
ATOM   209  C CD  . PRO A 1 47  ? -19.508 -6.512  -5.428  1.00 39.72 ? 27  PRO A CD  1 
ATOM   210  N N   . THR A 1 48  ? -23.236 -9.402  -4.952  1.00 40.67 ? 28  THR A N   1 
ATOM   211  C CA  . THR A 1 48  ? -24.096 -10.277 -5.743  1.00 40.49 ? 28  THR A CA  1 
ATOM   212  C C   . THR A 1 48  ? -25.026 -9.486  -6.669  1.00 40.03 ? 28  THR A C   1 
ATOM   213  O O   . THR A 1 48  ? -25.617 -10.051 -7.587  1.00 40.05 ? 28  THR A O   1 
ATOM   214  C CB  . THR A 1 48  ? -24.897 -11.240 -4.831  1.00 41.89 ? 28  THR A CB  1 
ATOM   215  O OG1 . THR A 1 48  ? -25.615 -10.508 -3.820  1.00 41.96 ? 28  THR A OG1 1 
ATOM   216  C CG2 . THR A 1 48  ? -23.942 -12.144 -4.047  1.00 41.92 ? 28  THR A CG2 1 
ATOM   217  N N   . SER A 1 49  ? -25.134 -8.176  -6.444  1.00 39.53 ? 29  SER A N   1 
ATOM   218  C CA  . SER A 1 49  ? -25.881 -7.298  -7.348  1.00 39.22 ? 29  SER A CA  1 
ATOM   219  C C   . SER A 1 49  ? -25.122 -6.962  -8.638  1.00 38.67 ? 29  SER A C   1 
ATOM   220  O O   . SER A 1 49  ? -25.701 -6.399  -9.557  1.00 38.75 ? 29  SER A O   1 
ATOM   221  C CB  . SER A 1 49  ? -26.276 -5.998  -6.641  1.00 39.92 ? 29  SER A CB  1 
ATOM   222  O OG  . SER A 1 49  ? -25.146 -5.267  -6.206  1.00 36.75 ? 29  SER A OG  1 
ATOM   223  N N   . GLN A 1 50  ? -23.831 -7.286  -8.695  1.00 37.53 ? 30  GLN A N   1 
ATOM   224  C CA  . GLN A 1 50  ? -23.007 -7.011  -9.877  1.00 37.21 ? 30  GLN A CA  1 
ATOM   225  C C   . GLN A 1 50  ? -22.639 -8.321  -10.596 1.00 36.41 ? 30  GLN A C   1 
ATOM   226  O O   . GLN A 1 50  ? -21.919 -9.138  -10.044 1.00 35.85 ? 30  GLN A O   1 
ATOM   227  C CB  . GLN A 1 50  ? -21.754 -6.236  -9.463  1.00 36.74 ? 30  GLN A CB  1 
ATOM   228  C CG  . GLN A 1 50  ? -22.055 -4.772  -9.139  1.00 38.94 ? 30  GLN A CG  1 
ATOM   229  C CD  . GLN A 1 50  ? -20.904 -4.046  -8.471  1.00 41.09 ? 30  GLN A CD  1 
ATOM   230  O OE1 . GLN A 1 50  ? -21.120 -3.222  -7.574  1.00 42.30 ? 30  GLN A OE1 1 
ATOM   231  N NE2 . GLN A 1 50  ? -19.680 -4.334  -8.910  1.00 39.67 ? 30  GLN A NE2 1 
ATOM   232  N N   . PRO A 1 51  ? -23.158 -8.549  -11.806 1.00 36.20 ? 31  PRO A N   1 
ATOM   233  C CA  . PRO A 1 51  ? -22.868 -9.804  -12.517 1.00 35.92 ? 31  PRO A CA  1 
ATOM   234  C C   . PRO A 1 51  ? -21.446 -9.886  -13.089 1.00 35.18 ? 31  PRO A C   1 
ATOM   235  O O   . PRO A 1 51  ? -20.984 -10.997 -13.327 1.00 34.34 ? 31  PRO A O   1 
ATOM   236  C CB  . PRO A 1 51  ? -23.902 -9.814  -13.645 1.00 36.43 ? 31  PRO A CB  1 
ATOM   237  C CG  . PRO A 1 51  ? -24.178 -8.401  -13.904 1.00 36.39 ? 31  PRO A CG  1 
ATOM   238  C CD  . PRO A 1 51  ? -24.059 -7.685  -12.582 1.00 36.95 ? 31  PRO A CD  1 
ATOM   239  N N   . PHE A 1 52  ? -20.774 -8.751  -13.293 1.00 35.00 ? 32  PHE A N   1 
ATOM   240  C CA  . PHE A 1 52  ? -19.396 -8.748  -13.800 1.00 34.67 ? 32  PHE A CA  1 
ATOM   241  C C   . PHE A 1 52  ? -18.396 -8.161  -12.802 1.00 34.73 ? 32  PHE A C   1 
ATOM   242  O O   . PHE A 1 52  ? -18.755 -7.315  -11.975 1.00 33.53 ? 32  PHE A O   1 
ATOM   243  C CB  . PHE A 1 52  ? -19.313 -7.941  -15.091 1.00 34.77 ? 32  PHE A CB  1 
ATOM   244  C CG  . PHE A 1 52  ? -20.247 -8.412  -16.162 1.00 35.63 ? 32  PHE A CG  1 
ATOM   245  C CD1 . PHE A 1 52  ? -21.412 -7.712  -16.438 1.00 37.25 ? 32  PHE A CD1 1 
ATOM   246  C CD2 . PHE A 1 52  ? -19.966 -9.555  -16.891 1.00 36.37 ? 32  PHE A CD2 1 
ATOM   247  C CE1 . PHE A 1 52  ? -22.286 -8.141  -17.436 1.00 37.57 ? 32  PHE A CE1 1 
ATOM   248  C CE2 . PHE A 1 52  ? -20.837 -9.993  -17.890 1.00 36.94 ? 32  PHE A CE2 1 
ATOM   249  C CZ  . PHE A 1 52  ? -21.993 -9.291  -18.157 1.00 37.60 ? 32  PHE A CZ  1 
ATOM   250  N N   . PRO A 1 53  ? -17.131 -8.589  -12.894 1.00 34.92 ? 33  PRO A N   1 
ATOM   251  C CA  . PRO A 1 53  ? -16.070 -8.013  -12.055 1.00 34.75 ? 33  PRO A CA  1 
ATOM   252  C C   . PRO A 1 53  ? -15.871 -6.528  -12.318 1.00 34.54 ? 33  PRO A C   1 
ATOM   253  O O   . PRO A 1 53  ? -15.905 -6.127  -13.468 1.00 35.30 ? 33  PRO A O   1 
ATOM   254  C CB  . PRO A 1 53  ? -14.810 -8.808  -12.447 1.00 34.50 ? 33  PRO A CB  1 
ATOM   255  C CG  . PRO A 1 53  ? -15.146 -9.511  -13.719 1.00 35.09 ? 33  PRO A CG  1 
ATOM   256  C CD  . PRO A 1 53  ? -16.631 -9.659  -13.783 1.00 34.89 ? 33  PRO A CD  1 
ATOM   257  N N   . ASN A 1 54  ? -15.677 -5.744  -11.260 1.00 34.27 ? 34  ASN A N   1 
ATOM   258  C CA  . ASN A 1 54  ? -15.442 -4.311  -11.362 1.00 34.00 ? 34  ASN A CA  1 
ATOM   259  C C   . ASN A 1 54  ? -13.992 -4.029  -10.959 1.00 32.63 ? 34  ASN A C   1 
ATOM   260  O O   . ASN A 1 54  ? -13.703 -3.803  -9.782  1.00 31.81 ? 34  ASN A O   1 
ATOM   261  C CB  . ASN A 1 54  ? -16.415 -3.570  -10.438 1.00 35.18 ? 34  ASN A CB  1 
ATOM   262  C CG  . ASN A 1 54  ? -16.415 -2.062  -10.648 1.00 36.86 ? 34  ASN A CG  1 
ATOM   263  O OD1 . ASN A 1 54  ? -15.522 -1.491  -11.286 1.00 39.88 ? 34  ASN A OD1 1 
ATOM   264  N ND2 . ASN A 1 54  ? -17.437 -1.402  -10.102 1.00 40.59 ? 34  ASN A ND2 1 
ATOM   265  N N   . VAL A 1 55  ? -13.088 -4.070  -11.937 1.00 31.34 ? 35  VAL A N   1 
ATOM   266  C CA  . VAL A 1 55  ? -11.656 -3.937  -11.651 1.00 30.42 ? 35  VAL A CA  1 
ATOM   267  C C   . VAL A 1 55  ? -11.340 -2.541  -11.129 1.00 29.11 ? 35  VAL A C   1 
ATOM   268  O O   . VAL A 1 55  ? -10.532 -2.388  -10.212 1.00 27.83 ? 35  VAL A O   1 
ATOM   269  C CB  . VAL A 1 55  ? -10.768 -4.240  -12.889 1.00 30.36 ? 35  VAL A CB  1 
ATOM   270  C CG1 . VAL A 1 55  ? -9.287  -4.162  -12.515 1.00 31.10 ? 35  VAL A CG1 1 
ATOM   271  C CG2 . VAL A 1 55  ? -11.101 -5.613  -13.464 1.00 32.12 ? 35  VAL A CG2 1 
ATOM   272  N N   . GLU A 1 56  ? -11.981 -1.531  -11.704 1.00 28.47 ? 36  GLU A N   1 
ATOM   273  C CA  . GLU A 1 56  ? -11.725 -0.151  -11.318 1.00 28.81 ? 36  GLU A CA  1 
ATOM   274  C C   . GLU A 1 56  ? -12.075 0.125   -9.865  1.00 28.37 ? 36  GLU A C   1 
ATOM   275  O O   . GLU A 1 56  ? -11.306 0.792   -9.167  1.00 27.53 ? 36  GLU A O   1 
ATOM   276  C CB  . GLU A 1 56  ? -12.485 0.830   -12.221 1.00 29.64 ? 36  GLU A CB  1 
ATOM   277  C CG  . GLU A 1 56  ? -12.206 2.303   -11.921 1.00 32.66 ? 36  GLU A CG  1 
ATOM   278  C CD  . GLU A 1 56  ? -12.776 3.233   -12.980 1.00 36.92 ? 36  GLU A CD  1 
ATOM   279  O OE1 . GLU A 1 56  ? -13.843 2.910   -13.538 1.00 41.06 ? 36  GLU A OE1 1 
ATOM   280  O OE2 . GLU A 1 56  ? -12.167 4.284   -13.266 1.00 40.07 ? 36  GLU A OE2 1 
ATOM   281  N N   . SER A 1 57  ? -13.225 -0.376  -9.408  1.00 28.12 ? 37  SER A N   1 
ATOM   282  C CA  . SER A 1 57  ? -13.707 -0.071  -8.057  1.00 28.49 ? 37  SER A CA  1 
ATOM   283  C C   . SER A 1 57  ? -12.843 -0.733  -6.980  1.00 27.01 ? 37  SER A C   1 
ATOM   284  O O   . SER A 1 57  ? -12.781 -0.248  -5.850  1.00 26.70 ? 37  SER A O   1 
ATOM   285  C CB  . SER A 1 57  ? -15.176 -0.472  -7.878  1.00 29.25 ? 37  SER A CB  1 
ATOM   286  O OG  . SER A 1 57  ? -15.342 -1.864  -7.716  1.00 32.52 ? 37  SER A OG  1 
ATOM   287  N N   . TYR A 1 58  ? -12.198 -1.836  -7.339  1.00 25.38 ? 38  TYR A N   1 
ATOM   288  C CA  . TYR A 1 58  ? -11.262 -2.515  -6.438  1.00 24.65 ? 38  TYR A CA  1 
ATOM   289  C C   . TYR A 1 58  ? -9.891  -1.843  -6.461  1.00 23.70 ? 38  TYR A C   1 
ATOM   290  O O   . TYR A 1 58  ? -9.321  -1.531  -5.418  1.00 23.70 ? 38  TYR A O   1 
ATOM   291  C CB  . TYR A 1 58  ? -11.096 -3.976  -6.831  1.00 24.24 ? 38  TYR A CB  1 
ATOM   292  C CG  . TYR A 1 58  ? -10.011 -4.705  -6.070  1.00 23.58 ? 38  TYR A CG  1 
ATOM   293  C CD1 . TYR A 1 58  ? -10.177 -5.039  -4.729  1.00 24.28 ? 38  TYR A CD1 1 
ATOM   294  C CD2 . TYR A 1 58  ? -8.827  -5.072  -6.697  1.00 21.31 ? 38  TYR A CD2 1 
ATOM   295  C CE1 . TYR A 1 58  ? -9.182  -5.706  -4.023  1.00 23.54 ? 38  TYR A CE1 1 
ATOM   296  C CE2 . TYR A 1 58  ? -7.820  -5.739  -5.998  1.00 21.28 ? 38  TYR A CE2 1 
ATOM   297  C CZ  . TYR A 1 58  ? -8.010  -6.065  -4.666  1.00 22.21 ? 38  TYR A CZ  1 
ATOM   298  O OH  . TYR A 1 58  ? -7.042  -6.720  -3.948  1.00 22.00 ? 38  TYR A OH  1 
ATOM   299  N N   . ALA A 1 59  ? -9.352  -1.669  -7.653  1.00 23.71 ? 39  ALA A N   1 
ATOM   300  C CA  . ALA A 1 59  ? -8.008  -1.134  -7.807  1.00 22.99 ? 39  ALA A CA  1 
ATOM   301  C C   . ALA A 1 59  ? -7.867  0.262   -7.198  1.00 23.21 ? 39  ALA A C   1 
ATOM   302  O O   . ALA A 1 59  ? -6.825  0.576   -6.617  1.00 22.72 ? 39  ALA A O   1 
ATOM   303  C CB  . ALA A 1 59  ? -7.614  -1.136  -9.269  1.00 22.99 ? 39  ALA A CB  1 
ATOM   304  N N   . THR A 1 60  ? -8.911  1.097   -7.294  1.00 23.62 ? 40  THR A N   1 
ATOM   305  C CA  . THR A 1 60  ? -8.833  2.460   -6.758  1.00 23.98 ? 40  THR A CA  1 
ATOM   306  C C   . THR A 1 60  ? -8.822  2.520   -5.228  1.00 23.97 ? 40  THR A C   1 
ATOM   307  O O   . THR A 1 60  ? -8.537  3.564   -4.651  1.00 23.96 ? 40  THR A O   1 
ATOM   308  C CB  . THR A 1 60  ? -9.943  3.386   -7.334  1.00 25.58 ? 40  THR A CB  1 
ATOM   309  O OG1 . THR A 1 60  ? -11.229 2.849   -7.031  1.00 26.03 ? 40  THR A OG1 1 
ATOM   310  C CG2 . THR A 1 60  ? -9.879  3.432   -8.845  1.00 26.02 ? 40  THR A CG2 1 
ATOM   311  N N   . GLN A 1 61  ? -9.120  1.411   -4.565  1.00 23.34 ? 41  GLN A N   1 
ATOM   312  C CA  . GLN A 1 61  ? -9.033  1.340   -3.106  1.00 23.56 ? 41  GLN A CA  1 
ATOM   313  C C   . GLN A 1 61  ? -7.645  0.937   -2.613  1.00 22.43 ? 41  GLN A C   1 
ATOM   314  O O   . GLN A 1 61  ? -7.369  1.054   -1.431  1.00 22.15 ? 41  GLN A O   1 
ATOM   315  C CB  . GLN A 1 61  ? -10.036 0.334   -2.562  1.00 23.81 ? 41  GLN A CB  1 
ATOM   316  C CG  . GLN A 1 61  ? -11.476 0.683   -2.857  1.00 26.33 ? 41  GLN A CG  1 
ATOM   317  C CD  . GLN A 1 61  ? -12.415 -0.389  -2.382  1.00 29.09 ? 41  GLN A CD  1 
ATOM   318  O OE1 . GLN A 1 61  ? -12.633 -0.542  -1.173  1.00 31.76 ? 41  GLN A OE1 1 
ATOM   319  N NE2 . GLN A 1 61  ? -12.964 -1.155  -3.321  1.00 30.77 ? 41  GLN A NE2 1 
ATOM   320  N N   . LEU A 1 62  ? -6.786  0.462   -3.511  1.00 21.36 ? 42  LEU A N   1 
ATOM   321  C CA  . LEU A 1 62  ? -5.443  0.007   -3.125  1.00 20.98 ? 42  LEU A CA  1 
ATOM   322  C C   . LEU A 1 62  ? -4.600  1.234   -2.823  1.00 20.74 ? 42  LEU A C   1 
ATOM   323  O O   . LEU A 1 62  ? -4.519  2.144   -3.649  1.00 22.14 ? 42  LEU A O   1 
ATOM   324  C CB  . LEU A 1 62  ? -4.791  -0.815  -4.246  1.00 20.59 ? 42  LEU A CB  1 
ATOM   325  C CG  . LEU A 1 62  ? -5.553  -2.078  -4.695  1.00 20.15 ? 42  LEU A CG  1 
ATOM   326  C CD1 . LEU A 1 62  ? -4.921  -2.639  -5.933  1.00 20.58 ? 42  LEU A CD1 1 
ATOM   327  C CD2 . LEU A 1 62  ? -5.628  -3.123  -3.606  1.00 19.50 ? 42  LEU A CD2 1 
ATOM   328  N N   . GLY A 1 63  ? -4.007  1.298   -1.636  1.00 20.64 ? 43  GLY A N   1 
ATOM   329  C CA  . GLY A 1 63  ? -3.250  2.476   -1.248  1.00 20.93 ? 43  GLY A CA  1 
ATOM   330  C C   . GLY A 1 63  ? -4.057  3.769   -1.312  1.00 21.57 ? 43  GLY A C   1 
ATOM   331  O O   . GLY A 1 63  ? -3.563  4.814   -1.741  1.00 22.11 ? 43  GLY A O   1 
ATOM   332  N N   . SER A 1 64  ? -5.315  3.712   -0.891  1.00 22.19 ? 44  SER A N   1 
ATOM   333  C CA  . SER A 1 64  ? -6.222  4.838   -1.117  1.00 23.04 ? 44  SER A CA  1 
ATOM   334  C C   . SER A 1 64  ? -5.803  6.126   -0.406  1.00 23.04 ? 44  SER A C   1 
ATOM   335  O O   . SER A 1 64  ? -6.236  7.223   -0.805  1.00 22.82 ? 44  SER A O   1 
ATOM   336  C CB  . SER A 1 64  ? -7.647  4.481   -0.699  1.00 24.22 ? 44  SER A CB  1 
ATOM   337  O OG  . SER A 1 64  ? -7.687  4.156   0.667   1.00 26.07 ? 44  SER A OG  1 
ATOM   338  N N   . ASN A 1 65  ? -4.972  6.017   0.629   1.00 22.23 ? 45  ASN A N   1 
ATOM   339  C CA  . ASN A 1 65  ? -4.504  7.219   1.329   1.00 22.96 ? 45  ASN A CA  1 
ATOM   340  C C   . ASN A 1 65  ? -3.433  8.013   0.570   1.00 22.24 ? 45  ASN A C   1 
ATOM   341  O O   . ASN A 1 65  ? -3.045  9.106   0.993   1.00 21.60 ? 45  ASN A O   1 
ATOM   342  C CB  . ASN A 1 65  ? -4.007  6.874   2.729   1.00 23.66 ? 45  ASN A CB  1 
ATOM   343  C CG  . ASN A 1 65  ? -5.116  6.357   3.639   1.00 27.20 ? 45  ASN A CG  1 
ATOM   344  O OD1 . ASN A 1 65  ? -5.063  5.220   4.090   1.00 30.25 ? 45  ASN A OD1 1 
ATOM   345  N ND2 . ASN A 1 65  ? -6.124  7.193   3.905   1.00 31.47 ? 45  ASN A ND2 1 
ATOM   346  N N   . LEU A 1 66  ? -2.958  7.474   -0.551  1.00 21.12 ? 46  LEU A N   1 
ATOM   347  C CA  . LEU A 1 66  ? -2.019  8.194   -1.397  1.00 21.29 ? 46  LEU A CA  1 
ATOM   348  C C   . LEU A 1 66  ? -2.686  9.403   -2.018  1.00 22.42 ? 46  LEU A C   1 
ATOM   349  O O   . LEU A 1 66  ? -3.846  9.344   -2.397  1.00 22.66 ? 46  LEU A O   1 
ATOM   350  C CB  . LEU A 1 66  ? -1.499  7.290   -2.507  1.00 20.50 ? 46  LEU A CB  1 
ATOM   351  C CG  . LEU A 1 66  ? -0.569  6.161   -2.092  1.00 20.80 ? 46  LEU A CG  1 
ATOM   352  C CD1 . LEU A 1 66  ? -0.452  5.148   -3.241  1.00 20.54 ? 46  LEU A CD1 1 
ATOM   353  C CD2 . LEU A 1 66  ? 0.808   6.707   -1.716  1.00 20.56 ? 46  LEU A CD2 1 
ATOM   354  N N   . LYS A 1 67  ? -1.945  10.502  -2.109  1.00 23.57 ? 47  LYS A N   1 
ATOM   355  C CA  . LYS A 1 67  ? -2.371  11.648  -2.900  1.00 24.76 ? 47  LYS A CA  1 
ATOM   356  C C   . LYS A 1 67  ? -2.206  11.342  -4.388  1.00 25.95 ? 47  LYS A C   1 
ATOM   357  O O   . LYS A 1 67  ? -1.291  10.629  -4.793  1.00 25.31 ? 47  LYS A O   1 
ATOM   358  C CB  . LYS A 1 67  ? -1.557  12.896  -2.523  1.00 24.81 ? 47  LYS A CB  1 
ATOM   359  C CG  . LYS A 1 67  ? -1.896  13.431  -1.157  1.00 24.12 ? 47  LYS A CG  1 
ATOM   360  C CD  . LYS A 1 67  ? -1.262  14.795  -0.905  1.00 25.14 ? 47  LYS A CD  1 
ATOM   361  C CE  . LYS A 1 67  ? -1.505  15.244  0.518   1.00 25.29 ? 47  LYS A CE  1 
ATOM   362  N NZ  . LYS A 1 67  ? -1.138  16.661  0.750   1.00 24.33 ? 47  LYS A NZ  1 
ATOM   363  N N   . ARG A 1 68  ? -3.101  11.896  -5.204  1.00 27.86 ? 48  ARG A N   1 
ATOM   364  C CA  . ARG A 1 68  ? -3.023  11.746  -6.647  1.00 29.43 ? 48  ARG A CA  1 
ATOM   365  C C   . ARG A 1 68  ? -1.621  12.084  -7.184  1.00 29.18 ? 48  ARG A C   1 
ATOM   366  O O   . ARG A 1 68  ? -1.095  11.358  -8.030  1.00 29.87 ? 48  ARG A O   1 
ATOM   367  C CB  . ARG A 1 68  ? -4.113  12.607  -7.326  1.00 31.04 ? 48  ARG A CB  1 
ATOM   368  C CG  . ARG A 1 68  ? -4.515  12.112  -8.683  1.00 34.98 ? 48  ARG A CG  1 
ATOM   369  C CD  . ARG A 1 68  ? -6.003  11.770  -8.888  1.00 38.83 ? 48  ARG A CD  1 
ATOM   370  N NE  . ARG A 1 68  ? -6.499  10.658  -8.056  1.00 41.35 ? 48  ARG A NE  1 
ATOM   371  C CZ  . ARG A 1 68  ? -6.275  9.340   -8.254  1.00 42.29 ? 48  ARG A CZ  1 
ATOM   372  N NH1 . ARG A 1 68  ? -5.518  8.886   -9.251  1.00 40.67 ? 48  ARG A NH1 1 
ATOM   373  N NH2 . ARG A 1 68  ? -6.819  8.463   -7.421  1.00 41.99 ? 48  ARG A NH2 1 
ATOM   374  N N   . SER A 1 69  ? -1.003  13.132  -6.639  1.00 29.22 ? 49  SER A N   1 
ATOM   375  C CA  . SER A 1 69  ? 0.311   13.609  -7.090  1.00 29.45 ? 49  SER A CA  1 
ATOM   376  C C   . SER A 1 69  ? 1.459   13.259  -6.132  1.00 27.60 ? 49  SER A C   1 
ATOM   377  O O   . SER A 1 69  ? 2.483   13.957  -6.075  1.00 28.68 ? 49  SER A O   1 
ATOM   378  C CB  . SER A 1 69  ? 0.271   15.120  -7.284  1.00 30.40 ? 49  SER A CB  1 
ATOM   379  O OG  . SER A 1 69  ? 0.185   15.803  -6.049  1.00 33.02 ? 49  SER A OG  1 
ATOM   380  N N   . SER A 1 70  ? 1.289   12.194  -5.370  1.00 25.67 ? 50  SER A N   1 
ATOM   381  C CA  . SER A 1 70  ? 2.352   11.732  -4.476  1.00 24.32 ? 50  SER A CA  1 
ATOM   382  C C   . SER A 1 70  ? 3.588   11.300  -5.273  1.00 23.22 ? 50  SER A C   1 
ATOM   383  O O   . SER A 1 70  ? 3.474   10.896  -6.442  1.00 24.09 ? 50  SER A O   1 
ATOM   384  C CB  . SER A 1 70  ? 1.862   10.580  -3.595  1.00 24.15 ? 50  SER A CB  1 
ATOM   385  O OG  . SER A 1 70  ? 1.200   9.596   -4.356  1.00 26.07 ? 50  SER A OG  1 
ATOM   386  N N   . ALA A 1 71  ? 4.756   11.405  -4.643  1.00 21.84 ? 51  ALA A N   1 
ATOM   387  C CA  . ALA A 1 71  ? 6.008   10.889  -5.191  1.00 21.69 ? 51  ALA A CA  1 
ATOM   388  C C   . ALA A 1 71  ? 6.092   9.441   -4.732  1.00 20.24 ? 51  ALA A C   1 
ATOM   389  O O   . ALA A 1 71  ? 6.068   9.196   -3.538  1.00 21.81 ? 51  ALA A O   1 
ATOM   390  C CB  . ALA A 1 71  ? 7.208   11.680  -4.634  1.00 21.85 ? 51  ALA A CB  1 
ATOM   391  N N   . ILE A 1 72  ? 6.123   8.495   -5.658  1.00 19.05 ? 52  ILE A N   1 
ATOM   392  C CA  . ILE A 1 72  ? 6.123   7.057   -5.309  1.00 18.26 ? 52  ILE A CA  1 
ATOM   393  C C   . ILE A 1 72  ? 7.349   6.390   -5.913  1.00 18.38 ? 52  ILE A C   1 
ATOM   394  O O   . ILE A 1 72  ? 7.711   6.650   -7.096  1.00 19.12 ? 52  ILE A O   1 
ATOM   395  C CB  . ILE A 1 72  ? 4.846   6.355   -5.815  1.00 17.53 ? 52  ILE A CB  1 
ATOM   396  C CG1 . ILE A 1 72  ? 3.606   7.015   -5.211  1.00 16.92 ? 52  ILE A CG1 1 
ATOM   397  C CG2 . ILE A 1 72  ? 4.886   4.854   -5.477  1.00 17.88 ? 52  ILE A CG2 1 
ATOM   398  C CD1 . ILE A 1 72  ? 2.298   6.528   -5.761  1.00 16.71 ? 52  ILE A CD1 1 
ATOM   399  N N   . ILE A 1 73  ? 8.004   5.566   -5.103  1.00 18.16 ? 53  ILE A N   1 
ATOM   400  C CA  . ILE A 1 73  ? 9.179   4.802   -5.517  1.00 19.19 ? 53  ILE A CA  1 
ATOM   401  C C   . ILE A 1 73  ? 8.932   3.382   -5.066  1.00 19.00 ? 53  ILE A C   1 
ATOM   402  O O   . ILE A 1 73  ? 8.546   3.155   -3.933  1.00 17.47 ? 53  ILE A O   1 
ATOM   403  C CB  . ILE A 1 73  ? 10.500  5.320   -4.873  1.00 20.53 ? 53  ILE A CB  1 
ATOM   404  C CG1 . ILE A 1 73  ? 10.659  6.830   -5.060  1.00 24.59 ? 53  ILE A CG1 1 
ATOM   405  C CG2 . ILE A 1 73  ? 11.680  4.521   -5.461  1.00 20.86 ? 53  ILE A CG2 1 
ATOM   406  C CD1 . ILE A 1 73  ? 11.681  7.435   -4.136  1.00 27.90 ? 53  ILE A CD1 1 
ATOM   407  N N   . VAL A 1 74  ? 9.093   2.434   -5.982  1.00 19.83 ? 54  VAL A N   1 
ATOM   408  C CA  . VAL A 1 74  ? 8.921   1.029   -5.680  1.00 21.16 ? 54  VAL A CA  1 
ATOM   409  C C   . VAL A 1 74  ? 10.231  0.339   -6.028  1.00 22.58 ? 54  VAL A C   1 
ATOM   410  O O   . VAL A 1 74  ? 10.657  0.371   -7.190  1.00 21.89 ? 54  VAL A O   1 
ATOM   411  C CB  . VAL A 1 74  ? 7.761   0.426   -6.494  1.00 21.74 ? 54  VAL A CB  1 
ATOM   412  C CG1 . VAL A 1 74  ? 7.538   -1.033  -6.114  1.00 23.01 ? 54  VAL A CG1 1 
ATOM   413  C CG2 . VAL A 1 74  ? 6.501   1.226   -6.259  1.00 22.11 ? 54  VAL A CG2 1 
ATOM   414  N N   . ASN A 1 75  ? 10.870  -0.256  -5.023  1.00 23.96 ? 55  ASN A N   1 
ATOM   415  C CA  . ASN A 1 75  ? 12.133  -0.988  -5.209  1.00 25.79 ? 55  ASN A CA  1 
ATOM   416  C C   . ASN A 1 75  ? 13.207  -0.194  -5.941  1.00 26.87 ? 55  ASN A C   1 
ATOM   417  O O   . ASN A 1 75  ? 13.899  -0.717  -6.833  1.00 28.09 ? 55  ASN A O   1 
ATOM   418  C CB  . ASN A 1 75  ? 11.844  -2.321  -5.896  1.00 26.28 ? 55  ASN A CB  1 
ATOM   419  C CG  . ASN A 1 75  ? 11.134  -3.275  -4.989  1.00 26.58 ? 55  ASN A CG  1 
ATOM   420  O OD1 . ASN A 1 75  ? 11.410  -3.311  -3.789  1.00 28.00 ? 55  ASN A OD1 1 
ATOM   421  N ND2 . ASN A 1 75  ? 10.215  -4.060  -5.538  1.00 28.34 ? 55  ASN A ND2 1 
ATOM   422  N N   . GLY A 1 76  ? 13.345  1.069   -5.542  1.00 27.07 ? 56  GLY A N   1 
ATOM   423  C CA  . GLY A 1 76  ? 14.330  1.983   -6.092  1.00 28.08 ? 56  GLY A CA  1 
ATOM   424  C C   . GLY A 1 76  ? 13.944  2.679   -7.388  1.00 28.58 ? 56  GLY A C   1 
ATOM   425  O O   . GLY A 1 76  ? 14.670  3.569   -7.848  1.00 30.65 ? 56  GLY A O   1 
ATOM   426  N N   . GLN A 1 77  ? 12.818  2.291   -7.983  1.00 28.03 ? 57  GLN A N   1 
ATOM   427  C CA  . GLN A 1 77  ? 12.378  2.857   -9.261  1.00 27.92 ? 57  GLN A CA  1 
ATOM   428  C C   . GLN A 1 77  ? 11.221  3.840   -9.072  1.00 26.66 ? 57  GLN A C   1 
ATOM   429  O O   . GLN A 1 77  ? 10.105  3.420   -8.767  1.00 24.84 ? 57  GLN A O   1 
ATOM   430  C CB  . GLN A 1 77  ? 11.942  1.742   -10.200 1.00 28.90 ? 57  GLN A CB  1 
ATOM   431  C CG  . GLN A 1 77  ? 13.106  0.932   -10.816 1.00 33.06 ? 57  GLN A CG  1 
ATOM   432  C CD  . GLN A 1 77  ? 13.115  -0.538  -10.391 1.00 37.58 ? 57  GLN A CD  1 
ATOM   433  O OE1 . GLN A 1 77  ? 12.291  -1.338  -10.860 1.00 41.41 ? 57  GLN A OE1 1 
ATOM   434  N NE2 . GLN A 1 77  ? 14.055  -0.897  -9.518  1.00 39.35 ? 57  GLN A NE2 1 
ATOM   435  N N   . PRO A 1 78  ? 11.460  5.137   -9.264  1.00 25.75 ? 58  PRO A N   1 
ATOM   436  C CA  . PRO A 1 78  ? 10.371  6.115   -9.165  1.00 24.39 ? 58  PRO A CA  1 
ATOM   437  C C   . PRO A 1 78  ? 9.316   5.896   -10.235 1.00 23.06 ? 58  PRO A C   1 
ATOM   438  O O   . PRO A 1 78  ? 9.628   5.483   -11.359 1.00 22.90 ? 58  PRO A O   1 
ATOM   439  C CB  . PRO A 1 78  ? 11.070  7.459   -9.375  1.00 25.54 ? 58  PRO A CB  1 
ATOM   440  C CG  . PRO A 1 78  ? 12.325  7.132   -9.996  1.00 27.12 ? 58  PRO A CG  1 
ATOM   441  C CD  . PRO A 1 78  ? 12.748  5.794   -9.538  1.00 26.85 ? 58  PRO A CD  1 
ATOM   442  N N   . ILE A 1 79  ? 8.071   6.139   -9.867  1.00 21.24 ? 59  ILE A N   1 
ATOM   443  C CA  . ILE A 1 79  ? 6.981   6.227   -10.822 1.00 21.18 ? 59  ILE A CA  1 
ATOM   444  C C   . ILE A 1 79  ? 7.039   7.650   -11.386 1.00 21.50 ? 59  ILE A C   1 
ATOM   445  O O   . ILE A 1 79  ? 7.119   8.611   -10.626 1.00 19.94 ? 59  ILE A O   1 
ATOM   446  C CB  . ILE A 1 79  ? 5.633   5.930   -10.131 1.00 21.00 ? 59  ILE A CB  1 
ATOM   447  C CG1 . ILE A 1 79  ? 5.652   4.479   -9.633  1.00 20.24 ? 59  ILE A CG1 1 
ATOM   448  C CG2 . ILE A 1 79  ? 4.452   6.188   -11.079 1.00 21.60 ? 59  ILE A CG2 1 
ATOM   449  C CD1 . ILE A 1 79  ? 4.373   3.985   -8.982  1.00 21.36 ? 59  ILE A CD1 1 
ATOM   450  N N   . ILE A 1 80  ? 7.056   7.759   -12.710 1.00 23.48 ? 60  ILE A N   1 
ATOM   451  C CA  . ILE A 1 80  ? 7.097   9.052   -13.384 1.00 24.56 ? 60  ILE A CA  1 
ATOM   452  C C   . ILE A 1 80  ? 5.681   9.362   -13.888 1.00 24.72 ? 60  ILE A C   1 
ATOM   453  O O   . ILE A 1 80  ? 5.086   8.532   -14.561 1.00 25.17 ? 60  ILE A O   1 
ATOM   454  C CB  . ILE A 1 80  ? 8.089   9.005   -14.578 1.00 25.34 ? 60  ILE A CB  1 
ATOM   455  C CG1 . ILE A 1 80  ? 9.504   8.666   -14.121 1.00 28.01 ? 60  ILE A CG1 1 
ATOM   456  C CG2 . ILE A 1 80  ? 8.116   10.333  -15.327 1.00 26.96 ? 60  ILE A CG2 1 
ATOM   457  C CD1 . ILE A 1 80  ? 10.365  8.075   -15.240 1.00 30.15 ? 60  ILE A CD1 1 
ATOM   458  N N   . PRO A 1 81  ? 5.154   10.552  -13.589 1.00 24.97 ? 61  PRO A N   1 
ATOM   459  C CA  . PRO A 1 81  ? 3.810   10.915  -14.043 1.00 25.54 ? 61  PRO A CA  1 
ATOM   460  C C   . PRO A 1 81  ? 3.790   10.915  -15.555 1.00 25.57 ? 61  PRO A C   1 
ATOM   461  O O   . PRO A 1 81  ? 4.786   11.291  -16.151 1.00 25.74 ? 61  PRO A O   1 
ATOM   462  C CB  . PRO A 1 81  ? 3.586   12.328  -13.488 1.00 25.99 ? 61  PRO A CB  1 
ATOM   463  C CG  . PRO A 1 81  ? 4.880   12.778  -12.863 1.00 26.30 ? 61  PRO A CG  1 
ATOM   464  C CD  . PRO A 1 81  ? 5.821   11.642  -12.861 1.00 25.96 ? 61  PRO A CD  1 
ATOM   465  N N   . SER A 1 82  ? 2.720   10.434  -16.157 1.00 26.45 ? 62  SER A N   1 
ATOM   466  C CA  . SER A 1 82  ? 2.554   10.563  -17.599 1.00 27.31 ? 62  SER A CA  1 
ATOM   467  C C   . SER A 1 82  ? 1.387   11.508  -17.865 1.00 28.12 ? 62  SER A C   1 
ATOM   468  O O   . SER A 1 82  ? 0.540   11.722  -16.992 1.00 27.21 ? 62  SER A O   1 
ATOM   469  C CB  . SER A 1 82  ? 2.298   9.210   -18.240 1.00 26.76 ? 62  SER A CB  1 
ATOM   470  O OG  . SER A 1 82  ? 0.982   8.770   -17.985 1.00 26.24 ? 62  SER A OG  1 
ATOM   471  N N   . PRO A 1 83  ? 1.321   12.071  -19.068 1.00 29.85 ? 63  PRO A N   1 
ATOM   472  C CA  . PRO A 1 83  ? 0.182   12.924  -19.427 1.00 30.69 ? 63  PRO A CA  1 
ATOM   473  C C   . PRO A 1 83  ? -1.203  12.323  -19.112 1.00 30.42 ? 63  PRO A C   1 
ATOM   474  O O   . PRO A 1 83  ? -2.067  13.099  -18.701 1.00 31.27 ? 63  PRO A O   1 
ATOM   475  C CB  . PRO A 1 83  ? 0.387   13.148  -20.926 1.00 31.63 ? 63  PRO A CB  1 
ATOM   476  C CG  . PRO A 1 83  ? 1.881   13.153  -21.074 1.00 31.32 ? 63  PRO A CG  1 
ATOM   477  C CD  . PRO A 1 83  ? 2.320   12.015  -20.154 1.00 30.21 ? 63  PRO A CD  1 
ATOM   478  N N   . GLN A 1 84  ? -1.397  11.005  -19.249 1.00 29.62 ? 64  GLN A N   1 
ATOM   479  C CA  . GLN A 1 84  ? -2.690  10.360  -18.984 1.00 28.88 ? 64  GLN A CA  1 
ATOM   480  C C   . GLN A 1 84  ? -2.901  9.764   -17.580 1.00 28.74 ? 64  GLN A C   1 
ATOM   481  O O   . GLN A 1 84  ? -4.043  9.635   -17.128 1.00 28.92 ? 64  GLN A O   1 
ATOM   482  C CB  . GLN A 1 84  ? -2.921  9.254   -20.027 1.00 29.33 ? 64  GLN A CB  1 
ATOM   483  C CG  . GLN A 1 84  ? -4.360  8.777   -20.144 1.00 29.17 ? 64  GLN A CG  1 
ATOM   484  C CD  . GLN A 1 84  ? -5.353  9.858   -20.588 1.00 30.88 ? 64  GLN A CD  1 
ATOM   485  O OE1 . GLN A 1 84  ? -4.996  10.828  -21.286 1.00 27.88 ? 64  GLN A OE1 1 
ATOM   486  N NE2 . GLN A 1 84  ? -6.609  9.683   -20.184 1.00 30.66 ? 64  GLN A NE2 1 
ATOM   487  N N   . GLU A 1 85  ? -1.824  9.392   -16.891 1.00 27.32 ? 65  GLU A N   1 
ATOM   488  C CA  . GLU A 1 85  ? -1.938  8.681   -15.612 1.00 26.92 ? 65  GLU A CA  1 
ATOM   489  C C   . GLU A 1 85  ? -1.004  9.255   -14.558 1.00 26.31 ? 65  GLU A C   1 
ATOM   490  O O   . GLU A 1 85  ? 0.210   9.289   -14.742 1.00 26.64 ? 65  GLU A O   1 
ATOM   491  C CB  . GLU A 1 85  ? -1.626  7.188   -15.785 1.00 26.18 ? 65  GLU A CB  1 
ATOM   492  C CG  . GLU A 1 85  ? -2.396  6.512   -16.893 1.00 28.48 ? 65  GLU A CG  1 
ATOM   493  C CD  . GLU A 1 85  ? -2.201  5.015   -16.881 1.00 30.70 ? 65  GLU A CD  1 
ATOM   494  O OE1 . GLU A 1 85  ? -1.042  4.576   -16.677 1.00 32.03 ? 65  GLU A OE1 1 
ATOM   495  O OE2 . GLU A 1 85  ? -3.197  4.288   -17.051 1.00 29.13 ? 65  GLU A OE2 1 
ATOM   496  N N   . ASP A 1 86  ? -1.571  9.708   -13.450 1.00 26.19 ? 66  ASP A N   1 
ATOM   497  C CA  . ASP A 1 86  ? -0.755  10.229  -12.354 1.00 26.43 ? 66  ASP A CA  1 
ATOM   498  C C   . ASP A 1 86  ? -0.125  9.081   -11.596 1.00 25.15 ? 66  ASP A C   1 
ATOM   499  O O   . ASP A 1 86  ? -0.409  7.904   -11.848 1.00 23.60 ? 66  ASP A O   1 
ATOM   500  C CB  . ASP A 1 86  ? -1.560  11.123  -11.395 1.00 26.93 ? 66  ASP A CB  1 
ATOM   501  C CG  . ASP A 1 86  ? -2.806  10.445  -10.852 1.00 28.78 ? 66  ASP A CG  1 
ATOM   502  O OD1 . ASP A 1 86  ? -3.880  11.060  -10.960 1.00 33.39 ? 66  ASP A OD1 1 
ATOM   503  O OD2 . ASP A 1 86  ? -2.844  9.330   -10.288 1.00 28.33 ? 66  ASP A OD2 1 
ATOM   504  N N   . CYS A 1 87  ? 0.741   9.428   -10.658 1.00 24.54 ? 67  CYS A N   1 
ATOM   505  C CA  . CYS A 1 87  ? 1.534   8.417   -9.984  1.00 23.75 ? 67  CYS A CA  1 
ATOM   506  C C   . CYS A 1 87  ? 0.697   7.467   -9.158  1.00 22.27 ? 67  CYS A C   1 
ATOM   507  O O   . CYS A 1 87  ? 1.020   6.295   -9.088  1.00 21.59 ? 67  CYS A O   1 
ATOM   508  C CB  . CYS A 1 87  ? 2.594   9.084   -9.121  1.00 24.11 ? 67  CYS A CB  1 
ATOM   509  S SG  . CYS A 1 87  ? 3.891   9.808   -10.165 1.00 29.41 ? 67  CYS A SG  1 
ATOM   510  N N   . LYS A 1 88  ? -0.351  7.967   -8.507  1.00 21.18 ? 68  LYS A N   1 
ATOM   511  C CA  . LYS A 1 88  ? -1.198  7.092   -7.689  1.00 20.81 ? 68  LYS A CA  1 
ATOM   512  C C   . LYS A 1 88  ? -1.820  6.009   -8.559  1.00 20.19 ? 68  LYS A C   1 
ATOM   513  O O   . LYS A 1 88  ? -1.834  4.819   -8.206  1.00 19.81 ? 68  LYS A O   1 
ATOM   514  C CB  . LYS A 1 88  ? -2.309  7.893   -7.019  1.00 21.16 ? 68  LYS A CB  1 
ATOM   515  C CG  . LYS A 1 88  ? -3.271  7.043   -6.213  1.00 21.97 ? 68  LYS A CG  1 
ATOM   516  C CD  . LYS A 1 88  ? -4.154  7.903   -5.338  1.00 21.25 ? 68  LYS A CD  1 
ATOM   517  C CE  . LYS A 1 88  ? -5.101  7.058   -4.480  1.00 23.03 ? 68  LYS A CE  1 
ATOM   518  N NZ  . LYS A 1 88  ? -6.070  7.920   -3.736  1.00 22.89 ? 68  LYS A NZ  1 
ATOM   519  N N   . LEU A 1 89  ? -2.328  6.422   -9.707  1.00 20.24 ? 69  LEU A N   1 
ATOM   520  C CA  . LEU A 1 89  ? -2.987  5.479   -10.625 1.00 20.80 ? 69  LEU A CA  1 
ATOM   521  C C   . LEU A 1 89  ? -2.021  4.446   -11.150 1.00 20.23 ? 69  LEU A C   1 
ATOM   522  O O   . LEU A 1 89  ? -2.328  3.258   -11.175 1.00 20.69 ? 69  LEU A O   1 
ATOM   523  C CB  . LEU A 1 89  ? -3.639  6.231   -11.787 1.00 21.21 ? 69  LEU A CB  1 
ATOM   524  C CG  . LEU A 1 89  ? -4.340  5.413   -12.875 1.00 23.48 ? 69  LEU A CG  1 
ATOM   525  C CD1 . LEU A 1 89  ? -5.308  4.393   -12.270 1.00 24.95 ? 69  LEU A CD1 1 
ATOM   526  C CD2 . LEU A 1 89  ? -5.075  6.349   -13.831 1.00 27.37 ? 69  LEU A CD2 1 
ATOM   527  N N   . GLN A 1 90  ? -0.843  4.881   -11.574 1.00 19.74 ? 70  GLN A N   1 
ATOM   528  C CA  . GLN A 1 90  ? 0.176   3.944   -12.018 1.00 19.29 ? 70  GLN A CA  1 
ATOM   529  C C   . GLN A 1 90  ? 0.550   2.944   -10.919 1.00 18.81 ? 70  GLN A C   1 
ATOM   530  O O   . GLN A 1 90  ? 0.731   1.763   -11.201 1.00 19.17 ? 70  GLN A O   1 
ATOM   531  C CB  . GLN A 1 90  ? 1.419   4.670   -12.497 1.00 20.11 ? 70  GLN A CB  1 
ATOM   532  C CG  . GLN A 1 90  ? 1.252   5.318   -13.832 1.00 19.89 ? 70  GLN A CG  1 
ATOM   533  C CD  . GLN A 1 90  ? 2.519   5.954   -14.293 1.00 20.55 ? 70  GLN A CD  1 
ATOM   534  O OE1 . GLN A 1 90  ? 3.532   5.282   -14.471 1.00 22.17 ? 70  GLN A OE1 1 
ATOM   535  N NE2 . GLN A 1 90  ? 2.493   7.256   -14.435 1.00 20.91 ? 70  GLN A NE2 1 
ATOM   536  N N   . PHE A 1 91  ? 0.669   3.415   -9.675  1.00 17.93 ? 71  PHE A N   1 
ATOM   537  C CA  . PHE A 1 91  ? 0.962   2.504   -8.557  1.00 17.91 ? 71  PHE A CA  1 
ATOM   538  C C   . PHE A 1 91  ? -0.147  1.486   -8.384  1.00 18.46 ? 71  PHE A C   1 
ATOM   539  O O   . PHE A 1 91  ? 0.117   0.287   -8.186  1.00 18.80 ? 71  PHE A O   1 
ATOM   540  C CB  . PHE A 1 91  ? 1.178   3.227   -7.228  1.00 17.28 ? 71  PHE A CB  1 
ATOM   541  C CG  . PHE A 1 91  ? 1.254   2.292   -6.069  1.00 16.73 ? 71  PHE A CG  1 
ATOM   542  C CD1 . PHE A 1 91  ? 2.419   1.596   -5.816  1.00 17.26 ? 71  PHE A CD1 1 
ATOM   543  C CD2 . PHE A 1 91  ? 0.147   2.054   -5.278  1.00 17.99 ? 71  PHE A CD2 1 
ATOM   544  C CE1 . PHE A 1 91  ? 2.485   0.679   -4.781  1.00 18.29 ? 71  PHE A CE1 1 
ATOM   545  C CE2 . PHE A 1 91  ? 0.213   1.132   -4.248  1.00 16.73 ? 71  PHE A CE2 1 
ATOM   546  C CZ  . PHE A 1 91  ? 1.383   0.457   -4.005  1.00 15.81 ? 71  PHE A CZ  1 
ATOM   547  N N   . GLN A 1 92  ? -1.391  1.942   -8.460  1.00 19.12 ? 72  GLN A N   1 
ATOM   548  C CA  . GLN A 1 92  ? -2.519  1.029   -8.248  1.00 19.77 ? 72  GLN A CA  1 
ATOM   549  C C   . GLN A 1 92  ? -2.547  -0.040  -9.326  1.00 19.95 ? 72  GLN A C   1 
ATOM   550  O O   . GLN A 1 92  ? -2.818  -1.214  -9.041  1.00 19.77 ? 72  GLN A O   1 
ATOM   551  C CB  . GLN A 1 92  ? -3.843  1.788   -8.225  1.00 20.51 ? 72  GLN A CB  1 
ATOM   552  C CG  . GLN A 1 92  ? -4.100  2.487   -6.902  1.00 20.93 ? 72  GLN A CG  1 
ATOM   553  C CD  . GLN A 1 92  ? -5.240  3.493   -6.927  1.00 22.29 ? 72  GLN A CD  1 
ATOM   554  O OE1 . GLN A 1 92  ? -5.675  3.942   -7.987  1.00 23.50 ? 72  GLN A OE1 1 
ATOM   555  N NE2 . GLN A 1 92  ? -5.735  3.847   -5.738  1.00 22.61 ? 72  GLN A NE2 1 
ATOM   556  N N   . LYS A 1 93  ? -2.222  0.349   -10.555 1.00 20.27 ? 73  LYS A N   1 
ATOM   557  C CA  . LYS A 1 93  ? -2.198  -0.610  -11.670 1.00 21.45 ? 73  LYS A CA  1 
ATOM   558  C C   . LYS A 1 93  ? -1.062  -1.633  -11.504 1.00 21.03 ? 73  LYS A C   1 
ATOM   559  O O   . LYS A 1 93  ? -1.196  -2.803  -11.886 1.00 21.67 ? 73  LYS A O   1 
ATOM   560  C CB  . LYS A 1 93  ? -2.050  0.130   -12.992 1.00 22.02 ? 73  LYS A CB  1 
ATOM   561  C CG  . LYS A 1 93  ? -3.296  0.854   -13.434 1.00 24.23 ? 73  LYS A CG  1 
ATOM   562  C CD  . LYS A 1 93  ? -3.079  1.535   -14.792 1.00 28.08 ? 73  LYS A CD  1 
ATOM   563  C CE  . LYS A 1 93  ? -3.651  0.750   -15.945 1.00 30.00 ? 73  LYS A CE  1 
ATOM   564  N NZ  . LYS A 1 93  ? -3.900  1.623   -17.142 1.00 30.46 ? 73  LYS A NZ  1 
ATOM   565  N N   . LYS A 1 94  ? 0.048   -1.191  -10.924 1.00 21.38 ? 74  LYS A N   1 
ATOM   566  C CA  . LYS A 1 94  ? 1.194   -2.056  -10.676 1.00 21.76 ? 74  LYS A CA  1 
ATOM   567  C C   . LYS A 1 94  ? 0.874   -3.020  -9.561  1.00 20.86 ? 74  LYS A C   1 
ATOM   568  O O   . LYS A 1 94  ? 1.164   -4.212  -9.657  1.00 20.75 ? 74  LYS A O   1 
ATOM   569  C CB  . LYS A 1 94  ? 2.427   -1.240  -10.261 1.00 22.74 ? 74  LYS A CB  1 
ATOM   570  C CG  . LYS A 1 94  ? 3.213   -0.678  -11.429 1.00 26.87 ? 74  LYS A CG  1 
ATOM   571  C CD  . LYS A 1 94  ? 4.290   0.299   -10.948 1.00 32.38 ? 74  LYS A CD  1 
ATOM   572  C CE  . LYS A 1 94  ? 5.620   0.046   -11.632 1.00 35.59 ? 74  LYS A CE  1 
ATOM   573  N NZ  . LYS A 1 94  ? 5.608   0.513   -13.042 1.00 37.59 ? 74  LYS A NZ  1 
ATOM   574  N N   . TRP A 1 95  ? 0.322   -2.485  -8.477  1.00 20.46 ? 75  TRP A N   1 
ATOM   575  C CA  . TRP A 1 95  ? 0.053   -3.291  -7.262  1.00 19.95 ? 75  TRP A CA  1 
ATOM   576  C C   . TRP A 1 95  ? -1.041  -4.317  -7.523  1.00 20.96 ? 75  TRP A C   1 
ATOM   577  O O   . TRP A 1 95  ? -1.000  -5.448  -7.005  1.00 20.67 ? 75  TRP A O   1 
ATOM   578  C CB  . TRP A 1 95  ? -0.298  -2.379  -6.058  1.00 20.18 ? 75  TRP A CB  1 
ATOM   579  C CG  . TRP A 1 95  ? -0.350  -3.137  -4.781  1.00 17.73 ? 75  TRP A CG  1 
ATOM   580  C CD1 . TRP A 1 95  ? -1.461  -3.510  -4.084  1.00 16.64 ? 75  TRP A CD1 1 
ATOM   581  C CD2 . TRP A 1 95  ? 0.770   -3.686  -4.072  1.00 18.58 ? 75  TRP A CD2 1 
ATOM   582  N NE1 . TRP A 1 95  ? -1.101  -4.268  -2.991  1.00 18.72 ? 75  TRP A NE1 1 
ATOM   583  C CE2 . TRP A 1 95  ? 0.263   -4.377  -2.951  1.00 18.35 ? 75  TRP A CE2 1 
ATOM   584  C CE3 . TRP A 1 95  ? 2.159   -3.644  -4.260  1.00 20.51 ? 75  TRP A CE3 1 
ATOM   585  C CZ2 . TRP A 1 95  ? 1.090   -5.027  -2.021  1.00 19.52 ? 75  TRP A CZ2 1 
ATOM   586  C CZ3 . TRP A 1 95  ? 2.983   -4.295  -3.337  1.00 20.89 ? 75  TRP A CZ3 1 
ATOM   587  C CH2 . TRP A 1 95  ? 2.445   -4.973  -2.230  1.00 19.81 ? 75  TRP A CH2 1 
ATOM   588  N N   . LEU A 1 96  ? -1.987  -3.949  -8.377  1.00 21.88 ? 76  LEU A N   1 
ATOM   589  C CA  . LEU A 1 96  ? -3.087  -4.825  -8.770  1.00 22.91 ? 76  LEU A CA  1 
ATOM   590  C C   . LEU A 1 96  ? -2.598  -6.157  -9.348  1.00 23.55 ? 76  LEU A C   1 
ATOM   591  O O   . LEU A 1 96  ? -3.270  -7.202  -9.198  1.00 23.79 ? 76  LEU A O   1 
ATOM   592  C CB  . LEU A 1 96  ? -3.955  -4.091  -9.802  1.00 23.34 ? 76  LEU A CB  1 
ATOM   593  C CG  . LEU A 1 96  ? -5.088  -4.889  -10.446 1.00 24.47 ? 76  LEU A CG  1 
ATOM   594  C CD1 . LEU A 1 96  ? -6.145  -5.191  -9.412  1.00 23.47 ? 76  LEU A CD1 1 
ATOM   595  C CD2 . LEU A 1 96  ? -5.645  -4.083  -11.608 1.00 23.54 ? 76  LEU A CD2 1 
ATOM   596  N N   . GLN A 1 97  ? -1.446  -6.124  -10.019 1.00 23.79 ? 77  GLN A N   1 
ATOM   597  C CA  . GLN A 1 97  ? -0.882  -7.323  -10.649 1.00 25.03 ? 77  GLN A CA  1 
ATOM   598  C C   . GLN A 1 97  ? -0.171  -8.285  -9.683  1.00 24.54 ? 77  GLN A C   1 
ATOM   599  O O   . GLN A 1 97  ? 0.146   -9.414  -10.066 1.00 25.64 ? 77  GLN A O   1 
ATOM   600  C CB  . GLN A 1 97  ? 0.058   -6.955  -11.804 1.00 25.58 ? 77  GLN A CB  1 
ATOM   601  C CG  . GLN A 1 97  ? -0.556  -6.095  -12.906 1.00 29.46 ? 77  GLN A CG  1 
ATOM   602  C CD  . GLN A 1 97  ? -1.888  -6.630  -13.434 1.00 34.33 ? 77  GLN A CD  1 
ATOM   603  O OE1 . GLN A 1 97  ? -1.944  -7.726  -13.981 1.00 37.51 ? 77  GLN A OE1 1 
ATOM   604  N NE2 . GLN A 1 97  ? -2.960  -5.851  -13.259 1.00 37.57 ? 77  GLN A NE2 1 
ATOM   605  N N   . THR A 1 98  ? 0.048   -7.879  -8.434  1.00 23.67 ? 78  THR A N   1 
ATOM   606  C CA  . THR A 1 98  ? 0.579   -8.803  -7.428  1.00 22.43 ? 78  THR A CA  1 
ATOM   607  C C   . THR A 1 98  ? -0.499  -9.798  -6.998  1.00 22.41 ? 78  THR A C   1 
ATOM   608  O O   . THR A 1 98  ? -1.690  -9.494  -7.029  1.00 20.97 ? 78  THR A O   1 
ATOM   609  C CB  . THR A 1 98  ? 1.122   -8.067  -6.158  1.00 22.51 ? 78  THR A CB  1 
ATOM   610  O OG1 . THR A 1 98  ? 0.067   -7.358  -5.474  1.00 21.30 ? 78  THR A OG1 1 
ATOM   611  C CG2 . THR A 1 98  ? 2.154   -7.007  -6.504  1.00 22.84 ? 78  THR A CG2 1 
ATOM   612  N N   . PRO A 1 99  ? -0.091  -10.982 -6.555  1.00 22.00 ? 79  PRO A N   1 
ATOM   613  C CA  . PRO A 1 99  ? -1.033  -11.854 -5.856  1.00 22.14 ? 79  PRO A CA  1 
ATOM   614  C C   . PRO A 1 99  ? -1.481  -11.170 -4.576  1.00 21.54 ? 79  PRO A C   1 
ATOM   615  O O   . PRO A 1 99  ? -0.850  -10.218 -4.112  1.00 20.44 ? 79  PRO A O   1 
ATOM   616  C CB  . PRO A 1 99  ? -0.213  -13.119 -5.546  1.00 22.52 ? 79  PRO A CB  1 
ATOM   617  C CG  . PRO A 1 99  ? 1.038   -12.993 -6.378  1.00 22.86 ? 79  PRO A CG  1 
ATOM   618  C CD  . PRO A 1 99  ? 1.268   -11.550 -6.611  1.00 22.44 ? 79  PRO A CD  1 
ATOM   619  N N   . LEU A 1 100 ? -2.566  -11.664 -3.994  1.00 21.50 ? 80  LEU A N   1 
ATOM   620  C CA  . LEU A 1 100 ? -3.048  -11.104 -2.748  1.00 21.49 ? 80  LEU A CA  1 
ATOM   621  C C   . LEU A 1 100 ? -1.914  -11.131 -1.730  1.00 21.06 ? 80  LEU A C   1 
ATOM   622  O O   . LEU A 1 100 ? -1.176  -12.093 -1.667  1.00 21.39 ? 80  LEU A O   1 
ATOM   623  C CB  . LEU A 1 100 ? -4.213  -11.929 -2.209  1.00 22.36 ? 80  LEU A CB  1 
ATOM   624  C CG  . LEU A 1 100 ? -4.905  -11.400 -0.951  1.00 23.55 ? 80  LEU A CG  1 
ATOM   625  C CD1 . LEU A 1 100 ? -5.458  -10.002 -1.192  1.00 25.02 ? 80  LEU A CD1 1 
ATOM   626  C CD2 . LEU A 1 100 ? -5.997  -12.366 -0.519  1.00 25.25 ? 80  LEU A CD2 1 
ATOM   627  N N   . SER A 1 101 ? -1.821  -10.076 -0.935  1.00 19.98 ? 81  SER A N   1 
ATOM   628  C CA  . SER A 1 101 ? -0.766  -9.903  0.045   1.00 19.64 ? 81  SER A CA  1 
ATOM   629  C C   . SER A 1 101 ? -1.293  -9.900  1.479   1.00 20.18 ? 81  SER A C   1 
ATOM   630  O O   . SER A 1 101 ? -2.472  -9.614  1.748   1.00 18.98 ? 81  SER A O   1 
ATOM   631  C CB  . SER A 1 101 ? -0.027  -8.593  -0.236  1.00 19.78 ? 81  SER A CB  1 
ATOM   632  O OG  . SER A 1 101 ? -0.921  -7.483  -0.260  1.00 18.28 ? 81  SER A OG  1 
ATOM   633  N N   . SER A 1 102 ? -0.391  -10.193 2.408   1.00 20.10 ? 82  SER A N   1 
ATOM   634  C CA  . SER A 1 102 ? -0.672  -10.097 3.838   1.00 20.32 ? 82  SER A CA  1 
ATOM   635  C C   . SER A 1 102 ? 0.571   -9.536  4.549   1.00 19.50 ? 82  SER A C   1 
ATOM   636  O O   . SER A 1 102 ? 1.586   -10.226 4.686   1.00 19.89 ? 82  SER A O   1 
ATOM   637  C CB  . SER A 1 102 ? -1.042  -11.461 4.388   1.00 21.21 ? 82  SER A CB  1 
ATOM   638  O OG  . SER A 1 102 ? -1.217  -11.425 5.800   1.00 23.49 ? 82  SER A OG  1 
ATOM   639  N N   . HIS A 1 103 ? 0.493   -8.269  4.941   1.00 19.08 ? 83  HIS A N   1 
ATOM   640  C CA  . HIS A 1 103 ? 1.567   -7.551  5.643   1.00 19.00 ? 83  HIS A CA  1 
ATOM   641  C C   . HIS A 1 103 ? 1.348   -7.645  7.152   1.00 20.30 ? 83  HIS A C   1 
ATOM   642  O O   . HIS A 1 103 ? 0.206   -7.605  7.636   1.00 21.20 ? 83  HIS A O   1 
ATOM   643  C CB  . HIS A 1 103 ? 1.545   -6.050  5.310   1.00 18.24 ? 83  HIS A CB  1 
ATOM   644  C CG  . HIS A 1 103 ? 2.004   -5.687  3.926   1.00 17.89 ? 83  HIS A CG  1 
ATOM   645  N ND1 . HIS A 1 103 ? 1.170   -5.714  2.824   1.00 15.83 ? 83  HIS A ND1 1 
ATOM   646  C CD2 . HIS A 1 103 ? 3.205   -5.245  3.479   1.00 18.28 ? 83  HIS A CD2 1 
ATOM   647  C CE1 . HIS A 1 103 ? 1.846   -5.313  1.757   1.00 18.99 ? 83  HIS A CE1 1 
ATOM   648  N NE2 . HIS A 1 103 ? 3.080   -5.007  2.131   1.00 17.84 ? 83  HIS A NE2 1 
ATOM   649  N N   . GLN A 1 104 ? 2.440   -7.768  7.899   1.00 20.06 ? 84  GLN A N   1 
ATOM   650  C CA  . GLN A 1 104 ? 2.428   -7.684  9.346   1.00 20.89 ? 84  GLN A CA  1 
ATOM   651  C C   . GLN A 1 104 ? 3.400   -6.565  9.732   1.00 20.04 ? 84  GLN A C   1 
ATOM   652  O O   . GLN A 1 104 ? 4.592   -6.647  9.450   1.00 19.04 ? 84  GLN A O   1 
ATOM   653  C CB  . GLN A 1 104 ? 2.868   -9.027  9.948   1.00 22.18 ? 84  GLN A CB  1 
ATOM   654  C CG  . GLN A 1 104 ? 2.858   -9.090  11.454  1.00 26.02 ? 84  GLN A CG  1 
ATOM   655  C CD  . GLN A 1 104 ? 3.379   -10.417 11.991  1.00 30.34 ? 84  GLN A CD  1 
ATOM   656  O OE1 . GLN A 1 104 ? 3.194   -11.463 11.367  1.00 32.76 ? 84  GLN A OE1 1 
ATOM   657  N NE2 . GLN A 1 104 ? 4.038   -10.373 13.147  1.00 33.72 ? 84  GLN A NE2 1 
ATOM   658  N N   . LEU A 1 105 ? 2.869   -5.501  10.324  1.00 18.76 ? 85  LEU A N   1 
ATOM   659  C CA  . LEU A 1 105 ? 3.699   -4.388  10.786  1.00 18.91 ? 85  LEU A CA  1 
ATOM   660  C C   . LEU A 1 105 ? 4.579   -4.877  11.929  1.00 19.03 ? 85  LEU A C   1 
ATOM   661  O O   . LEU A 1 105 ? 4.077   -5.540  12.843  1.00 19.52 ? 85  LEU A O   1 
ATOM   662  C CB  . LEU A 1 105 ? 2.799   -3.238  11.232  1.00 18.63 ? 85  LEU A CB  1 
ATOM   663  C CG  . LEU A 1 105 ? 3.455   -1.971  11.800  1.00 19.85 ? 85  LEU A CG  1 
ATOM   664  C CD1 . LEU A 1 105 ? 4.227   -1.246  10.749  1.00 20.36 ? 85  LEU A CD1 1 
ATOM   665  C CD2 . LEU A 1 105 ? 2.392   -1.017  12.410  1.00 21.14 ? 85  LEU A CD2 1 
ATOM   666  N N   . THR A 1 106 ? 5.892   -4.618  11.875  1.00 18.57 ? 86  THR A N   1 
ATOM   667  C CA  . THR A 1 106 ? 6.779   -5.072  12.951  1.00 19.60 ? 86  THR A CA  1 
ATOM   668  C C   . THR A 1 106 ? 7.512   -3.994  13.759  1.00 20.04 ? 86  THR A C   1 
ATOM   669  O O   . THR A 1 106 ? 7.877   -4.250  14.905  1.00 20.42 ? 86  THR A O   1 
ATOM   670  C CB  . THR A 1 106 ? 7.775   -6.129  12.448  1.00 19.69 ? 86  THR A CB  1 
ATOM   671  O OG1 . THR A 1 106 ? 8.490   -5.632  11.305  1.00 19.00 ? 86  THR A OG1 1 
ATOM   672  C CG2 . THR A 1 106 ? 7.016   -7.401  11.996  1.00 20.90 ? 86  THR A CG2 1 
ATOM   673  N N   . SER A 1 107 ? 7.722   -2.815  13.181  1.00 20.12 ? 87  SER A N   1 
ATOM   674  C CA  . SER A 1 107 ? 8.310   -1.683  13.902  1.00 21.28 ? 87  SER A CA  1 
ATOM   675  C C   . SER A 1 107 ? 8.043   -0.402  13.130  1.00 21.25 ? 87  SER A C   1 
ATOM   676  O O   . SER A 1 107 ? 7.841   -0.422  11.919  1.00 20.49 ? 87  SER A O   1 
ATOM   677  C CB  . SER A 1 107 ? 9.832   -1.854  14.074  1.00 21.55 ? 87  SER A CB  1 
ATOM   678  O OG  . SER A 1 107 ? 10.496  -1.973  12.821  1.00 22.18 ? 87  SER A OG  1 
ATOM   679  N N   . TYR A 1 108 ? 8.027   0.714   13.838  1.00 21.82 ? 88  TYR A N   1 
ATOM   680  C CA  . TYR A 1 108 ? 7.905   2.002   13.180  1.00 22.97 ? 88  TYR A CA  1 
ATOM   681  C C   . TYR A 1 108 ? 8.456   3.123   14.063  1.00 23.73 ? 88  TYR A C   1 
ATOM   682  O O   . TYR A 1 108 ? 8.650   2.964   15.272  1.00 23.29 ? 88  TYR A O   1 
ATOM   683  C CB  . TYR A 1 108 ? 6.442   2.287   12.840  1.00 23.14 ? 88  TYR A CB  1 
ATOM   684  C CG  . TYR A 1 108 ? 5.551   2.392   14.064  1.00 25.91 ? 88  TYR A CG  1 
ATOM   685  C CD1 . TYR A 1 108 ? 5.280   3.626   14.651  1.00 28.73 ? 88  TYR A CD1 1 
ATOM   686  C CD2 . TYR A 1 108 ? 4.994   1.249   14.646  1.00 28.94 ? 88  TYR A CD2 1 
ATOM   687  C CE1 . TYR A 1 108 ? 4.463   3.720   15.780  1.00 31.01 ? 88  TYR A CE1 1 
ATOM   688  C CE2 . TYR A 1 108 ? 4.178   1.336   15.770  1.00 30.25 ? 88  TYR A CE2 1 
ATOM   689  C CZ  . TYR A 1 108 ? 3.920   2.574   16.330  1.00 32.34 ? 88  TYR A CZ  1 
ATOM   690  O OH  . TYR A 1 108 ? 3.121   2.669   17.447  1.00 35.89 ? 88  TYR A OH  1 
ATOM   691  N N   . ASP A 1 109 ? 8.712   4.251   13.430  1.00 24.67 ? 89  ASP A N   1 
ATOM   692  C CA  . ASP A 1 109 ? 9.037   5.471   14.144  1.00 25.73 ? 89  ASP A CA  1 
ATOM   693  C C   . ASP A 1 109 ? 8.630   6.649   13.271  1.00 25.29 ? 89  ASP A C   1 
ATOM   694  O O   . ASP A 1 109 ? 8.703   6.591   12.050  1.00 26.57 ? 89  ASP A O   1 
ATOM   695  C CB  . ASP A 1 109 ? 10.524  5.523   14.498  1.00 26.57 ? 89  ASP A CB  1 
ATOM   696  C CG  . ASP A 1 109 ? 11.411  5.472   13.287  1.00 29.42 ? 89  ASP A CG  1 
ATOM   697  O OD1 . ASP A 1 109 ? 11.714  6.555   12.752  1.00 36.34 ? 89  ASP A OD1 1 
ATOM   698  O OD2 . ASP A 1 109 ? 11.861  4.409   12.795  1.00 34.83 ? 89  ASP A OD2 1 
ATOM   699  N N   . GLY A 1 110 ? 8.156   7.711   13.894  1.00 24.30 ? 90  GLY A N   1 
ATOM   700  C CA  . GLY A 1 110 ? 7.737   8.866   13.134  1.00 23.90 ? 90  GLY A CA  1 
ATOM   701  C C   . GLY A 1 110 ? 8.110   10.137  13.858  1.00 24.22 ? 90  GLY A C   1 
ATOM   702  O O   . GLY A 1 110 ? 8.274   10.120  15.077  1.00 24.37 ? 90  GLY A O   1 
ATOM   703  N N   . HIS A 1 111 ? 8.245   11.216  13.089  1.00 23.80 ? 91  HIS A N   1 
ATOM   704  C CA  . HIS A 1 111 ? 8.577   12.544  13.611  1.00 24.65 ? 91  HIS A CA  1 
ATOM   705  C C   . HIS A 1 111 ? 7.888   13.587  12.765  1.00 23.47 ? 91  HIS A C   1 
ATOM   706  O O   . HIS A 1 111 ? 7.918   13.497  11.546  1.00 22.13 ? 91  HIS A O   1 
ATOM   707  C CB  . HIS A 1 111 ? 10.074  12.816  13.469  1.00 25.50 ? 91  HIS A CB  1 
ATOM   708  C CG  . HIS A 1 111 ? 10.932  12.052  14.419  1.00 30.81 ? 91  HIS A CG  1 
ATOM   709  N ND1 . HIS A 1 111 ? 11.062  12.400  15.745  1.00 35.94 ? 91  HIS A ND1 1 
ATOM   710  C CD2 . HIS A 1 111 ? 11.728  10.971  14.231  1.00 35.10 ? 91  HIS A CD2 1 
ATOM   711  C CE1 . HIS A 1 111 ? 11.899  11.565  16.337  1.00 37.65 ? 91  HIS A CE1 1 
ATOM   712  N NE2 . HIS A 1 111 ? 12.314  10.686  15.442  1.00 37.19 ? 91  HIS A NE2 1 
ATOM   713  N N   . LEU A 1 112 ? 7.307   14.602  13.401  1.00 22.45 ? 92  LEU A N   1 
ATOM   714  C CA  . LEU A 1 112 ? 6.905   15.792  12.683  1.00 23.64 ? 92  LEU A CA  1 
ATOM   715  C C   . LEU A 1 112 ? 8.146   16.547  12.188  1.00 23.27 ? 92  LEU A C   1 
ATOM   716  O O   . LEU A 1 112 ? 9.165   16.609  12.900  1.00 24.17 ? 92  LEU A O   1 
ATOM   717  C CB  . LEU A 1 112 ? 6.109   16.705  13.609  1.00 24.61 ? 92  LEU A CB  1 
ATOM   718  C CG  . LEU A 1 112 ? 5.590   17.925  12.857  1.00 27.50 ? 92  LEU A CG  1 
ATOM   719  C CD1 . LEU A 1 112 ? 4.084   17.979  12.895  1.00 32.00 ? 92  LEU A CD1 1 
ATOM   720  C CD2 . LEU A 1 112 ? 6.228   19.198  13.402  1.00 29.82 ? 92  LEU A CD2 1 
ATOM   721  N N   . ILE A 1 113 ? 8.075   17.071  10.964  1.00 22.69 ? 93  ILE A N   1 
ATOM   722  C CA  . ILE A 1 113 ? 9.095   17.959  10.414  1.00 22.79 ? 93  ILE A CA  1 
ATOM   723  C C   . ILE A 1 113 ? 8.668   19.410  10.675  1.00 22.81 ? 93  ILE A C   1 
ATOM   724  O O   . ILE A 1 113 ? 7.725   19.908  10.040  1.00 22.25 ? 93  ILE A O   1 
ATOM   725  C CB  . ILE A 1 113 ? 9.302   17.699  8.894   1.00 23.01 ? 93  ILE A CB  1 
ATOM   726  C CG1 . ILE A 1 113 ? 9.627   16.227  8.632   1.00 23.29 ? 93  ILE A CG1 1 
ATOM   727  C CG2 . ILE A 1 113 ? 10.415  18.582  8.311   1.00 23.24 ? 93  ILE A CG2 1 
ATOM   728  C CD1 . ILE A 1 113 ? 10.768  15.679  9.429   1.00 25.00 ? 93  ILE A CD1 1 
ATOM   729  N N   . PRO A 1 114 ? 9.330   20.079  11.623  1.00 22.93 ? 94  PRO A N   1 
ATOM   730  C CA  . PRO A 1 114 ? 8.923   21.437  12.017  1.00 24.05 ? 94  PRO A CA  1 
ATOM   731  C C   . PRO A 1 114 ? 8.691   22.374  10.834  1.00 24.74 ? 94  PRO A C   1 
ATOM   732  O O   . PRO A 1 114 ? 9.520   22.454  9.926   1.00 24.74 ? 94  PRO A O   1 
ATOM   733  C CB  . PRO A 1 114 ? 10.095  21.908  12.891  1.00 24.02 ? 94  PRO A CB  1 
ATOM   734  C CG  . PRO A 1 114 ? 10.614  20.670  13.501  1.00 23.79 ? 94  PRO A CG  1 
ATOM   735  C CD  . PRO A 1 114 ? 10.494  19.621  12.404  1.00 22.51 ? 94  PRO A CD  1 
ATOM   736  N N   . GLY A 1 115 ? 7.545   23.050  10.824  1.00 25.80 ? 95  GLY A N   1 
ATOM   737  C CA  . GLY A 1 115 ? 7.252   24.059  9.815   1.00 26.80 ? 95  GLY A CA  1 
ATOM   738  C C   . GLY A 1 115 ? 6.625   23.582  8.506   1.00 27.19 ? 95  GLY A C   1 
ATOM   739  O O   . GLY A 1 115 ? 6.292   24.400  7.636   1.00 28.23 ? 95  GLY A O   1 
ATOM   740  N N   . THR A 1 116 ? 6.437   22.274  8.349   1.00 26.41 ? 96  THR A N   1 
ATOM   741  C CA  . THR A 1 116 ? 5.972   21.720  7.075   1.00 26.45 ? 96  THR A CA  1 
ATOM   742  C C   . THR A 1 116 ? 4.538   21.187  7.073   1.00 26.60 ? 96  THR A C   1 
ATOM   743  O O   . THR A 1 116 ? 3.990   20.912  6.016   1.00 27.54 ? 96  THR A O   1 
ATOM   744  C CB  . THR A 1 116 ? 6.930   20.602  6.639   1.00 25.57 ? 96  THR A CB  1 
ATOM   745  O OG1 . THR A 1 116 ? 6.777   19.483  7.519   1.00 23.81 ? 96  THR A OG1 1 
ATOM   746  C CG2 . THR A 1 116 ? 8.376   21.028  6.815   1.00 27.43 ? 96  THR A CG2 1 
ATOM   747  N N   . GLY A 1 117 ? 3.933   21.019  8.240   1.00 26.76 ? 97  GLY A N   1 
ATOM   748  C CA  . GLY A 1 117 ? 2.640   20.368  8.328   1.00 27.24 ? 97  GLY A CA  1 
ATOM   749  C C   . GLY A 1 117 ? 2.648   18.907  7.883   1.00 26.64 ? 97  GLY A C   1 
ATOM   750  O O   . GLY A 1 117 ? 1.601   18.363  7.549   1.00 27.29 ? 97  GLY A O   1 
ATOM   751  N N   . THR A 1 118 ? 3.822   18.270  7.889   1.00 26.09 ? 98  THR A N   1 
ATOM   752  C CA  . THR A 1 118 ? 3.947   16.854  7.552   1.00 24.96 ? 98  THR A CA  1 
ATOM   753  C C   . THR A 1 118 ? 4.758   16.103  8.602   1.00 24.18 ? 98  THR A C   1 
ATOM   754  O O   . THR A 1 118 ? 5.594   16.675  9.298   1.00 23.00 ? 98  THR A O   1 
ATOM   755  C CB  . THR A 1 118 ? 4.652   16.652  6.184   1.00 24.94 ? 98  THR A CB  1 
ATOM   756  O OG1 . THR A 1 118 ? 6.011   17.106  6.254   1.00 25.97 ? 98  THR A OG1 1 
ATOM   757  C CG2 . THR A 1 118 ? 4.023   17.491  5.075   1.00 26.09 ? 98  THR A CG2 1 
ATOM   758  N N   . PHE A 1 119 ? 4.537   14.802  8.699   1.00 23.04 ? 99  PHE A N   1 
ATOM   759  C CA  . PHE A 1 119 ? 5.505   13.973  9.387   1.00 22.58 ? 99  PHE A CA  1 
ATOM   760  C C   . PHE A 1 119 ? 6.111   12.928  8.459   1.00 20.81 ? 99  PHE A C   1 
ATOM   761  O O   . PHE A 1 119 ? 5.515   12.539  7.454   1.00 19.35 ? 99  PHE A O   1 
ATOM   762  C CB  . PHE A 1 119 ? 4.940   13.354  10.668  1.00 24.21 ? 99  PHE A CB  1 
ATOM   763  C CG  . PHE A 1 119 ? 3.761   12.483  10.462  1.00 27.33 ? 99  PHE A CG  1 
ATOM   764  C CD1 . PHE A 1 119 ? 3.910   11.119  10.379  1.00 30.48 ? 99  PHE A CD1 1 
ATOM   765  C CD2 . PHE A 1 119 ? 2.490   13.020  10.368  1.00 31.12 ? 99  PHE A CD2 1 
ATOM   766  C CE1 . PHE A 1 119 ? 2.799   10.297  10.182  1.00 31.73 ? 99  PHE A CE1 1 
ATOM   767  C CE2 . PHE A 1 119 ? 1.392   12.202  10.165  1.00 32.67 ? 99  PHE A CE2 1 
ATOM   768  C CZ  . PHE A 1 119 ? 1.557   10.838  10.081  1.00 32.51 ? 99  PHE A CZ  1 
ATOM   769  N N   . VAL A 1 120 ? 7.342   12.550  8.785   1.00 20.10 ? 100 VAL A N   1 
ATOM   770  C CA  . VAL A 1 120 ? 8.032   11.425  8.150   1.00 20.36 ? 100 VAL A CA  1 
ATOM   771  C C   . VAL A 1 120 ? 7.850   10.190  9.021   1.00 19.19 ? 100 VAL A C   1 
ATOM   772  O O   . VAL A 1 120 ? 8.088   10.236  10.218  1.00 19.01 ? 100 VAL A O   1 
ATOM   773  C CB  . VAL A 1 120 ? 9.531   11.678  8.071   1.00 21.00 ? 100 VAL A CB  1 
ATOM   774  C CG1 . VAL A 1 120 ? 10.281  10.406  7.623   1.00 23.96 ? 100 VAL A CG1 1 
ATOM   775  C CG2 . VAL A 1 120 ? 9.818   12.808  7.153   1.00 22.89 ? 100 VAL A CG2 1 
ATOM   776  N N   . VAL A 1 121 ? 7.489   9.072   8.416   1.00 19.51 ? 101 VAL A N   1 
ATOM   777  C CA  . VAL A 1 121 ? 7.363   7.807   9.143   1.00 19.92 ? 101 VAL A CA  1 
ATOM   778  C C   . VAL A 1 121 ? 8.160   6.739   8.422   1.00 19.57 ? 101 VAL A C   1 
ATOM   779  O O   . VAL A 1 121 ? 7.997   6.557   7.218   1.00 19.28 ? 101 VAL A O   1 
ATOM   780  C CB  . VAL A 1 121 ? 5.910   7.297   9.169   1.00 21.37 ? 101 VAL A CB  1 
ATOM   781  C CG1 . VAL A 1 121 ? 5.814   6.003   9.988   1.00 22.14 ? 101 VAL A CG1 1 
ATOM   782  C CG2 . VAL A 1 121 ? 5.020   8.311   9.710   1.00 24.41 ? 101 VAL A CG2 1 
ATOM   783  N N   . HIS A 1 122 ? 9.005   6.027   9.159   1.00 19.38 ? 102 HIS A N   1 
ATOM   784  C CA  . HIS A 1 122 ? 9.667   4.845   8.645   1.00 19.22 ? 102 HIS A CA  1 
ATOM   785  C C   . HIS A 1 122 ? 9.062   3.632   9.325   1.00 18.54 ? 102 HIS A C   1 
ATOM   786  O O   . HIS A 1 122 ? 8.884   3.622   10.538  1.00 18.94 ? 102 HIS A O   1 
ATOM   787  C CB  . HIS A 1 122 ? 11.165  4.914   8.946   1.00 19.54 ? 102 HIS A CB  1 
ATOM   788  C CG  . HIS A 1 122 ? 11.872  3.620   8.719   1.00 22.46 ? 102 HIS A CG  1 
ATOM   789  N ND1 . HIS A 1 122 ? 12.050  2.683   9.720   1.00 26.16 ? 102 HIS A ND1 1 
ATOM   790  C CD2 . HIS A 1 122 ? 12.401  3.079   7.598   1.00 25.88 ? 102 HIS A CD2 1 
ATOM   791  C CE1 . HIS A 1 122 ? 12.673  1.628   9.222   1.00 26.97 ? 102 HIS A CE1 1 
ATOM   792  N NE2 . HIS A 1 122 ? 12.921  1.856   7.943   1.00 26.67 ? 102 HIS A NE2 1 
ATOM   793  N N   . PHE A 1 123 ? 8.717   2.606   8.557   1.00 17.47 ? 103 PHE A N   1 
ATOM   794  C CA  . PHE A 1 123 ? 8.275   1.373   9.168   1.00 18.01 ? 103 PHE A CA  1 
ATOM   795  C C   . PHE A 1 123 ? 8.825   0.166   8.437   1.00 17.64 ? 103 PHE A C   1 
ATOM   796  O O   . PHE A 1 123 ? 9.255   0.260   7.290   1.00 16.63 ? 103 PHE A O   1 
ATOM   797  C CB  . PHE A 1 123 ? 6.738   1.331   9.335   1.00 17.36 ? 103 PHE A CB  1 
ATOM   798  C CG  . PHE A 1 123 ? 5.935   1.100   8.065   1.00 18.13 ? 103 PHE A CG  1 
ATOM   799  C CD1 . PHE A 1 123 ? 5.704   -0.189  7.596   1.00 16.86 ? 103 PHE A CD1 1 
ATOM   800  C CD2 . PHE A 1 123 ? 5.329   2.165   7.399   1.00 19.14 ? 103 PHE A CD2 1 
ATOM   801  C CE1 . PHE A 1 123 ? 4.913   -0.405  6.466   1.00 18.14 ? 103 PHE A CE1 1 
ATOM   802  C CE2 . PHE A 1 123 ? 4.543   1.944   6.262   1.00 18.17 ? 103 PHE A CE2 1 
ATOM   803  C CZ  . PHE A 1 123 ? 4.340   0.650   5.810   1.00 17.32 ? 103 PHE A CZ  1 
ATOM   804  N N   . SER A 1 124 ? 8.881   -0.937  9.170   1.00 17.92 ? 104 SER A N   1 
ATOM   805  C CA  . SER A 1 124 ? 9.312   -2.219  8.648   1.00 18.17 ? 104 SER A CA  1 
ATOM   806  C C   . SER A 1 124 ? 8.147   -3.189  8.831   1.00 17.76 ? 104 SER A C   1 
ATOM   807  O O   . SER A 1 124 ? 7.356   -3.032  9.747   1.00 17.43 ? 104 SER A O   1 
ATOM   808  C CB  . SER A 1 124 ? 10.548  -2.688  9.410   1.00 18.92 ? 104 SER A CB  1 
ATOM   809  O OG  . SER A 1 124 ? 11.605  -1.735  9.254   1.00 21.59 ? 104 SER A OG  1 
ATOM   810  N N   . ALA A 1 125 ? 8.021   -4.141  7.925   1.00 17.21 ? 105 ALA A N   1 
ATOM   811  C CA  . ALA A 1 125 ? 6.999   -5.188  8.011   1.00 17.48 ? 105 ALA A CA  1 
ATOM   812  C C   . ALA A 1 125 ? 7.548   -6.447  7.379   1.00 17.61 ? 105 ALA A C   1 
ATOM   813  O O   . ALA A 1 125 ? 8.621   -6.422  6.740   1.00 17.35 ? 105 ALA A O   1 
ATOM   814  C CB  . ALA A 1 125 ? 5.715   -4.760  7.293   1.00 17.13 ? 105 ALA A CB  1 
ATOM   815  N N   . LYS A 1 126 ? 6.837   -7.547  7.589   1.00 17.57 ? 106 LYS A N   1 
ATOM   816  C CA  . LYS A 1 126 ? 6.977   -8.724  6.733   1.00 17.99 ? 106 LYS A CA  1 
ATOM   817  C C   . LYS A 1 126 ? 5.720   -8.884  5.905   1.00 17.51 ? 106 LYS A C   1 
ATOM   818  O O   . LYS A 1 126 ? 4.635   -8.519  6.334   1.00 18.10 ? 106 LYS A O   1 
ATOM   819  C CB  . LYS A 1 126 ? 7.287   -9.996  7.493   1.00 19.60 ? 106 LYS A CB  1 
ATOM   820  C CG  . LYS A 1 126 ? 6.453   -10.312 8.687   1.00 23.04 ? 106 LYS A CG  1 
ATOM   821  C CD  . LYS A 1 126 ? 7.205   -11.307 9.593   1.00 26.02 ? 106 LYS A CD  1 
ATOM   822  C CE  . LYS A 1 126 ? 6.353   -11.686 10.783  1.00 29.12 ? 106 LYS A CE  1 
ATOM   823  N NZ  . LYS A 1 126 ? 6.839   -12.907 11.465  1.00 28.30 ? 106 LYS A NZ  1 
ATOM   824  N N   . VAL A 1 127 ? 5.889   -9.374  4.690   1.00 16.96 ? 107 VAL A N   1 
ATOM   825  C CA  . VAL A 1 127 ? 4.768   -9.569  3.780   1.00 16.32 ? 107 VAL A CA  1 
ATOM   826  C C   . VAL A 1 127 ? 4.909   -10.906 3.092   1.00 17.31 ? 107 VAL A C   1 
ATOM   827  O O   . VAL A 1 127 ? 6.008   -11.324 2.758   1.00 17.18 ? 107 VAL A O   1 
ATOM   828  C CB  . VAL A 1 127 ? 4.630   -8.402  2.752   1.00 15.83 ? 107 VAL A CB  1 
ATOM   829  C CG1 . VAL A 1 127 ? 5.792   -8.342  1.781   1.00 17.18 ? 107 VAL A CG1 1 
ATOM   830  C CG2 . VAL A 1 127 ? 3.341   -8.508  1.943   1.00 14.89 ? 107 VAL A CG2 1 
ATOM   831  N N   . ARG A 1 128 ? 3.785   -11.582 2.890   1.00 18.25 ? 108 ARG A N   1 
ATOM   832  C CA  . ARG A 1 128 ? 3.759   -12.770 2.067   1.00 18.81 ? 108 ARG A CA  1 
ATOM   833  C C   . ARG A 1 128 ? 2.619   -12.702 1.071   1.00 20.01 ? 108 ARG A C   1 
ATOM   834  O O   . ARG A 1 128 ? 1.718   -11.855 1.188   1.00 19.80 ? 108 ARG A O   1 
ATOM   835  C CB  . ARG A 1 128 ? 3.678   -14.035 2.907   1.00 19.02 ? 108 ARG A CB  1 
ATOM   836  C CG  . ARG A 1 128 ? 2.612   -14.076 3.946   1.00 19.33 ? 108 ARG A CG  1 
ATOM   837  C CD  . ARG A 1 128 ? 2.892   -15.199 4.935   1.00 20.35 ? 108 ARG A CD  1 
ATOM   838  N NE  . ARG A 1 128 ? 1.833   -15.346 5.916   1.00 23.22 ? 108 ARG A NE  1 
ATOM   839  C CZ  . ARG A 1 128 ? 1.867   -16.218 6.919   1.00 26.69 ? 108 ARG A CZ  1 
ATOM   840  N NH1 . ARG A 1 128 ? 2.919   -17.013 7.095   1.00 27.68 ? 108 ARG A NH1 1 
ATOM   841  N NH2 . ARG A 1 128 ? 0.854   -16.272 7.773   1.00 27.97 ? 108 ARG A NH2 1 
ATOM   842  N N   . PHE A 1 129 ? 2.682   -13.589 0.087   1.00 20.54 ? 109 PHE A N   1 
ATOM   843  C CA  . PHE A 1 129 ? 1.772   -13.544 -1.057  1.00 21.91 ? 109 PHE A CA  1 
ATOM   844  C C   . PHE A 1 129 ? 1.142   -14.884 -1.347  1.00 23.44 ? 109 PHE A C   1 
ATOM   845  O O   . PHE A 1 129 ? 1.727   -15.942 -1.094  1.00 24.44 ? 109 PHE A O   1 
ATOM   846  C CB  . PHE A 1 129 ? 2.502   -13.061 -2.318  1.00 21.36 ? 109 PHE A CB  1 
ATOM   847  C CG  . PHE A 1 129 ? 3.066   -11.689 -2.199  1.00 20.69 ? 109 PHE A CG  1 
ATOM   848  C CD1 . PHE A 1 129 ? 2.326   -10.582 -2.621  1.00 20.46 ? 109 PHE A CD1 1 
ATOM   849  C CD2 . PHE A 1 129 ? 4.356   -11.489 -1.704  1.00 20.39 ? 109 PHE A CD2 1 
ATOM   850  C CE1 . PHE A 1 129 ? 2.854   -9.317  -2.511  1.00 19.59 ? 109 PHE A CE1 1 
ATOM   851  C CE2 . PHE A 1 129 ? 4.882   -10.227 -1.593  1.00 19.76 ? 109 PHE A CE2 1 
ATOM   852  C CZ  . PHE A 1 129 ? 4.126   -9.133  -2.009  1.00 19.76 ? 109 PHE A CZ  1 
ATOM   853  N N   . ASP A 1 130 ? -0.065  -14.812 -1.898  1.00 25.15 ? 110 ASP A N   1 
ATOM   854  C CA  . ASP A 1 130 ? -0.855  -15.967 -2.301  1.00 26.23 ? 110 ASP A CA  1 
ATOM   855  C C   . ASP A 1 130 ? -0.143  -16.741 -3.413  1.00 27.72 ? 110 ASP A C   1 
ATOM   856  O O   . ASP A 1 130 ? 0.189   -16.179 -4.453  1.00 26.54 ? 110 ASP A O   1 
ATOM   857  C CB  . ASP A 1 130 ? -2.224  -15.457 -2.793  1.00 26.72 ? 110 ASP A CB  1 
ATOM   858  C CG  . ASP A 1 130 ? -3.230  -16.552 -3.046  1.00 27.83 ? 110 ASP A CG  1 
ATOM   859  O OD1 . ASP A 1 130 ? -3.047  -17.685 -2.558  1.00 30.37 ? 110 ASP A OD1 1 
ATOM   860  O OD2 . ASP A 1 130 ? -4.269  -16.336 -3.711  1.00 26.33 ? 110 ASP A OD2 1 
ATOM   861  N N   . GLN A 1 131 ? 0.059   -18.038 -3.177  1.00 28.95 ? 111 GLN A N   1 
ATOM   862  C CA  . GLN A 1 131 ? 0.750   -18.940 -4.094  1.00 31.50 ? 111 GLN A CA  1 
ATOM   863  C C   . GLN A 1 131 ? -0.239  -19.854 -4.806  1.00 32.90 ? 111 GLN A C   1 
ATOM   864  O O   . GLN A 1 131 ? 0.176   -20.752 -5.547  1.00 34.29 ? 111 GLN A O   1 
ATOM   865  C CB  . GLN A 1 131 ? 1.751   -19.814 -3.331  1.00 32.15 ? 111 GLN A CB  1 
ATOM   866  C CG  . GLN A 1 131 ? 2.684   -19.048 -2.424  1.00 34.23 ? 111 GLN A CG  1 
ATOM   867  C CD  . GLN A 1 131 ? 3.706   -18.239 -3.193  1.00 38.23 ? 111 GLN A CD  1 
ATOM   868  O OE1 . GLN A 1 131 ? 4.446   -18.790 -4.017  1.00 41.56 ? 111 GLN A OE1 1 
ATOM   869  N NE2 . GLN A 1 131 ? 3.766   -16.931 -2.920  1.00 37.64 ? 111 GLN A NE2 1 
ATOM   870  N N   . SER A 1 132 ? -1.535  -19.631 -4.581  1.00 33.80 ? 112 SER A N   1 
ATOM   871  C CA  . SER A 1 132 ? -2.588  -20.482 -5.148  1.00 35.30 ? 112 SER A CA  1 
ATOM   872  C C   . SER A 1 132 ? -2.552  -20.522 -6.669  1.00 35.85 ? 112 SER A C   1 
ATOM   873  O O   . SER A 1 132 ? -2.909  -21.547 -7.273  1.00 37.08 ? 112 SER A O   1 
ATOM   874  C CB  . SER A 1 132 ? -3.972  -20.006 -4.686  1.00 35.22 ? 112 SER A CB  1 
ATOM   875  O OG  . SER A 1 132 ? -4.258  -18.701 -5.178  1.00 35.48 ? 112 SER A OG  1 
ATOM   876  N N   . GLY A 1 133 ? -2.128  -19.414 -7.279  1.00 35.58 ? 113 GLY A N   1 
ATOM   877  C CA  . GLY A 1 133 ? -2.178  -19.236 -8.719  1.00 35.67 ? 113 GLY A CA  1 
ATOM   878  C C   . GLY A 1 133 ? -3.290  -18.296 -9.149  1.00 35.24 ? 113 GLY A C   1 
ATOM   879  O O   . GLY A 1 133 ? -3.371  -17.921 -10.320 1.00 36.48 ? 113 GLY A O   1 
ATOM   880  N N   . ARG A 1 134 ? -4.159  -17.920 -8.213  1.00 34.28 ? 114 ARG A N   1 
ATOM   881  C CA  . ARG A 1 134 ? -5.221  -16.961 -8.496  1.00 33.32 ? 114 ARG A CA  1 
ATOM   882  C C   . ARG A 1 134 ? -4.708  -15.522 -8.351  1.00 32.13 ? 114 ARG A C   1 
ATOM   883  O O   . ARG A 1 134 ? -3.866  -15.239 -7.491  1.00 31.26 ? 114 ARG A O   1 
ATOM   884  C CB  . ARG A 1 134 ? -6.400  -17.179 -7.547  1.00 33.32 ? 114 ARG A CB  1 
ATOM   885  C CG  . ARG A 1 134 ? -7.158  -18.485 -7.812  1.00 34.90 ? 114 ARG A CG  1 
ATOM   886  C CD  . ARG A 1 134 ? -8.433  -18.602 -7.019  1.00 35.38 ? 114 ARG A CD  1 
ATOM   887  N NE  . ARG A 1 134 ? -8.176  -18.595 -5.582  1.00 36.17 ? 114 ARG A NE  1 
ATOM   888  C CZ  . ARG A 1 134 ? -7.640  -19.599 -4.897  1.00 38.63 ? 114 ARG A CZ  1 
ATOM   889  N NH1 . ARG A 1 134 ? -7.454  -19.473 -3.596  1.00 40.07 ? 114 ARG A NH1 1 
ATOM   890  N NH2 . ARG A 1 134 ? -7.292  -20.743 -5.490  1.00 40.68 ? 114 ARG A NH2 1 
ATOM   891  N N   . ASN A 1 135 ? -5.219  -14.629 -9.198  1.00 31.22 ? 115 ASN A N   1 
ATOM   892  C CA  . ASN A 1 135 ? -4.944  -13.195 -9.076  1.00 30.37 ? 115 ASN A CA  1 
ATOM   893  C C   . ASN A 1 135 ? -5.891  -12.573 -8.042  1.00 29.89 ? 115 ASN A C   1 
ATOM   894  O O   . ASN A 1 135 ? -6.611  -13.301 -7.351  1.00 29.20 ? 115 ASN A O   1 
ATOM   895  C CB  . ASN A 1 135 ? -5.004  -12.494 -10.446 1.00 30.33 ? 115 ASN A CB  1 
ATOM   896  C CG  . ASN A 1 135 ? -6.410  -12.422 -11.028 1.00 30.76 ? 115 ASN A CG  1 
ATOM   897  O OD1 . ASN A 1 135 ? -7.404  -12.576 -10.315 1.00 32.43 ? 115 ASN A OD1 1 
ATOM   898  N ND2 . ASN A 1 135 ? -6.496  -12.167 -12.329 1.00 35.08 ? 115 ASN A ND2 1 
ATOM   899  N N   . ARG A 1 136 ? -5.884  -11.244 -7.911  1.00 28.74 ? 116 ARG A N   1 
ATOM   900  C CA  . ARG A 1 136 ? -6.646  -10.598 -6.846  1.00 29.01 ? 116 ARG A CA  1 
ATOM   901  C C   . ARG A 1 136 ? -8.140  -10.563 -7.109  1.00 30.76 ? 116 ARG A C   1 
ATOM   902  O O   . ARG A 1 136 ? -8.909  -10.302 -6.201  1.00 31.12 ? 116 ARG A O   1 
ATOM   903  C CB  . ARG A 1 136 ? -6.143  -9.176  -6.575  1.00 28.06 ? 116 ARG A CB  1 
ATOM   904  C CG  . ARG A 1 136 ? -4.863  -9.154  -5.784  1.00 24.47 ? 116 ARG A CG  1 
ATOM   905  C CD  . ARG A 1 136 ? -4.186  -7.780  -5.806  1.00 22.60 ? 116 ARG A CD  1 
ATOM   906  N NE  . ARG A 1 136 ? -2.994  -7.742  -4.970  1.00 19.69 ? 116 ARG A NE  1 
ATOM   907  C CZ  . ARG A 1 136 ? -2.930  -7.271  -3.745  1.00 20.57 ? 116 ARG A CZ  1 
ATOM   908  N NH1 . ARG A 1 136 ? -4.016  -6.834  -3.117  1.00 20.49 ? 116 ARG A NH1 1 
ATOM   909  N NH2 . ARG A 1 136 ? -1.751  -7.281  -3.106  1.00 18.40 ? 116 ARG A NH2 1 
ATOM   910  N N   . LEU A 1 137 ? -8.539  -10.816 -8.348  1.00 33.12 ? 117 LEU A N   1 
ATOM   911  C CA  . LEU A 1 137 ? -9.953  -10.955 -8.681  1.00 35.44 ? 117 LEU A CA  1 
ATOM   912  C C   . LEU A 1 137 ? -10.414 -12.417 -8.650  1.00 36.94 ? 117 LEU A C   1 
ATOM   913  O O   . LEU A 1 137 ? -11.538 -12.712 -9.037  1.00 37.89 ? 117 LEU A O   1 
ATOM   914  C CB  . LEU A 1 137 ? -10.224 -10.338 -10.051 1.00 35.45 ? 117 LEU A CB  1 
ATOM   915  C CG  . LEU A 1 137 ? -9.794  -8.879  -10.235 1.00 37.03 ? 117 LEU A CG  1 
ATOM   916  C CD1 . LEU A 1 137 ? -10.138 -8.424  -11.641 1.00 38.12 ? 117 LEU A CD1 1 
ATOM   917  C CD2 . LEU A 1 137 ? -10.417 -7.946  -9.208  1.00 37.48 ? 117 LEU A CD2 1 
ATOM   918  N N   . GLY A 1 138 ? -9.548  -13.322 -8.185  1.00 38.32 ? 118 GLY A N   1 
ATOM   919  C CA  . GLY A 1 138 ? -9.893  -14.723 -7.997  1.00 40.07 ? 118 GLY A CA  1 
ATOM   920  C C   . GLY A 1 138 ? -9.821  -15.587 -9.245  1.00 41.73 ? 118 GLY A C   1 
ATOM   921  O O   . GLY A 1 138 ? -10.345 -16.707 -9.258  1.00 42.11 ? 118 GLY A O   1 
ATOM   922  N N   . GLU A 1 139 ? -9.146  -15.094 -10.276 1.00 43.11 ? 119 GLU A N   1 
ATOM   923  C CA  . GLU A 1 139 ? -9.114  -15.741 -11.584 1.00 45.05 ? 119 GLU A CA  1 
ATOM   924  C C   . GLU A 1 139 ? -7.809  -16.504 -11.787 1.00 46.13 ? 119 GLU A C   1 
ATOM   925  O O   . GLU A 1 139 ? -6.748  -16.037 -11.390 1.00 45.43 ? 119 GLU A O   1 
ATOM   926  C CB  . GLU A 1 139 ? -9.272  -14.691 -12.691 1.00 45.12 ? 119 GLU A CB  1 
ATOM   927  C CG  . GLU A 1 139 ? -10.519 -13.826 -12.551 1.00 46.36 ? 119 GLU A CG  1 
ATOM   928  C CD  . GLU A 1 139 ? -10.415 -12.500 -13.287 1.00 47.40 ? 119 GLU A CD  1 
ATOM   929  O OE1 . GLU A 1 139 ? -11.455 -11.815 -13.418 1.00 49.69 ? 119 GLU A OE1 1 
ATOM   930  O OE2 . GLU A 1 139 ? -9.308  -12.140 -13.745 1.00 47.81 ? 119 GLU A OE2 1 
ATOM   931  N N   . SER A 1 140 ? -7.890  -17.677 -12.412 1.00 48.06 ? 120 SER A N   1 
ATOM   932  C CA  . SER A 1 140 ? -6.706  -18.509 -12.631 1.00 49.38 ? 120 SER A CA  1 
ATOM   933  C C   . SER A 1 140 ? -6.077  -18.201 -13.992 1.00 50.26 ? 120 SER A C   1 
ATOM   934  O O   . SER A 1 140 ? -5.349  -17.211 -14.126 1.00 50.38 ? 120 SER A O   1 
ATOM   935  C CB  . SER A 1 140 ? -7.052  -19.997 -12.480 1.00 50.25 ? 120 SER A CB  1 
ATOM   936  O OG  . SER A 1 140 ? -7.123  -20.350 -11.111 1.00 50.92 ? 120 SER A OG  1 
ATOM   937  N N   . ALA A 1 141 ? -6.370  -19.023 -14.999 1.00 51.44 ? 121 ALA A N   1 
ATOM   938  C CA  . ALA A 1 141 ? -5.733  -18.904 -16.312 1.00 51.88 ? 121 ALA A CA  1 
ATOM   939  C C   . ALA A 1 141 ? -6.327  -19.901 -17.306 1.00 52.64 ? 121 ALA A C   1 
ATOM   940  O O   . ALA A 1 141 ? -6.615  -21.045 -16.954 1.00 53.19 ? 121 ALA A O   1 
ATOM   941  C CB  . ALA A 1 141 ? -4.219  -19.111 -16.192 1.00 52.02 ? 121 ALA A CB  1 
ATOM   942  N N   . ARG A 1 157 ? -9.449  -19.827 -0.895  1.00 45.43 ? 137 ARG A N   1 
ATOM   943  C CA  . ARG A 1 157 ? -8.410  -20.224 0.055   1.00 45.25 ? 137 ARG A CA  1 
ATOM   944  C C   . ARG A 1 157 ? -7.017  -19.738 -0.371  1.00 42.86 ? 137 ARG A C   1 
ATOM   945  O O   . ARG A 1 157 ? -6.355  -20.418 -1.150  1.00 43.16 ? 137 ARG A O   1 
ATOM   946  C CB  . ARG A 1 157 ? -8.374  -21.756 0.181   1.00 46.71 ? 137 ARG A CB  1 
ATOM   947  C CG  . ARG A 1 157 ? -8.424  -22.521 -1.174  1.00 49.63 ? 137 ARG A CG  1 
ATOM   948  C CD  . ARG A 1 157 ? -7.309  -23.564 -1.379  1.00 52.87 ? 137 ARG A CD  1 
ATOM   949  N NE  . ARG A 1 157 ? -6.406  -23.223 -2.490  1.00 54.64 ? 137 ARG A NE  1 
ATOM   950  C CZ  . ARG A 1 157 ? -6.368  -23.834 -3.684  1.00 56.36 ? 137 ARG A CZ  1 
ATOM   951  N NH1 . ARG A 1 157 ? -5.487  -23.424 -4.594  1.00 56.12 ? 137 ARG A NH1 1 
ATOM   952  N NH2 . ARG A 1 157 ? -7.186  -24.846 -3.983  1.00 58.25 ? 137 ARG A NH2 1 
ATOM   953  N N   . PRO A 1 158 ? -6.539  -18.595 0.123   1.00 40.59 ? 138 PRO A N   1 
ATOM   954  C CA  . PRO A 1 158 ? -5.164  -18.198 -0.197  1.00 38.35 ? 138 PRO A CA  1 
ATOM   955  C C   . PRO A 1 158 ? -4.156  -19.143 0.469   1.00 36.84 ? 138 PRO A C   1 
ATOM   956  O O   . PRO A 1 158 ? -4.374  -19.560 1.607   1.00 36.86 ? 138 PRO A O   1 
ATOM   957  C CB  . PRO A 1 158 ? -5.052  -16.770 0.364   1.00 38.15 ? 138 PRO A CB  1 
ATOM   958  C CG  . PRO A 1 158 ? -6.107  -16.691 1.425   1.00 39.76 ? 138 PRO A CG  1 
ATOM   959  C CD  . PRO A 1 158 ? -7.206  -17.620 1.005   1.00 40.28 ? 138 PRO A CD  1 
ATOM   960  N N   . ILE A 1 159 ? -3.104  -19.502 -0.258  1.00 34.66 ? 139 ILE A N   1 
ATOM   961  C CA  . ILE A 1 159 ? -2.000  -20.304 0.264   1.00 33.79 ? 139 ILE A CA  1 
ATOM   962  C C   . ILE A 1 159 ? -0.792  -19.389 0.403   1.00 31.56 ? 139 ILE A C   1 
ATOM   963  O O   . ILE A 1 159 ? -0.178  -19.022 -0.593  1.00 30.44 ? 139 ILE A O   1 
ATOM   964  C CB  . ILE A 1 159 ? -1.666  -21.463 -0.710  1.00 34.73 ? 139 ILE A CB  1 
ATOM   965  C CG1 . ILE A 1 159 ? -2.836  -22.452 -0.800  1.00 36.82 ? 139 ILE A CG1 1 
ATOM   966  C CG2 . ILE A 1 159 ? -0.387  -22.191 -0.280  1.00 35.31 ? 139 ILE A CG2 1 
ATOM   967  C CD1 . ILE A 1 159 ? -2.832  -23.280 -2.079  1.00 38.48 ? 139 ILE A CD1 1 
ATOM   968  N N   . TRP A 1 160 ? -0.440  -19.037 1.631   1.00 29.52 ? 140 TRP A N   1 
ATOM   969  C CA  . TRP A 1 160 ? 0.615   -18.046 1.847   1.00 27.86 ? 140 TRP A CA  1 
ATOM   970  C C   . TRP A 1 160 ? 2.007   -18.625 1.580   1.00 26.72 ? 140 TRP A C   1 
ATOM   971  O O   . TRP A 1 160 ? 2.313   -19.741 1.977   1.00 26.44 ? 140 TRP A O   1 
ATOM   972  C CB  . TRP A 1 160 ? 0.522   -17.477 3.264   1.00 27.66 ? 140 TRP A CB  1 
ATOM   973  C CG  . TRP A 1 160 ? -0.775  -16.771 3.527   1.00 28.09 ? 140 TRP A CG  1 
ATOM   974  C CD1 . TRP A 1 160 ? -1.695  -17.064 4.494   1.00 30.88 ? 140 TRP A CD1 1 
ATOM   975  C CD2 . TRP A 1 160 ? -1.300  -15.648 2.804   1.00 27.35 ? 140 TRP A CD2 1 
ATOM   976  N NE1 . TRP A 1 160 ? -2.754  -16.190 4.419   1.00 30.67 ? 140 TRP A NE1 1 
ATOM   977  C CE2 . TRP A 1 160 ? -2.540  -15.313 3.387   1.00 27.90 ? 140 TRP A CE2 1 
ATOM   978  C CE3 . TRP A 1 160 ? -0.836  -14.883 1.730   1.00 24.15 ? 140 TRP A CE3 1 
ATOM   979  C CZ2 . TRP A 1 160 ? -3.320  -14.248 2.932   1.00 28.08 ? 140 TRP A CZ2 1 
ATOM   980  C CZ3 . TRP A 1 160 ? -1.620  -13.821 1.269   1.00 25.48 ? 140 TRP A CZ3 1 
ATOM   981  C CH2 . TRP A 1 160 ? -2.846  -13.515 1.875   1.00 25.02 ? 140 TRP A CH2 1 
ATOM   982  N N   . GLY A 1 161 ? 2.851   -17.856 0.899   1.00 25.14 ? 141 GLY A N   1 
ATOM   983  C CA  . GLY A 1 161 ? 4.233   -18.238 0.670   1.00 24.84 ? 141 GLY A CA  1 
ATOM   984  C C   . GLY A 1 161 ? 5.178   -17.760 1.767   1.00 24.47 ? 141 GLY A C   1 
ATOM   985  O O   . GLY A 1 161 ? 4.764   -17.425 2.892   1.00 24.13 ? 141 GLY A O   1 
ATOM   986  N N   . SER A 1 162 ? 6.461   -17.725 1.426   1.00 23.86 ? 142 SER A N   1 
ATOM   987  C CA  . SER A 1 162 ? 7.523   -17.311 2.344   1.00 23.11 ? 142 SER A CA  1 
ATOM   988  C C   . SER A 1 162 ? 7.497   -15.802 2.607   1.00 21.62 ? 142 SER A C   1 
ATOM   989  O O   . SER A 1 162 ? 7.067   -15.014 1.751   1.00 20.57 ? 142 SER A O   1 
ATOM   990  C CB  . SER A 1 162 ? 8.886   -17.700 1.771   1.00 23.92 ? 142 SER A CB  1 
ATOM   991  O OG  . SER A 1 162 ? 8.986   -19.118 1.604   1.00 25.99 ? 142 SER A OG  1 
ATOM   992  N N   . TRP A 1 163 ? 7.966   -15.418 3.790   1.00 21.22 ? 143 TRP A N   1 
ATOM   993  C CA  . TRP A 1 163 ? 8.074   -14.010 4.176   1.00 19.56 ? 143 TRP A CA  1 
ATOM   994  C C   . TRP A 1 163 ? 9.131   -13.243 3.370   1.00 18.89 ? 143 TRP A C   1 
ATOM   995  O O   . TRP A 1 163 ? 10.287  -13.709 3.201   1.00 18.18 ? 143 TRP A O   1 
ATOM   996  C CB  . TRP A 1 163 ? 8.408   -13.867 5.660   1.00 20.09 ? 143 TRP A CB  1 
ATOM   997  C CG  . TRP A 1 163 ? 7.312   -14.270 6.655   1.00 20.08 ? 143 TRP A CG  1 
ATOM   998  C CD1 . TRP A 1 163 ? 7.386   -15.270 7.586   1.00 23.61 ? 143 TRP A CD1 1 
ATOM   999  C CD2 . TRP A 1 163 ? 6.031   -13.651 6.842   1.00 20.19 ? 143 TRP A CD2 1 
ATOM   1000 N NE1 . TRP A 1 163 ? 6.227   -15.316 8.324   1.00 22.84 ? 143 TRP A NE1 1 
ATOM   1001 C CE2 . TRP A 1 163 ? 5.378   -14.335 7.884   1.00 22.13 ? 143 TRP A CE2 1 
ATOM   1002 C CE3 . TRP A 1 163 ? 5.347   -12.602 6.210   1.00 19.96 ? 143 TRP A CE3 1 
ATOM   1003 C CZ2 . TRP A 1 163 ? 4.087   -13.998 8.320   1.00 22.45 ? 143 TRP A CZ2 1 
ATOM   1004 C CZ3 . TRP A 1 163 ? 4.062   -12.262 6.664   1.00 20.16 ? 143 TRP A CZ3 1 
ATOM   1005 C CH2 . TRP A 1 163 ? 3.451   -12.967 7.696   1.00 22.40 ? 143 TRP A CH2 1 
ATOM   1006 N N   . PHE A 1 164 ? 8.697   -12.078 2.882   1.00 17.58 ? 144 PHE A N   1 
ATOM   1007 C CA  . PHE A 1 164 ? 9.543   -11.039 2.343   1.00 17.30 ? 144 PHE A CA  1 
ATOM   1008 C C   . PHE A 1 164 ? 9.726   -10.021 3.464   1.00 17.01 ? 144 PHE A C   1 
ATOM   1009 O O   . PHE A 1 164 ? 8.846   -9.847  4.283   1.00 16.50 ? 144 PHE A O   1 
ATOM   1010 C CB  . PHE A 1 164 ? 8.852   -10.253 1.225   1.00 16.80 ? 144 PHE A CB  1 
ATOM   1011 C CG  . PHE A 1 164 ? 8.685   -10.992 -0.072  1.00 18.86 ? 144 PHE A CG  1 
ATOM   1012 C CD1 . PHE A 1 164 ? 9.217   -10.464 -1.226  1.00 18.28 ? 144 PHE A CD1 1 
ATOM   1013 C CD2 . PHE A 1 164 ? 7.939   -12.151 -0.156  1.00 18.99 ? 144 PHE A CD2 1 
ATOM   1014 C CE1 . PHE A 1 164 ? 9.034   -11.100 -2.452  1.00 20.17 ? 144 PHE A CE1 1 
ATOM   1015 C CE2 . PHE A 1 164 ? 7.763   -12.798 -1.368  1.00 21.57 ? 144 PHE A CE2 1 
ATOM   1016 C CZ  . PHE A 1 164 ? 8.309   -12.262 -2.520  1.00 20.66 ? 144 PHE A CZ  1 
ATOM   1017 N N   . GLY A 1 165 ? 10.843  -9.307  3.440   1.00 15.80 ? 145 GLY A N   1 
ATOM   1018 C CA  . GLY A 1 165 ? 11.016  -8.129  4.257   1.00 16.03 ? 145 GLY A CA  1 
ATOM   1019 C C   . GLY A 1 165 ? 10.682  -6.897  3.451   1.00 16.27 ? 145 GLY A C   1 
ATOM   1020 O O   . GLY A 1 165 ? 10.995  -6.827  2.273   1.00 15.13 ? 145 GLY A O   1 
ATOM   1021 N N   . VAL A 1 166 ? 10.052  -5.921  4.104   1.00 17.60 ? 146 VAL A N   1 
ATOM   1022 C CA  . VAL A 1 166 ? 9.698   -4.648  3.489   1.00 18.37 ? 146 VAL A CA  1 
ATOM   1023 C C   . VAL A 1 166 ? 10.072  -3.465  4.401   1.00 17.76 ? 146 VAL A C   1 
ATOM   1024 O O   . VAL A 1 166 ? 9.887   -3.525  5.610   1.00 19.23 ? 146 VAL A O   1 
ATOM   1025 C CB  . VAL A 1 166 ? 8.178   -4.549  3.207   1.00 19.27 ? 146 VAL A CB  1 
ATOM   1026 C CG1 . VAL A 1 166 ? 7.874   -3.231  2.459   1.00 22.77 ? 146 VAL A CG1 1 
ATOM   1027 C CG2 . VAL A 1 166 ? 7.716   -5.699  2.382   1.00 21.81 ? 146 VAL A CG2 1 
ATOM   1028 N N   . ASP A 1 167 ? 10.610  -2.405  3.804   1.00 17.11 ? 147 ASP A N   1 
ATOM   1029 C CA  . ASP A 1 167 ? 10.816  -1.127  4.497   1.00 17.27 ? 147 ASP A CA  1 
ATOM   1030 C C   . ASP A 1 167 ? 10.038  -0.080  3.732   1.00 17.11 ? 147 ASP A C   1 
ATOM   1031 O O   . ASP A 1 167 ? 10.063  -0.063  2.497   1.00 16.30 ? 147 ASP A O   1 
ATOM   1032 C CB  . ASP A 1 167 ? 12.304  -0.742  4.492   1.00 18.01 ? 147 ASP A CB  1 
ATOM   1033 C CG  . ASP A 1 167 ? 13.031  -1.133  5.766   1.00 22.99 ? 147 ASP A CG  1 
ATOM   1034 O OD1 . ASP A 1 167 ? 12.478  -1.887  6.601   1.00 24.53 ? 147 ASP A OD1 1 
ATOM   1035 O OD2 . ASP A 1 167 ? 14.223  -0.772  5.982   1.00 27.98 ? 147 ASP A OD2 1 
ATOM   1036 N N   . VAL A 1 168 ? 9.348   0.794   4.454   1.00 16.26 ? 148 VAL A N   1 
ATOM   1037 C CA  . VAL A 1 168 ? 8.550   1.812   3.813   1.00 16.94 ? 148 VAL A CA  1 
ATOM   1038 C C   . VAL A 1 168 ? 8.852   3.148   4.490   1.00 17.39 ? 148 VAL A C   1 
ATOM   1039 O O   . VAL A 1 168 ? 8.920   3.221   5.715   1.00 17.76 ? 148 VAL A O   1 
ATOM   1040 C CB  . VAL A 1 168 ? 7.040   1.511   3.944   1.00 17.00 ? 148 VAL A CB  1 
ATOM   1041 C CG1 . VAL A 1 168 ? 6.225   2.613   3.305   1.00 16.96 ? 148 VAL A CG1 1 
ATOM   1042 C CG2 . VAL A 1 168 ? 6.694   0.190   3.327   1.00 18.22 ? 148 VAL A CG2 1 
ATOM   1043 N N   . ASN A 1 169 ? 9.046   4.182   3.676   1.00 17.21 ? 149 ASN A N   1 
ATOM   1044 C CA  . ASN A 1 169 ? 9.177   5.544   4.145   1.00 17.83 ? 149 ASN A CA  1 
ATOM   1045 C C   . ASN A 1 169 ? 8.021   6.370   3.573   1.00 17.32 ? 149 ASN A C   1 
ATOM   1046 O O   . ASN A 1 169 ? 7.810   6.387   2.385   1.00 16.57 ? 149 ASN A O   1 
ATOM   1047 C CB  . ASN A 1 169 ? 10.513  6.151   3.695   1.00 18.51 ? 149 ASN A CB  1 
ATOM   1048 C CG  . ASN A 1 169 ? 11.700  5.518   4.381   1.00 21.82 ? 149 ASN A CG  1 
ATOM   1049 O OD1 . ASN A 1 169 ? 11.791  5.511   5.603   1.00 23.91 ? 149 ASN A OD1 1 
ATOM   1050 N ND2 . ASN A 1 169 ? 12.615  4.984   3.595   1.00 25.43 ? 149 ASN A ND2 1 
ATOM   1051 N N   . LEU A 1 170 ? 7.264   7.024   4.444   1.00 17.66 ? 150 LEU A N   1 
ATOM   1052 C CA  . LEU A 1 170 ? 6.146   7.872   4.038   1.00 17.98 ? 150 LEU A CA  1 
ATOM   1053 C C   . LEU A 1 170 ? 6.394   9.305   4.520   1.00 18.86 ? 150 LEU A C   1 
ATOM   1054 O O   . LEU A 1 170 ? 6.972   9.510   5.588   1.00 19.86 ? 150 LEU A O   1 
ATOM   1055 C CB  . LEU A 1 170 ? 4.854   7.376   4.704   1.00 18.05 ? 150 LEU A CB  1 
ATOM   1056 C CG  . LEU A 1 170 ? 4.331   5.961   4.437   1.00 17.70 ? 150 LEU A CG  1 
ATOM   1057 C CD1 . LEU A 1 170 ? 2.974   5.763   5.177   1.00 18.58 ? 150 LEU A CD1 1 
ATOM   1058 C CD2 . LEU A 1 170 ? 4.210   5.632   2.986   1.00 18.39 ? 150 LEU A CD2 1 
ATOM   1059 N N   . VAL A 1 171 ? 5.976   10.285  3.739   1.00 19.34 ? 151 VAL A N   1 
ATOM   1060 C CA  . VAL A 1 171 ? 5.817   11.647  4.223   1.00 19.85 ? 151 VAL A CA  1 
ATOM   1061 C C   . VAL A 1 171 ? 4.314   11.934  4.116   1.00 20.81 ? 151 VAL A C   1 
ATOM   1062 O O   . VAL A 1 171 ? 3.742   11.853  3.030   1.00 20.28 ? 151 VAL A O   1 
ATOM   1063 C CB  . VAL A 1 171 ? 6.640   12.651  3.416   1.00 20.46 ? 151 VAL A CB  1 
ATOM   1064 C CG1 . VAL A 1 171 ? 6.491   14.046  4.016   1.00 21.53 ? 151 VAL A CG1 1 
ATOM   1065 C CG2 . VAL A 1 171 ? 8.114   12.236  3.381   1.00 19.83 ? 151 VAL A CG2 1 
ATOM   1066 N N   . VAL A 1 172 ? 3.679   12.224  5.249   1.00 21.96 ? 152 VAL A N   1 
ATOM   1067 C CA  . VAL A 1 172 ? 2.223   12.259  5.356   1.00 23.51 ? 152 VAL A CA  1 
ATOM   1068 C C   . VAL A 1 172 ? 1.773   13.556  5.999   1.00 25.34 ? 152 VAL A C   1 
ATOM   1069 O O   . VAL A 1 172 ? 2.437   14.061  6.887   1.00 25.19 ? 152 VAL A O   1 
ATOM   1070 C CB  . VAL A 1 172 ? 1.696   11.084  6.237   1.00 23.71 ? 152 VAL A CB  1 
ATOM   1071 C CG1 . VAL A 1 172 ? 0.176   10.968  6.131   1.00 24.43 ? 152 VAL A CG1 1 
ATOM   1072 C CG2 . VAL A 1 172 ? 2.364   9.768   5.858   1.00 24.13 ? 152 VAL A CG2 1 
ATOM   1073 N N   . ASP A 1 173 ? 0.640   14.092  5.559   1.00 27.23 ? 153 ASP A N   1 
ATOM   1074 C CA  . ASP A 1 173 ? 0.062   15.281  6.192   1.00 30.36 ? 153 ASP A CA  1 
ATOM   1075 C C   . ASP A 1 173 ? -0.248  14.989  7.661   1.00 32.93 ? 153 ASP A C   1 
ATOM   1076 O O   . ASP A 1 173 ? -0.606  13.864  8.005   1.00 32.47 ? 153 ASP A O   1 
ATOM   1077 C CB  . ASP A 1 173 ? -1.233  15.698  5.474   1.00 30.52 ? 153 ASP A CB  1 
ATOM   1078 C CG  . ASP A 1 173 ? -0.985  16.410  4.153   1.00 30.06 ? 153 ASP A CG  1 
ATOM   1079 O OD1 . ASP A 1 173 ? 0.184   16.637  3.781   1.00 29.58 ? 153 ASP A OD1 1 
ATOM   1080 O OD2 . ASP A 1 173 ? -1.923  16.785  3.413   1.00 29.74 ? 153 ASP A OD2 1 
ATOM   1081 N N   . GLU A 1 174 ? -0.141  16.019  8.503   1.00 37.07 ? 154 GLU A N   1 
ATOM   1082 C CA  . GLU A 1 174 ? -0.310  15.916  9.965   1.00 40.44 ? 154 GLU A CA  1 
ATOM   1083 C C   . GLU A 1 174 ? -1.541  15.143  10.446  1.00 42.71 ? 154 GLU A C   1 
ATOM   1084 O O   . GLU A 1 174 ? -1.453  14.325  11.371  1.00 43.04 ? 154 GLU A O   1 
ATOM   1085 C CB  . GLU A 1 174 ? -0.414  17.322  10.565  1.00 41.85 ? 154 GLU A CB  1 
ATOM   1086 C CG  . GLU A 1 174 ? 0.898   17.916  11.037  1.00 43.85 ? 154 GLU A CG  1 
ATOM   1087 C CD  . GLU A 1 174 ? 0.714   19.317  11.585  1.00 46.07 ? 154 GLU A CD  1 
ATOM   1088 O OE1 . GLU A 1 174 ? -0.351  19.925  11.316  1.00 48.15 ? 154 GLU A OE1 1 
ATOM   1089 O OE2 . GLU A 1 174 ? 1.629   19.810  12.284  1.00 49.15 ? 154 GLU A OE2 1 
ATOM   1090 N N   . ASN A 1 175 ? -2.690  15.442  9.852   1.00 45.44 ? 155 ASN A N   1 
ATOM   1091 C CA  . ASN A 1 175 ? -3.960  14.882  10.307  1.00 47.74 ? 155 ASN A CA  1 
ATOM   1092 C C   . ASN A 1 175 ? -4.162  13.490  9.737   1.00 48.15 ? 155 ASN A C   1 
ATOM   1093 O O   . ASN A 1 175 ? -4.762  13.312  8.675   1.00 48.17 ? 155 ASN A O   1 
ATOM   1094 C CB  . ASN A 1 175 ? -5.116  15.817  9.953   1.00 48.88 ? 155 ASN A CB  1 
ATOM   1095 C CG  . ASN A 1 175 ? -5.043  17.135  10.708  1.00 51.48 ? 155 ASN A CG  1 
ATOM   1096 O OD1 . ASN A 1 175 ? -5.238  18.210  10.133  1.00 54.42 ? 155 ASN A OD1 1 
ATOM   1097 N ND2 . ASN A 1 175 ? -4.750  17.058  12.002  1.00 53.19 ? 155 ASN A ND2 1 
ATOM   1098 N N   . VAL A 1 176 ? -3.655  12.509  10.477  1.00 49.15 ? 156 VAL A N   1 
ATOM   1099 C CA  . VAL A 1 176 ? -3.487  11.148  9.988   1.00 49.71 ? 156 VAL A CA  1 
ATOM   1100 C C   . VAL A 1 176 ? -4.691  10.246  10.289  1.00 51.09 ? 156 VAL A C   1 
ATOM   1101 O O   . VAL A 1 176 ? -4.751  9.111   9.809   1.00 51.09 ? 156 VAL A O   1 
ATOM   1102 C CB  . VAL A 1 176 ? -2.174  10.537  10.561  1.00 49.39 ? 156 VAL A CB  1 
ATOM   1103 C CG1 . VAL A 1 176 ? -2.411  9.776   11.879  1.00 49.73 ? 156 VAL A CG1 1 
ATOM   1104 C CG2 . VAL A 1 176 ? -1.513  9.659   9.528   1.00 49.04 ? 156 VAL A CG2 1 
ATOM   1105 N N   . MET A 1 177 ? -5.640  10.753  11.074  1.00 52.88 ? 157 MET A N   1 
ATOM   1106 C CA  . MET A 1 177 ? -6.873  10.034  11.386  1.00 54.21 ? 157 MET A CA  1 
ATOM   1107 C C   . MET A 1 177 ? -7.992  10.593  10.490  1.00 54.59 ? 157 MET A C   1 
ATOM   1108 O O   . MET A 1 177 ? -9.080  10.937  10.962  1.00 56.02 ? 157 MET A O   1 
ATOM   1109 C CB  . MET A 1 177 ? -7.202  10.180  12.890  1.00 55.52 ? 157 MET A CB  1 
ATOM   1110 C CG  . MET A 1 177 ? -7.727  8.902   13.571  1.00 57.22 ? 157 MET A CG  1 
ATOM   1111 S SD  . MET A 1 177 ? -6.537  8.104   14.705  1.00 60.02 ? 157 MET A SD  1 
ATOM   1112 C CE  . MET A 1 177 ? -5.578  7.076   13.558  1.00 57.87 ? 157 MET A CE  1 
ATOM   1113 N N   . GLN A 1 178 ? -7.709  10.673  9.189   1.00 53.68 ? 158 GLN A N   1 
ATOM   1114 C CA  . GLN A 1 178 ? -8.592  11.349  8.237   1.00 53.83 ? 158 GLN A CA  1 
ATOM   1115 C C   . GLN A 1 178 ? -9.149  10.438  7.146   1.00 52.70 ? 158 GLN A C   1 
ATOM   1116 O O   . GLN A 1 178 ? -10.267 10.656  6.677   1.00 53.44 ? 158 GLN A O   1 
ATOM   1117 C CB  . GLN A 1 178 ? -7.863  12.531  7.594   1.00 53.83 ? 158 GLN A CB  1 
ATOM   1118 C CG  . GLN A 1 178 ? -7.948  13.811  8.408   1.00 55.76 ? 158 GLN A CG  1 
ATOM   1119 C CD  . GLN A 1 178 ? -7.622  15.044  7.590   1.00 57.25 ? 158 GLN A CD  1 
ATOM   1120 O OE1 . GLN A 1 178 ? -8.443  15.954  7.482   1.00 59.48 ? 158 GLN A OE1 1 
ATOM   1121 N NE2 . GLN A 1 178 ? -6.427  15.078  7.008   1.00 56.57 ? 158 GLN A NE2 1 
ATOM   1122 N N   . ASP A 1 179 ? -8.364  9.447   6.725   1.00 50.64 ? 159 ASP A N   1 
ATOM   1123 C CA  . ASP A 1 179 ? -8.793  8.446   5.737   1.00 49.32 ? 159 ASP A CA  1 
ATOM   1124 C C   . ASP A 1 179 ? -8.849  8.944   4.279   1.00 47.14 ? 159 ASP A C   1 
ATOM   1125 O O   . ASP A 1 179 ? -9.152  8.159   3.376   1.00 47.32 ? 159 ASP A O   1 
ATOM   1126 C CB  . ASP A 1 179 ? -10.138 7.803   6.145   1.00 50.42 ? 159 ASP A CB  1 
ATOM   1127 C CG  . ASP A 1 179 ? -9.968  6.406   6.716   1.00 51.89 ? 159 ASP A CG  1 
ATOM   1128 O OD1 . ASP A 1 179 ? -9.435  5.534   5.992   1.00 53.85 ? 159 ASP A OD1 1 
ATOM   1129 O OD2 . ASP A 1 179 ? -10.334 6.088   7.875   1.00 54.70 ? 159 ASP A OD2 1 
ATOM   1130 N N   . GLY A 1 180 ? -8.535  10.219  4.044   1.00 44.63 ? 160 GLY A N   1 
ATOM   1131 C CA  . GLY A 1 180 ? -8.509  10.776  2.700   1.00 42.39 ? 160 GLY A CA  1 
ATOM   1132 C C   . GLY A 1 180 ? -7.115  10.706  2.090   1.00 39.35 ? 160 GLY A C   1 
ATOM   1133 O O   . GLY A 1 180 ? -6.267  9.919   2.526   1.00 38.93 ? 160 GLY A O   1 
ATOM   1134 N N   . GLU A 1 181 ? -6.876  11.538  1.084   1.00 36.77 ? 161 GLU A N   1 
ATOM   1135 C CA  . GLU A 1 181 ? -5.580  11.590  0.412   1.00 34.17 ? 161 GLU A CA  1 
ATOM   1136 C C   . GLU A 1 181 ? -4.594  12.465  1.208   1.00 32.05 ? 161 GLU A C   1 
ATOM   1137 O O   . GLU A 1 181 ? -4.599  13.699  1.103   1.00 31.49 ? 161 GLU A O   1 
ATOM   1138 C CB  . GLU A 1 181 ? -5.761  12.073  -1.034  1.00 34.54 ? 161 GLU A CB  1 
ATOM   1139 C CG  . GLU A 1 181 ? -6.673  11.146  -1.843  1.00 35.94 ? 161 GLU A CG  1 
ATOM   1140 C CD  . GLU A 1 181 ? -6.807  11.532  -3.309  1.00 38.41 ? 161 GLU A CD  1 
ATOM   1141 O OE1 . GLU A 1 181 ? -6.682  10.639  -4.185  1.00 39.85 ? 161 GLU A OE1 1 
ATOM   1142 O OE2 . GLU A 1 181 ? -7.055  12.721  -3.590  1.00 39.35 ? 161 GLU A OE2 1 
ATOM   1143 N N   . ILE A 1 182 ? -3.745  11.800  1.994   1.00 28.81 ? 162 ILE A N   1 
ATOM   1144 C CA  . ILE A 1 182 ? -2.820  12.462  2.907   1.00 26.88 ? 162 ILE A CA  1 
ATOM   1145 C C   . ILE A 1 182 ? -1.339  12.113  2.714   1.00 24.57 ? 162 ILE A C   1 
ATOM   1146 O O   . ILE A 1 182 ? -0.469  12.838  3.196   1.00 24.04 ? 162 ILE A O   1 
ATOM   1147 C CB  . ILE A 1 182 ? -3.224  12.187  4.374   1.00 27.42 ? 162 ILE A CB  1 
ATOM   1148 C CG1 . ILE A 1 182 ? -3.311  10.687  4.656   1.00 27.57 ? 162 ILE A CG1 1 
ATOM   1149 C CG2 . ILE A 1 182 ? -4.547  12.892  4.702   1.00 28.18 ? 162 ILE A CG2 1 
ATOM   1150 C CD1 . ILE A 1 182 ? -3.455  10.356  6.095   1.00 28.83 ? 162 ILE A CD1 1 
ATOM   1151 N N   . ILE A 1 183 ? -1.040  11.026  2.014   1.00 21.94 ? 163 ILE A N   1 
ATOM   1152 C CA  . ILE A 1 183 ? 0.360   10.629  1.810   1.00 21.10 ? 163 ILE A CA  1 
ATOM   1153 C C   . ILE A 1 183 ? 0.971   11.395  0.634   1.00 20.65 ? 163 ILE A C   1 
ATOM   1154 O O   . ILE A 1 183 ? 0.505   11.266  -0.498  1.00 20.72 ? 163 ILE A O   1 
ATOM   1155 C CB  . ILE A 1 183 ? 0.476   9.106   1.591   1.00 19.45 ? 163 ILE A CB  1 
ATOM   1156 C CG1 . ILE A 1 183 ? -0.086  8.344   2.804   1.00 20.00 ? 163 ILE A CG1 1 
ATOM   1157 C CG2 . ILE A 1 183 ? 1.949   8.730   1.351   1.00 20.10 ? 163 ILE A CG2 1 
ATOM   1158 C CD1 . ILE A 1 183 ? -0.241  6.836   2.620   1.00 20.56 ? 163 ILE A CD1 1 
ATOM   1159 N N   . ASN A 1 184 ? 1.991   12.212  0.924   1.00 20.66 ? 164 ASN A N   1 
ATOM   1160 C CA  . ASN A 1 184 ? 2.728   13.004  -0.064  1.00 20.85 ? 164 ASN A CA  1 
ATOM   1161 C C   . ASN A 1 184 ? 3.813   12.245  -0.793  1.00 19.74 ? 164 ASN A C   1 
ATOM   1162 O O   . ASN A 1 184 ? 4.140   12.556  -1.928  1.00 18.84 ? 164 ASN A O   1 
ATOM   1163 C CB  . ASN A 1 184 ? 3.376   14.224  0.602   1.00 21.65 ? 164 ASN A CB  1 
ATOM   1164 C CG  . ASN A 1 184 ? 2.361   15.066  1.353   1.00 23.60 ? 164 ASN A CG  1 
ATOM   1165 O OD1 . ASN A 1 184 ? 2.306   15.047  2.592   1.00 26.90 ? 164 ASN A OD1 1 
ATOM   1166 N ND2 . ASN A 1 184 ? 1.516   15.749  0.611   1.00 23.14 ? 164 ASN A ND2 1 
ATOM   1167 N N   . SER A 1 185 ? 4.394   11.262  -0.125  1.00 19.50 ? 165 SER A N   1 
ATOM   1168 C CA  . SER A 1 185 ? 5.410   10.423  -0.750  1.00 19.71 ? 165 SER A CA  1 
ATOM   1169 C C   . SER A 1 185 ? 5.449   9.047   -0.111  1.00 19.18 ? 165 SER A C   1 
ATOM   1170 O O   . SER A 1 185 ? 5.208   8.913   1.083   1.00 18.29 ? 165 SER A O   1 
ATOM   1171 C CB  . SER A 1 185 ? 6.794   11.086  -0.707  1.00 21.06 ? 165 SER A CB  1 
ATOM   1172 O OG  . SER A 1 185 ? 7.321   11.177  0.594   1.00 24.10 ? 165 SER A OG  1 
ATOM   1173 N N   . MET A 1 186 ? 5.716   8.039   -0.937  1.00 18.75 ? 166 MET A N   1 
ATOM   1174 C CA  . MET A 1 186 ? 5.850   6.648   -0.495  1.00 18.78 ? 166 MET A CA  1 
ATOM   1175 C C   . MET A 1 186 ? 7.056   6.027   -1.186  1.00 18.01 ? 166 MET A C   1 
ATOM   1176 O O   . MET A 1 186 ? 7.193   6.087   -2.412  1.00 18.11 ? 166 MET A O   1 
ATOM   1177 C CB  . MET A 1 186 ? 4.602   5.814   -0.803  1.00 19.55 ? 166 MET A CB  1 
ATOM   1178 C CG  . MET A 1 186 ? 4.766   4.310   -0.486  1.00 21.06 ? 166 MET A CG  1 
ATOM   1179 S SD  . MET A 1 186 ? 3.279   3.384   -0.789  1.00 26.01 ? 166 MET A SD  1 
ATOM   1180 C CE  . MET A 1 186 ? 3.251   3.331   -2.548  1.00 25.41 ? 166 MET A CE  1 
ATOM   1181 N N   . ASP A 1 187 ? 7.940   5.456   -0.375  1.00 17.73 ? 167 ASP A N   1 
ATOM   1182 C CA  . ASP A 1 187 ? 9.081   4.693   -0.832  1.00 17.78 ? 167 ASP A CA  1 
ATOM   1183 C C   . ASP A 1 187 ? 8.870   3.285   -0.251  1.00 17.07 ? 167 ASP A C   1 
ATOM   1184 O O   . ASP A 1 187 ? 8.992   3.101   0.946   1.00 17.51 ? 167 ASP A O   1 
ATOM   1185 C CB  . ASP A 1 187 ? 10.366  5.372   -0.325  1.00 18.72 ? 167 ASP A CB  1 
ATOM   1186 C CG  . ASP A 1 187 ? 11.587  4.484   -0.360  1.00 22.48 ? 167 ASP A CG  1 
ATOM   1187 O OD1 . ASP A 1 187 ? 11.703  3.595   -1.226  1.00 27.35 ? 167 ASP A OD1 1 
ATOM   1188 O OD2 . ASP A 1 187 ? 12.511  4.620   0.463   1.00 27.76 ? 167 ASP A OD2 1 
ATOM   1189 N N   . TYR A 1 188 ? 8.518   2.335   -1.109  1.00 16.33 ? 168 TYR A N   1 
ATOM   1190 C CA  . TYR A 1 188 ? 8.247   0.947   -0.729  1.00 16.23 ? 168 TYR A CA  1 
ATOM   1191 C C   . TYR A 1 188 ? 9.351   0.078   -1.322  1.00 16.40 ? 168 TYR A C   1 
ATOM   1192 O O   . TYR A 1 188 ? 9.604   0.138   -2.524  1.00 15.68 ? 168 TYR A O   1 
ATOM   1193 C CB  . TYR A 1 188 ? 6.877   0.544   -1.287  1.00 16.92 ? 168 TYR A CB  1 
ATOM   1194 C CG  . TYR A 1 188 ? 6.374   -0.825  -0.887  1.00 15.55 ? 168 TYR A CG  1 
ATOM   1195 C CD1 . TYR A 1 188 ? 5.414   -0.980  0.108   1.00 15.41 ? 168 TYR A CD1 1 
ATOM   1196 C CD2 . TYR A 1 188 ? 6.807   -1.968  -1.550  1.00 16.36 ? 168 TYR A CD2 1 
ATOM   1197 C CE1 . TYR A 1 188 ? 4.945   -2.237  0.459   1.00 17.01 ? 168 TYR A CE1 1 
ATOM   1198 C CE2 . TYR A 1 188 ? 6.351   -3.222  -1.194  1.00 17.36 ? 168 TYR A CE2 1 
ATOM   1199 C CZ  . TYR A 1 188 ? 5.409   -3.350  -0.196  1.00 17.08 ? 168 TYR A CZ  1 
ATOM   1200 O OH  . TYR A 1 188 ? 4.952   -4.610  0.170   1.00 17.37 ? 168 TYR A OH  1 
ATOM   1201 N N   . ARG A 1 189 ? 10.011  -0.718  -0.488  1.00 16.86 ? 169 ARG A N   1 
ATOM   1202 C CA  . ARG A 1 189 ? 11.202  -1.456  -0.912  1.00 18.81 ? 169 ARG A CA  1 
ATOM   1203 C C   . ARG A 1 189 ? 11.235  -2.849  -0.279  1.00 17.92 ? 169 ARG A C   1 
ATOM   1204 O O   . ARG A 1 189 ? 11.118  -2.949  0.910   1.00 17.03 ? 169 ARG A O   1 
ATOM   1205 C CB  . ARG A 1 189 ? 12.442  -0.672  -0.475  1.00 20.33 ? 169 ARG A CB  1 
ATOM   1206 C CG  . ARG A 1 189 ? 13.743  -1.099  -1.060  1.00 26.30 ? 169 ARG A CG  1 
ATOM   1207 C CD  . ARG A 1 189 ? 14.869  -0.140  -0.749  1.00 30.82 ? 169 ARG A CD  1 
ATOM   1208 N NE  . ARG A 1 189 ? 14.958  0.898   -1.775  1.00 36.44 ? 169 ARG A NE  1 
ATOM   1209 C CZ  . ARG A 1 189 ? 14.929  2.222   -1.572  1.00 39.34 ? 169 ARG A CZ  1 
ATOM   1210 N NH1 . ARG A 1 189 ? 14.842  2.770   -0.353  1.00 41.02 ? 169 ARG A NH1 1 
ATOM   1211 N NH2 . ARG A 1 189 ? 15.000  3.016   -2.628  1.00 39.38 ? 169 ARG A NH2 1 
ATOM   1212 N N   . PHE A 1 190 ? 11.402  -3.908  -1.057  1.00 17.27 ? 170 PHE A N   1 
ATOM   1213 C CA  . PHE A 1 190 ? 11.716  -5.210  -0.474  1.00 18.47 ? 170 PHE A CA  1 
ATOM   1214 C C   . PHE A 1 190 ? 13.156  -5.166  0.044   1.00 18.85 ? 170 PHE A C   1 
ATOM   1215 O O   . PHE A 1 190 ? 14.089  -4.792  -0.687  1.00 19.62 ? 170 PHE A O   1 
ATOM   1216 C CB  . PHE A 1 190 ? 11.572  -6.361  -1.497  1.00 18.86 ? 170 PHE A CB  1 
ATOM   1217 C CG  . PHE A 1 190 ? 10.155  -6.639  -1.938  1.00 20.86 ? 170 PHE A CG  1 
ATOM   1218 C CD1 . PHE A 1 190 ? 9.094   -6.592  -1.051  1.00 20.01 ? 170 PHE A CD1 1 
ATOM   1219 C CD2 . PHE A 1 190 ? 9.899   -7.021  -3.250  1.00 24.57 ? 170 PHE A CD2 1 
ATOM   1220 C CE1 . PHE A 1 190 ? 7.801   -6.842  -1.471  1.00 22.30 ? 170 PHE A CE1 1 
ATOM   1221 C CE2 . PHE A 1 190 ? 8.604   -7.299  -3.672  1.00 24.95 ? 170 PHE A CE2 1 
ATOM   1222 C CZ  . PHE A 1 190 ? 7.556   -7.206  -2.779  1.00 24.20 ? 170 PHE A CZ  1 
ATOM   1223 N N   . THR A 1 191 ? 13.331  -5.527  1.311   1.00 18.82 ? 171 THR A N   1 
ATOM   1224 C CA  . THR A 1 191 ? 14.660  -5.657  1.915   1.00 19.26 ? 171 THR A CA  1 
ATOM   1225 C C   . THR A 1 191 ? 15.121  -7.103  2.023   1.00 19.25 ? 171 THR A C   1 
ATOM   1226 O O   . THR A 1 191 ? 16.310  -7.359  2.280   1.00 18.15 ? 171 THR A O   1 
ATOM   1227 C CB  . THR A 1 191 ? 14.645  -5.046  3.304   1.00 19.44 ? 171 THR A CB  1 
ATOM   1228 O OG1 . THR A 1 191 ? 13.598  -5.661  4.082   1.00 18.59 ? 171 THR A OG1 1 
ATOM   1229 C CG2 . THR A 1 191 ? 14.294  -3.581  3.241   1.00 21.23 ? 171 THR A CG2 1 
ATOM   1230 N N   . TYR A 1 192 ? 14.190  -8.039  1.844   1.00 18.17 ? 172 TYR A N   1 
ATOM   1231 C CA  . TYR A 1 192 ? 14.514  -9.458  1.661   1.00 18.88 ? 172 TYR A CA  1 
ATOM   1232 C C   . TYR A 1 192 ? 13.503  -10.102 0.725   1.00 19.73 ? 172 TYR A C   1 
ATOM   1233 O O   . TYR A 1 192 ? 12.294  -9.975  0.924   1.00 18.01 ? 172 TYR A O   1 
ATOM   1234 C CB  . TYR A 1 192 ? 14.526  -10.213 2.995   1.00 19.11 ? 172 TYR A CB  1 
ATOM   1235 C CG  . TYR A 1 192 ? 14.704  -11.690 2.789   1.00 19.17 ? 172 TYR A CG  1 
ATOM   1236 C CD1 . TYR A 1 192 ? 15.968  -12.220 2.536   1.00 20.58 ? 172 TYR A CD1 1 
ATOM   1237 C CD2 . TYR A 1 192 ? 13.619  -12.553 2.779   1.00 19.06 ? 172 TYR A CD2 1 
ATOM   1238 C CE1 . TYR A 1 192 ? 16.141  -13.581 2.299   1.00 20.74 ? 172 TYR A CE1 1 
ATOM   1239 C CE2 . TYR A 1 192 ? 13.779  -13.907 2.536   1.00 23.01 ? 172 TYR A CE2 1 
ATOM   1240 C CZ  . TYR A 1 192 ? 15.050  -14.420 2.314   1.00 21.67 ? 172 TYR A CZ  1 
ATOM   1241 O OH  . TYR A 1 192 ? 15.242  -15.764 2.082   1.00 22.08 ? 172 TYR A OH  1 
ATOM   1242 N N   . VAL A 1 193 ? 14.016  -10.833 -0.265  1.00 20.42 ? 173 VAL A N   1 
ATOM   1243 C CA  . VAL A 1 193 ? 13.180  -11.543 -1.215  1.00 21.87 ? 173 VAL A CA  1 
ATOM   1244 C C   . VAL A 1 193 ? 13.553  -13.025 -1.181  1.00 24.39 ? 173 VAL A C   1 
ATOM   1245 O O   . VAL A 1 193 ? 14.713  -13.375 -1.420  1.00 24.90 ? 173 VAL A O   1 
ATOM   1246 C CB  . VAL A 1 193 ? 13.398  -11.002 -2.651  1.00 21.51 ? 173 VAL A CB  1 
ATOM   1247 C CG1 . VAL A 1 193 ? 12.620  -11.838 -3.672  1.00 20.55 ? 173 VAL A CG1 1 
ATOM   1248 C CG2 . VAL A 1 193 ? 12.999  -9.548  -2.726  1.00 21.88 ? 173 VAL A CG2 1 
ATOM   1249 N N   . PRO A 1 194 ? 12.604  -13.897 -0.868  1.00 26.24 ? 174 PRO A N   1 
ATOM   1250 C CA  . PRO A 1 194 ? 12.900  -15.336 -0.825  1.00 28.93 ? 174 PRO A CA  1 
ATOM   1251 C C   . PRO A 1 194 ? 13.158  -15.929 -2.225  1.00 32.28 ? 174 PRO A C   1 
ATOM   1252 O O   . PRO A 1 194 ? 12.594  -15.464 -3.210  1.00 31.48 ? 174 PRO A O   1 
ATOM   1253 C CB  . PRO A 1 194 ? 11.654  -15.940 -0.167  1.00 28.28 ? 174 PRO A CB  1 
ATOM   1254 C CG  . PRO A 1 194 ? 10.551  -14.941 -0.418  1.00 26.92 ? 174 PRO A CG  1 
ATOM   1255 C CD  . PRO A 1 194 ? 11.202  -13.603 -0.520  1.00 25.58 ? 174 PRO A CD  1 
ATOM   1256 N N   . ASN A 1 195 ? 13.998  -16.958 -2.290  1.00 36.81 ? 175 ASN A N   1 
ATOM   1257 C CA  . ASN A 1 195 ? 14.416  -17.538 -3.571  1.00 40.70 ? 175 ASN A CA  1 
ATOM   1258 C C   . ASN A 1 195 ? 13.293  -18.280 -4.291  1.00 43.14 ? 175 ASN A C   1 
ATOM   1259 O O   . ASN A 1 195 ? 13.351  -18.459 -5.509  1.00 44.29 ? 175 ASN A O   1 
ATOM   1260 C CB  . ASN A 1 195 ? 15.576  -18.529 -3.379  1.00 42.24 ? 175 ASN A CB  1 
ATOM   1261 C CG  . ASN A 1 195 ? 16.774  -17.921 -2.669  1.00 44.05 ? 175 ASN A CG  1 
ATOM   1262 O OD1 . ASN A 1 195 ? 16.796  -16.732 -2.345  1.00 47.54 ? 175 ASN A OD1 1 
ATOM   1263 N ND2 . ASN A 1 195 ? 17.779  -18.753 -2.406  1.00 48.22 ? 175 ASN A ND2 1 
ATOM   1264 N N   . ASP A 1 196 ? 12.276  -18.693 -3.534  1.00 36.89 ? 176 ASP A N   1 
ATOM   1265 C CA  . ASP A 1 196 ? 11.344  -19.744 -3.953  1.00 38.66 ? 176 ASP A CA  1 
ATOM   1266 C C   . ASP A 1 196 ? 10.099  -19.241 -4.682  1.00 39.40 ? 176 ASP A C   1 
ATOM   1267 O O   . ASP A 1 196 ? 9.527   -18.206 -4.331  1.00 40.85 ? 176 ASP A O   1 
ATOM   1268 C CB  . ASP A 1 196 ? 10.938  -20.603 -2.739  1.00 39.34 ? 176 ASP A CB  1 
ATOM   1269 C CG  . ASP A 1 196 ? 10.440  -19.771 -1.554  1.00 40.97 ? 176 ASP A CG  1 
ATOM   1270 O OD1 . ASP A 1 196 ? 9.867   -18.681 -1.765  1.00 43.05 ? 176 ASP A OD1 1 
ATOM   1271 O OD2 . ASP A 1 196 ? 10.578  -20.139 -0.368  1.00 44.59 ? 176 ASP A OD2 1 
HETATM 1272 O O   . HOH B 2 .   ? 5.559   -17.079 5.548   1.00 23.97 ? 182 HOH A O   1 
HETATM 1273 O O   . HOH B 2 .   ? 11.803  2.034   -3.262  1.00 22.81 ? 183 HOH A O   1 
HETATM 1274 O O   . HOH B 2 .   ? -3.523  -9.971  -8.912  1.00 24.53 ? 184 HOH A O   1 
HETATM 1275 O O   . HOH B 2 .   ? 8.239   0.007   16.737  1.00 25.80 ? 185 HOH A O   1 
HETATM 1276 O O   . HOH B 2 .   ? 5.112   -15.081 -0.191  1.00 20.34 ? 186 HOH A O   1 
HETATM 1277 O O   . HOH B 2 .   ? 12.787  -4.592  6.502   1.00 21.22 ? 187 HOH A O   1 
HETATM 1278 O O   . HOH B 2 .   ? -4.168  -13.996 -5.099  1.00 27.58 ? 188 HOH A O   1 
HETATM 1279 O O   . HOH B 2 .   ? 18.263  -9.282  2.561   1.00 22.64 ? 189 HOH A O   1 
HETATM 1280 O O   . HOH B 2 .   ? 11.212  -6.450  7.696   1.00 23.64 ? 190 HOH A O   1 
HETATM 1281 O O   . HOH B 2 .   ? -3.966  3.743   1.983   1.00 29.97 ? 191 HOH A O   1 
HETATM 1282 O O   . HOH B 2 .   ? 1.329   12.264  -10.324 1.00 25.91 ? 192 HOH A O   1 
HETATM 1283 O O   . HOH B 2 .   ? -7.677  -5.676  4.148   1.00 25.66 ? 193 HOH A O   1 
HETATM 1284 O O   . HOH B 2 .   ? 8.687   8.719   1.153   1.00 23.01 ? 194 HOH A O   1 
HETATM 1285 O O   . HOH B 2 .   ? 10.891  -4.662  12.240  1.00 26.92 ? 195 HOH A O   1 
HETATM 1286 O O   . HOH B 2 .   ? -1.417  -16.600 -6.524  1.00 35.46 ? 196 HOH A O   1 
HETATM 1287 O O   . HOH B 2 .   ? -1.067  10.737  -23.593 1.00 29.00 ? 197 HOH A O   1 
HETATM 1288 O O   . HOH B 2 .   ? 8.238   1.874   -10.342 1.00 30.76 ? 198 HOH A O   1 
HETATM 1289 O O   . HOH B 2 .   ? -8.718  1.552   0.756   1.00 34.98 ? 199 HOH A O   1 
HETATM 1290 O O   . HOH B 2 .   ? 3.921   22.372  10.836  1.00 23.99 ? 200 HOH A O   1 
HETATM 1291 O O   . HOH B 2 .   ? 6.405   5.313   -14.254 1.00 26.79 ? 201 HOH A O   1 
HETATM 1292 O O   . HOH B 2 .   ? 11.304  7.757   6.755   1.00 38.55 ? 202 HOH A O   1 
HETATM 1293 O O   . HOH B 2 .   ? 1.452   1.209   -13.862 1.00 26.65 ? 203 HOH A O   1 
HETATM 1294 O O   . HOH B 2 .   ? 7.243   7.003   16.713  1.00 36.86 ? 204 HOH A O   1 
HETATM 1295 O O   . HOH B 2 .   ? -8.449  -10.642 -3.547  1.00 36.63 ? 205 HOH A O   1 
HETATM 1296 O O   . HOH B 2 .   ? 18.033  -5.202  2.968   1.00 41.89 ? 206 HOH A O   1 
HETATM 1297 O O   . HOH B 2 .   ? 0.254   9.334   -21.448 1.00 38.48 ? 207 HOH A O   1 
HETATM 1298 O O   . HOH B 2 .   ? -6.264  -6.750  6.058   1.00 32.80 ? 208 HOH A O   1 
HETATM 1299 O O   . HOH B 2 .   ? -6.835  6.150   -8.790  1.00 34.12 ? 209 HOH A O   1 
HETATM 1300 O O   . HOH B 2 .   ? -2.949  -3.957  8.488   1.00 32.63 ? 210 HOH A O   1 
HETATM 1301 O O   . HOH B 2 .   ? -6.841  -16.514 -2.761  1.00 39.62 ? 211 HOH A O   1 
HETATM 1302 O O   . HOH B 2 .   ? -0.035  2.241   -15.933 1.00 37.62 ? 212 HOH A O   1 
HETATM 1303 O O   . HOH B 2 .   ? 9.302   -3.890  -8.140  1.00 37.09 ? 213 HOH A O   1 
HETATM 1304 O O   . HOH B 2 .   ? -8.236  6.022   -3.887  1.00 29.68 ? 214 HOH A O   1 
HETATM 1305 O O   . HOH B 2 .   ? 3.238   24.144  6.588   1.00 32.79 ? 215 HOH A O   1 
HETATM 1306 O O   . HOH B 2 .   ? -9.407  -7.446  3.109   1.00 30.63 ? 216 HOH A O   1 
HETATM 1307 O O   . HOH B 2 .   ? -0.638  12.752  -14.544 1.00 40.49 ? 217 HOH A O   1 
HETATM 1308 O O   . HOH B 2 .   ? -8.729  -15.753 -4.551  1.00 41.06 ? 218 HOH A O   1 
HETATM 1309 O O   . HOH B 2 .   ? 0.859   6.104   -18.050 1.00 41.33 ? 219 HOH A O   1 
HETATM 1310 O O   . HOH B 2 .   ? -1.673  -20.626 3.822   1.00 33.77 ? 220 HOH A O   1 
HETATM 1311 O O   . HOH B 2 .   ? 12.375  21.937  9.321   1.00 35.80 ? 221 HOH A O   1 
HETATM 1312 O O   . HOH B 2 .   ? 8.763   -14.640 10.751  1.00 33.75 ? 222 HOH A O   1 
HETATM 1313 O O   . HOH B 2 .   ? 7.377   -18.210 -1.475  1.00 31.65 ? 223 HOH A O   1 
HETATM 1314 O O   . HOH B 2 .   ? 5.414   7.628   -17.045 1.00 37.34 ? 224 HOH A O   1 
HETATM 1315 O O   . HOH B 2 .   ? 0.103   -5.675  11.253  1.00 32.27 ? 225 HOH A O   1 
HETATM 1316 O O   . HOH B 2 .   ? -4.689  10.045  -13.565 1.00 35.80 ? 226 HOH A O   1 
HETATM 1317 O O   . HOH B 2 .   ? -2.493  15.255  -5.197  1.00 40.61 ? 227 HOH A O   1 
HETATM 1318 O O   . HOH B 2 .   ? -0.808  -13.945 6.532   1.00 36.09 ? 228 HOH A O   1 
HETATM 1319 O O   . HOH B 2 .   ? -9.028  13.584  0.034   1.00 45.99 ? 229 HOH A O   1 
HETATM 1320 O O   . HOH B 2 .   ? -9.743  -4.177  4.910   1.00 42.09 ? 230 HOH A O   1 
HETATM 1321 O O   . HOH B 2 .   ? 5.367   16.743  1.601   1.00 31.72 ? 231 HOH A O   1 
HETATM 1322 O O   . HOH B 2 .   ? -2.816  -3.235  -14.071 1.00 36.32 ? 232 HOH A O   1 
HETATM 1323 O O   . HOH B 2 .   ? 7.483   2.889   -13.043 1.00 37.50 ? 233 HOH A O   1 
HETATM 1324 O O   . HOH B 2 .   ? -5.011  -10.234 2.616   1.00 28.48 ? 234 HOH A O   1 
HETATM 1325 O O   . HOH B 2 .   ? 9.378   9.459   -6.929  1.00 32.54 ? 235 HOH A O   1 
HETATM 1326 O O   . HOH B 2 .   ? 3.542   2.606   -14.494 1.00 36.55 ? 236 HOH A O   1 
HETATM 1327 O O   . HOH B 2 .   ? 4.425   -14.145 12.951  1.00 45.54 ? 237 HOH A O   1 
HETATM 1328 O O   . HOH B 2 .   ? -1.356  9.037   -25.637 1.00 51.03 ? 238 HOH A O   1 
HETATM 1329 O O   . HOH B 2 .   ? -18.742 -6.531  -2.033  1.00 44.46 ? 239 HOH A O   1 
HETATM 1330 O O   . HOH B 2 .   ? -8.602  8.126   0.447   1.00 50.74 ? 240 HOH A O   1 
HETATM 1331 O O   . HOH B 2 .   ? 0.504   14.054  -12.328 1.00 37.55 ? 241 HOH A O   1 
HETATM 1332 O O   . HOH B 2 .   ? 6.497   20.340  2.913   1.00 52.17 ? 242 HOH A O   1 
HETATM 1333 O O   . HOH B 2 .   ? 1.687   20.537  4.185   1.00 47.92 ? 243 HOH A O   1 
HETATM 1334 O O   . HOH B 2 .   ? 0.200   4.914   17.616  1.00 42.38 ? 244 HOH A O   1 
HETATM 1335 O O   . HOH B 2 .   ? -3.019  12.299  -22.404 1.00 22.00 ? 245 HOH A O   1 
HETATM 1336 O O   . HOH B 2 .   ? -6.591  7.531   -17.727 1.00 37.94 ? 246 HOH A O   1 
HETATM 1337 O O   . HOH B 2 .   ? -7.791  -13.558 -3.882  1.00 54.74 ? 247 HOH A O   1 
HETATM 1338 O O   . HOH B 2 .   ? -10.209 9.891   -0.867  1.00 50.41 ? 248 HOH A O   1 
HETATM 1339 O O   . HOH B 2 .   ? -7.733  0.402   4.850   1.00 32.13 ? 249 HOH A O   1 
HETATM 1340 O O   . HOH B 2 .   ? -13.518 -5.362  -2.936  1.00 44.74 ? 250 HOH A O   1 
HETATM 1341 O O   . HOH B 2 .   ? -21.619 -5.477  -13.249 1.00 37.44 ? 251 HOH A O   1 
HETATM 1342 O O   . HOH B 2 .   ? 4.211   -2.852  15.863  1.00 46.04 ? 252 HOH A O   1 
# 
loop_
_pdbx_poly_seq_scheme.asym_id 
_pdbx_poly_seq_scheme.entity_id 
_pdbx_poly_seq_scheme.seq_id 
_pdbx_poly_seq_scheme.mon_id 
_pdbx_poly_seq_scheme.ndb_seq_num 
_pdbx_poly_seq_scheme.pdb_seq_num 
_pdbx_poly_seq_scheme.auth_seq_num 
_pdbx_poly_seq_scheme.pdb_mon_id 
_pdbx_poly_seq_scheme.auth_mon_id 
_pdbx_poly_seq_scheme.pdb_strand_id 
_pdbx_poly_seq_scheme.pdb_ins_code 
_pdbx_poly_seq_scheme.hetero 
A 1 1   MET 1   -19 ?   ?   ?   A . n 
A 1 2   GLY 2   -18 ?   ?   ?   A . n 
A 1 3   SER 3   -17 ?   ?   ?   A . n 
A 1 4   SER 4   -16 ?   ?   ?   A . n 
A 1 5   HIS 5   -15 ?   ?   ?   A . n 
A 1 6   HIS 6   -14 ?   ?   ?   A . n 
A 1 7   HIS 7   -13 ?   ?   ?   A . n 
A 1 8   HIS 8   -12 ?   ?   ?   A . n 
A 1 9   HIS 9   -11 ?   ?   ?   A . n 
A 1 10  HIS 10  -10 ?   ?   ?   A . n 
A 1 11  SER 11  -9  ?   ?   ?   A . n 
A 1 12  SER 12  -8  ?   ?   ?   A . n 
A 1 13  GLY 13  -7  ?   ?   ?   A . n 
A 1 14  LEU 14  -6  ?   ?   ?   A . n 
A 1 15  VAL 15  -5  ?   ?   ?   A . n 
A 1 16  PRO 16  -4  ?   ?   ?   A . n 
A 1 17  ARG 17  -3  ?   ?   ?   A . n 
A 1 18  GLY 18  -2  ?   ?   ?   A . n 
A 1 19  SER 19  -1  ?   ?   ?   A . n 
A 1 20  HIS 20  0   ?   ?   ?   A . n 
A 1 21  MET 21  1   ?   ?   ?   A . n 
A 1 22  ASN 22  2   ?   ?   ?   A . n 
A 1 23  GLN 23  3   3   GLN GLN A . n 
A 1 24  ASP 24  4   4   ASP ASP A . n 
A 1 25  PRO 25  5   5   PRO PRO A . n 
A 1 26  THR 26  6   6   THR THR A . n 
A 1 27  GLN 27  7   7   GLN GLN A . n 
A 1 28  GLN 28  8   8   GLN GLN A . n 
A 1 29  LEU 29  9   9   LEU LEU A . n 
A 1 30  GLU 30  10  10  GLU GLU A . n 
A 1 31  PRO 31  11  11  PRO PRO A . n 
A 1 32  PHE 32  12  12  PHE PHE A . n 
A 1 33  LEU 33  13  13  LEU LEU A . n 
A 1 34  LYS 34  14  14  LYS LYS A . n 
A 1 35  ARG 35  15  15  ARG ARG A . n 
A 1 36  PHE 36  16  16  PHE PHE A . n 
A 1 37  LEU 37  17  17  LEU LEU A . n 
A 1 38  ALA 38  18  18  ALA ALA A . n 
A 1 39  SER 39  19  19  SER SER A . n 
A 1 40  LEU 40  20  20  LEU LEU A . n 
A 1 41  ASP 41  21  21  ASP ASP A . n 
A 1 42  LEU 42  22  22  LEU LEU A . n 
A 1 43  LEU 43  23  23  LEU LEU A . n 
A 1 44  TYR 44  24  24  TYR TYR A . n 
A 1 45  THR 45  25  25  THR THR A . n 
A 1 46  GLN 46  26  26  GLN GLN A . n 
A 1 47  PRO 47  27  27  PRO PRO A . n 
A 1 48  THR 48  28  28  THR THR A . n 
A 1 49  SER 49  29  29  SER SER A . n 
A 1 50  GLN 50  30  30  GLN GLN A . n 
A 1 51  PRO 51  31  31  PRO PRO A . n 
A 1 52  PHE 52  32  32  PHE PHE A . n 
A 1 53  PRO 53  33  33  PRO PRO A . n 
A 1 54  ASN 54  34  34  ASN ASN A . n 
A 1 55  VAL 55  35  35  VAL VAL A . n 
A 1 56  GLU 56  36  36  GLU GLU A . n 
A 1 57  SER 57  37  37  SER SER A . n 
A 1 58  TYR 58  38  38  TYR TYR A . n 
A 1 59  ALA 59  39  39  ALA ALA A . n 
A 1 60  THR 60  40  40  THR THR A . n 
A 1 61  GLN 61  41  41  GLN GLN A . n 
A 1 62  LEU 62  42  42  LEU LEU A . n 
A 1 63  GLY 63  43  43  GLY GLY A . n 
A 1 64  SER 64  44  44  SER SER A . n 
A 1 65  ASN 65  45  45  ASN ASN A . n 
A 1 66  LEU 66  46  46  LEU LEU A . n 
A 1 67  LYS 67  47  47  LYS LYS A . n 
A 1 68  ARG 68  48  48  ARG ARG A . n 
A 1 69  SER 69  49  49  SER SER A . n 
A 1 70  SER 70  50  50  SER SER A . n 
A 1 71  ALA 71  51  51  ALA ALA A . n 
A 1 72  ILE 72  52  52  ILE ILE A . n 
A 1 73  ILE 73  53  53  ILE ILE A . n 
A 1 74  VAL 74  54  54  VAL VAL A . n 
A 1 75  ASN 75  55  55  ASN ASN A . n 
A 1 76  GLY 76  56  56  GLY GLY A . n 
A 1 77  GLN 77  57  57  GLN GLN A . n 
A 1 78  PRO 78  58  58  PRO PRO A . n 
A 1 79  ILE 79  59  59  ILE ILE A . n 
A 1 80  ILE 80  60  60  ILE ILE A . n 
A 1 81  PRO 81  61  61  PRO PRO A . n 
A 1 82  SER 82  62  62  SER SER A . n 
A 1 83  PRO 83  63  63  PRO PRO A . n 
A 1 84  GLN 84  64  64  GLN GLN A . n 
A 1 85  GLU 85  65  65  GLU GLU A . n 
A 1 86  ASP 86  66  66  ASP ASP A . n 
A 1 87  CYS 87  67  67  CYS CYS A . n 
A 1 88  LYS 88  68  68  LYS LYS A . n 
A 1 89  LEU 89  69  69  LEU LEU A . n 
A 1 90  GLN 90  70  70  GLN GLN A . n 
A 1 91  PHE 91  71  71  PHE PHE A . n 
A 1 92  GLN 92  72  72  GLN GLN A . n 
A 1 93  LYS 93  73  73  LYS LYS A . n 
A 1 94  LYS 94  74  74  LYS LYS A . n 
A 1 95  TRP 95  75  75  TRP TRP A . n 
A 1 96  LEU 96  76  76  LEU LEU A . n 
A 1 97  GLN 97  77  77  GLN GLN A . n 
A 1 98  THR 98  78  78  THR THR A . n 
A 1 99  PRO 99  79  79  PRO PRO A . n 
A 1 100 LEU 100 80  80  LEU LEU A . n 
A 1 101 SER 101 81  81  SER SER A . n 
A 1 102 SER 102 82  82  SER SER A . n 
A 1 103 HIS 103 83  83  HIS HIS A . n 
A 1 104 GLN 104 84  84  GLN GLN A . n 
A 1 105 LEU 105 85  85  LEU LEU A . n 
A 1 106 THR 106 86  86  THR THR A . n 
A 1 107 SER 107 87  87  SER SER A . n 
A 1 108 TYR 108 88  88  TYR TYR A . n 
A 1 109 ASP 109 89  89  ASP ASP A . n 
A 1 110 GLY 110 90  90  GLY GLY A . n 
A 1 111 HIS 111 91  91  HIS HIS A . n 
A 1 112 LEU 112 92  92  LEU LEU A . n 
A 1 113 ILE 113 93  93  ILE ILE A . n 
A 1 114 PRO 114 94  94  PRO PRO A . n 
A 1 115 GLY 115 95  95  GLY GLY A . n 
A 1 116 THR 116 96  96  THR THR A . n 
A 1 117 GLY 117 97  97  GLY GLY A . n 
A 1 118 THR 118 98  98  THR THR A . n 
A 1 119 PHE 119 99  99  PHE PHE A . n 
A 1 120 VAL 120 100 100 VAL VAL A . n 
A 1 121 VAL 121 101 101 VAL VAL A . n 
A 1 122 HIS 122 102 102 HIS HIS A . n 
A 1 123 PHE 123 103 103 PHE PHE A . n 
A 1 124 SER 124 104 104 SER SER A . n 
A 1 125 ALA 125 105 105 ALA ALA A . n 
A 1 126 LYS 126 106 106 LYS LYS A . n 
A 1 127 VAL 127 107 107 VAL VAL A . n 
A 1 128 ARG 128 108 108 ARG ARG A . n 
A 1 129 PHE 129 109 109 PHE PHE A . n 
A 1 130 ASP 130 110 110 ASP ASP A . n 
A 1 131 GLN 131 111 111 GLN GLN A . n 
A 1 132 SER 132 112 112 SER SER A . n 
A 1 133 GLY 133 113 113 GLY GLY A . n 
A 1 134 ARG 134 114 114 ARG ARG A . n 
A 1 135 ASN 135 115 115 ASN ASN A . n 
A 1 136 ARG 136 116 116 ARG ARG A . n 
A 1 137 LEU 137 117 117 LEU LEU A . n 
A 1 138 GLY 138 118 118 GLY GLY A . n 
A 1 139 GLU 139 119 119 GLU GLU A . n 
A 1 140 SER 140 120 120 SER SER A . n 
A 1 141 ALA 141 121 121 ALA ALA A . n 
A 1 142 ASP 142 122 ?   ?   ?   A . n 
A 1 143 LEU 143 123 ?   ?   ?   A . n 
A 1 144 PHE 144 124 ?   ?   ?   A . n 
A 1 145 GLN 145 125 ?   ?   ?   A . n 
A 1 146 GLU 146 126 ?   ?   ?   A . n 
A 1 147 ASN 147 127 ?   ?   ?   A . n 
A 1 148 ASN 148 128 ?   ?   ?   A . n 
A 1 149 SER 149 129 ?   ?   ?   A . n 
A 1 150 ILE 150 130 ?   ?   ?   A . n 
A 1 151 VAL 151 131 ?   ?   ?   A . n 
A 1 152 SER 152 132 ?   ?   ?   A . n 
A 1 153 LYS 153 133 ?   ?   ?   A . n 
A 1 154 THR 154 134 ?   ?   ?   A . n 
A 1 155 ASN 155 135 ?   ?   ?   A . n 
A 1 156 GLN 156 136 ?   ?   ?   A . n 
A 1 157 ARG 157 137 137 ARG ARG A . n 
A 1 158 PRO 158 138 138 PRO PRO A . n 
A 1 159 ILE 159 139 139 ILE ILE A . n 
A 1 160 TRP 160 140 140 TRP TRP A . n 
A 1 161 GLY 161 141 141 GLY GLY A . n 
A 1 162 SER 162 142 142 SER SER A . n 
A 1 163 TRP 163 143 143 TRP TRP A . n 
A 1 164 PHE 164 144 144 PHE PHE A . n 
A 1 165 GLY 165 145 145 GLY GLY A . n 
A 1 166 VAL 166 146 146 VAL VAL A . n 
A 1 167 ASP 167 147 147 ASP ASP A . n 
A 1 168 VAL 168 148 148 VAL VAL A . n 
A 1 169 ASN 169 149 149 ASN ASN A . n 
A 1 170 LEU 170 150 150 LEU LEU A . n 
A 1 171 VAL 171 151 151 VAL VAL A . n 
A 1 172 VAL 172 152 152 VAL VAL A . n 
A 1 173 ASP 173 153 153 ASP ASP A . n 
A 1 174 GLU 174 154 154 GLU GLU A . n 
A 1 175 ASN 175 155 155 ASN ASN A . n 
A 1 176 VAL 176 156 156 VAL VAL A . n 
A 1 177 MET 177 157 157 MET MET A . n 
A 1 178 GLN 178 158 158 GLN GLN A . n 
A 1 179 ASP 179 159 159 ASP ASP A . n 
A 1 180 GLY 180 160 160 GLY GLY A . n 
A 1 181 GLU 181 161 161 GLU GLU A . n 
A 1 182 ILE 182 162 162 ILE ILE A . n 
A 1 183 ILE 183 163 163 ILE ILE A . n 
A 1 184 ASN 184 164 164 ASN ASN A . n 
A 1 185 SER 185 165 165 SER SER A . n 
A 1 186 MET 186 166 166 MET MET A . n 
A 1 187 ASP 187 167 167 ASP ASP A . n 
A 1 188 TYR 188 168 168 TYR TYR A . n 
A 1 189 ARG 189 169 169 ARG ARG A . n 
A 1 190 PHE 190 170 170 PHE PHE A . n 
A 1 191 THR 191 171 171 THR THR A . n 
A 1 192 TYR 192 172 172 TYR TYR A . n 
A 1 193 VAL 193 173 173 VAL VAL A . n 
A 1 194 PRO 194 174 174 PRO PRO A . n 
A 1 195 ASN 195 175 175 ASN ASN A . n 
A 1 196 ASP 196 176 176 ASP ASP A . n 
A 1 197 SER 197 177 ?   ?   ?   A . n 
A 1 198 ILE 198 178 ?   ?   ?   A . n 
A 1 199 ILE 199 179 ?   ?   ?   A . n 
A 1 200 LYS 200 180 ?   ?   ?   A . n 
A 1 201 VAL 201 181 ?   ?   ?   A . n 
# 
loop_
_pdbx_nonpoly_scheme.asym_id 
_pdbx_nonpoly_scheme.entity_id 
_pdbx_nonpoly_scheme.mon_id 
_pdbx_nonpoly_scheme.ndb_seq_num 
_pdbx_nonpoly_scheme.pdb_seq_num 
_pdbx_nonpoly_scheme.auth_seq_num 
_pdbx_nonpoly_scheme.pdb_mon_id 
_pdbx_nonpoly_scheme.auth_mon_id 
_pdbx_nonpoly_scheme.pdb_strand_id 
_pdbx_nonpoly_scheme.pdb_ins_code 
B 2 HOH 1  182 1  HOH HOH A . 
B 2 HOH 2  183 2  HOH HOH A . 
B 2 HOH 3  184 3  HOH HOH A . 
B 2 HOH 4  185 4  HOH HOH A . 
B 2 HOH 5  186 5  HOH HOH A . 
B 2 HOH 6  187 6  HOH HOH A . 
B 2 HOH 7  188 7  HOH HOH A . 
B 2 HOH 8  189 8  HOH HOH A . 
B 2 HOH 9  190 9  HOH HOH A . 
B 2 HOH 10 191 10 HOH HOH A . 
B 2 HOH 11 192 11 HOH HOH A . 
B 2 HOH 12 193 12 HOH HOH A . 
B 2 HOH 13 194 13 HOH HOH A . 
B 2 HOH 14 195 14 HOH HOH A . 
B 2 HOH 15 196 15 HOH HOH A . 
B 2 HOH 16 197 16 HOH HOH A . 
B 2 HOH 17 198 17 HOH HOH A . 
B 2 HOH 18 199 18 HOH HOH A . 
B 2 HOH 19 200 19 HOH HOH A . 
B 2 HOH 20 201 20 HOH HOH A . 
B 2 HOH 21 202 21 HOH HOH A . 
B 2 HOH 22 203 22 HOH HOH A . 
B 2 HOH 23 204 23 HOH HOH A . 
B 2 HOH 24 205 24 HOH HOH A . 
B 2 HOH 25 206 25 HOH HOH A . 
B 2 HOH 26 207 26 HOH HOH A . 
B 2 HOH 27 208 27 HOH HOH A . 
B 2 HOH 28 209 28 HOH HOH A . 
B 2 HOH 29 210 29 HOH HOH A . 
B 2 HOH 30 211 30 HOH HOH A . 
B 2 HOH 31 212 31 HOH HOH A . 
B 2 HOH 32 213 32 HOH HOH A . 
B 2 HOH 33 214 33 HOH HOH A . 
B 2 HOH 34 215 34 HOH HOH A . 
B 2 HOH 35 216 35 HOH HOH A . 
B 2 HOH 36 217 36 HOH HOH A . 
B 2 HOH 37 218 37 HOH HOH A . 
B 2 HOH 38 219 38 HOH HOH A . 
B 2 HOH 39 220 39 HOH HOH A . 
B 2 HOH 40 221 40 HOH HOH A . 
B 2 HOH 41 222 41 HOH HOH A . 
B 2 HOH 42 223 42 HOH HOH A . 
B 2 HOH 43 224 43 HOH HOH A . 
B 2 HOH 44 225 44 HOH HOH A . 
B 2 HOH 45 226 45 HOH HOH A . 
B 2 HOH 46 227 46 HOH HOH A . 
B 2 HOH 47 228 47 HOH HOH A . 
B 2 HOH 48 229 48 HOH HOH A . 
B 2 HOH 49 230 49 HOH HOH A . 
B 2 HOH 50 231 50 HOH HOH A . 
B 2 HOH 51 232 51 HOH HOH A . 
B 2 HOH 52 233 52 HOH HOH A . 
B 2 HOH 53 234 53 HOH HOH A . 
B 2 HOH 54 235 54 HOH HOH A . 
B 2 HOH 55 236 55 HOH HOH A . 
B 2 HOH 56 237 56 HOH HOH A . 
B 2 HOH 57 238 57 HOH HOH A . 
B 2 HOH 58 239 58 HOH HOH A . 
B 2 HOH 59 240 59 HOH HOH A . 
B 2 HOH 60 241 60 HOH HOH A . 
B 2 HOH 61 242 61 HOH HOH A . 
B 2 HOH 62 243 62 HOH HOH A . 
B 2 HOH 63 244 63 HOH HOH A . 
B 2 HOH 64 245 64 HOH HOH A . 
B 2 HOH 65 246 65 HOH HOH A . 
B 2 HOH 66 247 66 HOH HOH A . 
B 2 HOH 67 248 67 HOH HOH A . 
B 2 HOH 68 249 68 HOH HOH A . 
B 2 HOH 69 250 69 HOH HOH A . 
B 2 HOH 70 251 70 HOH HOH A . 
B 2 HOH 71 252 71 HOH HOH A . 
# 
_pdbx_struct_assembly.id                   1 
_pdbx_struct_assembly.details              author_defined_assembly 
_pdbx_struct_assembly.method_details       ? 
_pdbx_struct_assembly.oligomeric_details   monomeric 
_pdbx_struct_assembly.oligomeric_count     1 
# 
_pdbx_struct_assembly_gen.assembly_id       1 
_pdbx_struct_assembly_gen.oper_expression   1 
_pdbx_struct_assembly_gen.asym_id_list      A,B 
# 
_pdbx_struct_oper_list.id                   1 
_pdbx_struct_oper_list.type                 'identity operation' 
_pdbx_struct_oper_list.name                 1_555 
_pdbx_struct_oper_list.symmetry_operation   x,y,z 
_pdbx_struct_oper_list.matrix[1][1]         1.0000000000 
_pdbx_struct_oper_list.matrix[1][2]         0.0000000000 
_pdbx_struct_oper_list.matrix[1][3]         0.0000000000 
_pdbx_struct_oper_list.vector[1]            0.0000000000 
_pdbx_struct_oper_list.matrix[2][1]         0.0000000000 
_pdbx_struct_oper_list.matrix[2][2]         1.0000000000 
_pdbx_struct_oper_list.matrix[2][3]         0.0000000000 
_pdbx_struct_oper_list.vector[2]            0.0000000000 
_pdbx_struct_oper_list.matrix[3][1]         0.0000000000 
_pdbx_struct_oper_list.matrix[3][2]         0.0000000000 
_pdbx_struct_oper_list.matrix[3][3]         1.0000000000 
_pdbx_struct_oper_list.vector[3]            0.0000000000 
# 
loop_
_pdbx_audit_revision_history.ordinal 
_pdbx_audit_revision_history.data_content_type 
_pdbx_audit_revision_history.major_revision 
_pdbx_audit_revision_history.minor_revision 
_pdbx_audit_revision_history.revision_date 
1 'Structure model' 1 0 2003-12-09 
2 'Structure model' 1 1 2008-04-29 
3 'Structure model' 1 2 2011-07-13 
4 'Structure model' 1 3 2023-08-16 
# 
_pdbx_audit_revision_details.ordinal             1 
_pdbx_audit_revision_details.revision_ordinal    1 
_pdbx_audit_revision_details.data_content_type   'Structure model' 
_pdbx_audit_revision_details.provider            repository 
_pdbx_audit_revision_details.type                'Initial release' 
_pdbx_audit_revision_details.description         ? 
_pdbx_audit_revision_details.details             ? 
# 
loop_
_pdbx_audit_revision_group.ordinal 
_pdbx_audit_revision_group.revision_ordinal 
_pdbx_audit_revision_group.data_content_type 
_pdbx_audit_revision_group.group 
1 2 'Structure model' 'Version format compliance' 
2 3 'Structure model' Advisory                    
3 3 'Structure model' 'Version format compliance' 
4 4 'Structure model' 'Data collection'           
5 4 'Structure model' 'Database references'       
6 4 'Structure model' 'Refinement description'    
# 
loop_
_pdbx_audit_revision_category.ordinal 
_pdbx_audit_revision_category.revision_ordinal 
_pdbx_audit_revision_category.data_content_type 
_pdbx_audit_revision_category.category 
1 4 'Structure model' chem_comp_atom                
2 4 'Structure model' chem_comp_bond                
3 4 'Structure model' database_2                    
4 4 'Structure model' pdbx_initial_refinement_model 
# 
loop_
_pdbx_audit_revision_item.ordinal 
_pdbx_audit_revision_item.revision_ordinal 
_pdbx_audit_revision_item.data_content_type 
_pdbx_audit_revision_item.item 
1 4 'Structure model' '_database_2.pdbx_DOI'                
2 4 'Structure model' '_database_2.pdbx_database_accession' 
# 
_pdbx_refine_tls.id               1 
_pdbx_refine_tls.details          ? 
_pdbx_refine_tls.method           refined 
_pdbx_refine_tls.origin_x         -0.0900 
_pdbx_refine_tls.origin_y         -0.1528 
_pdbx_refine_tls.origin_z         0.0722 
_pdbx_refine_tls.T[1][1]          0.0444 
_pdbx_refine_tls.T[2][2]          0.0199 
_pdbx_refine_tls.T[3][3]          0.0438 
_pdbx_refine_tls.T[1][2]          -0.0045 
_pdbx_refine_tls.T[1][3]          0.0030 
_pdbx_refine_tls.T[2][3]          0.0288 
_pdbx_refine_tls.L[1][1]          0.6089 
_pdbx_refine_tls.L[2][2]          0.7362 
_pdbx_refine_tls.L[3][3]          0.9621 
_pdbx_refine_tls.L[1][2]          0.3456 
_pdbx_refine_tls.L[1][3]          0.7394 
_pdbx_refine_tls.L[2][3]          0.0954 
_pdbx_refine_tls.S[1][1]          -0.0243 
_pdbx_refine_tls.S[1][2]          -0.1220 
_pdbx_refine_tls.S[1][3]          0.0052 
_pdbx_refine_tls.S[2][1]          -0.0551 
_pdbx_refine_tls.S[2][2]          0.0221 
_pdbx_refine_tls.S[2][3]          0.0600 
_pdbx_refine_tls.S[3][1]          -0.0052 
_pdbx_refine_tls.S[3][2]          -0.1173 
_pdbx_refine_tls.S[3][3]          0.0020 
_pdbx_refine_tls.pdbx_refine_id   'X-RAY DIFFRACTION' 
# 
_pdbx_refine_tls_group.id                  1 
_pdbx_refine_tls_group.refine_tls_id       1 
_pdbx_refine_tls_group.beg_label_asym_id   A 
_pdbx_refine_tls_group.beg_label_seq_id    23 
_pdbx_refine_tls_group.beg_auth_seq_id     3 
_pdbx_refine_tls_group.end_label_asym_id   A 
_pdbx_refine_tls_group.end_label_seq_id    195 
_pdbx_refine_tls_group.end_auth_seq_id     175 
_pdbx_refine_tls_group.selection           ? 
_pdbx_refine_tls_group.beg_auth_asym_id    A 
_pdbx_refine_tls_group.end_auth_asym_id    A 
_pdbx_refine_tls_group.pdbx_refine_id      'X-RAY DIFFRACTION' 
_pdbx_refine_tls_group.selection_details   ? 
# 
loop_
_software.name 
_software.classification 
_software.version 
_software.citation_id 
_software.pdbx_ordinal 
DENZO  'data reduction' .         ? 1 
SCALA  'data scaling'   .         ? 2 
AMoRE  phasing          .         ? 3 
REFMAC refinement       5.1.24    ? 4 
CCP4   'data scaling'   '(SCALA)' ? 5 
# 
loop_
_pdbx_validate_rmsd_angle.id 
_pdbx_validate_rmsd_angle.PDB_model_num 
_pdbx_validate_rmsd_angle.auth_atom_id_1 
_pdbx_validate_rmsd_angle.auth_asym_id_1 
_pdbx_validate_rmsd_angle.auth_comp_id_1 
_pdbx_validate_rmsd_angle.auth_seq_id_1 
_pdbx_validate_rmsd_angle.PDB_ins_code_1 
_pdbx_validate_rmsd_angle.label_alt_id_1 
_pdbx_validate_rmsd_angle.auth_atom_id_2 
_pdbx_validate_rmsd_angle.auth_asym_id_2 
_pdbx_validate_rmsd_angle.auth_comp_id_2 
_pdbx_validate_rmsd_angle.auth_seq_id_2 
_pdbx_validate_rmsd_angle.PDB_ins_code_2 
_pdbx_validate_rmsd_angle.label_alt_id_2 
_pdbx_validate_rmsd_angle.auth_atom_id_3 
_pdbx_validate_rmsd_angle.auth_asym_id_3 
_pdbx_validate_rmsd_angle.auth_comp_id_3 
_pdbx_validate_rmsd_angle.auth_seq_id_3 
_pdbx_validate_rmsd_angle.PDB_ins_code_3 
_pdbx_validate_rmsd_angle.label_alt_id_3 
_pdbx_validate_rmsd_angle.angle_value 
_pdbx_validate_rmsd_angle.angle_target_value 
_pdbx_validate_rmsd_angle.angle_deviation 
_pdbx_validate_rmsd_angle.angle_standard_deviation 
_pdbx_validate_rmsd_angle.linker_flag 
1 1 CB A ASP 66 ? ? CG A ASP 66 ? ? OD2 A ASP 66 ? ? 125.72 118.30 7.42 0.90 N 
2 1 CB A ASP 89 ? ? CG A ASP 89 ? ? OD2 A ASP 89 ? ? 123.81 118.30 5.51 0.90 N 
# 
loop_
_pdbx_validate_torsion.id 
_pdbx_validate_torsion.PDB_model_num 
_pdbx_validate_torsion.auth_comp_id 
_pdbx_validate_torsion.auth_asym_id 
_pdbx_validate_torsion.auth_seq_id 
_pdbx_validate_torsion.PDB_ins_code 
_pdbx_validate_torsion.label_alt_id 
_pdbx_validate_torsion.phi 
_pdbx_validate_torsion.psi 
1 1 SER A 120 ? ? -92.31  -98.60 
2 1 MET A 157 ? ? -100.48 49.84  
3 1 ASP A 159 ? ? 75.08   -1.24  
# 
loop_
_pdbx_unobs_or_zero_occ_residues.id 
_pdbx_unobs_or_zero_occ_residues.PDB_model_num 
_pdbx_unobs_or_zero_occ_residues.polymer_flag 
_pdbx_unobs_or_zero_occ_residues.occupancy_flag 
_pdbx_unobs_or_zero_occ_residues.auth_asym_id 
_pdbx_unobs_or_zero_occ_residues.auth_comp_id 
_pdbx_unobs_or_zero_occ_residues.auth_seq_id 
_pdbx_unobs_or_zero_occ_residues.PDB_ins_code 
_pdbx_unobs_or_zero_occ_residues.label_asym_id 
_pdbx_unobs_or_zero_occ_residues.label_comp_id 
_pdbx_unobs_or_zero_occ_residues.label_seq_id 
1  1 Y 1 A MET -19 ? A MET 1   
2  1 Y 1 A GLY -18 ? A GLY 2   
3  1 Y 1 A SER -17 ? A SER 3   
4  1 Y 1 A SER -16 ? A SER 4   
5  1 Y 1 A HIS -15 ? A HIS 5   
6  1 Y 1 A HIS -14 ? A HIS 6   
7  1 Y 1 A HIS -13 ? A HIS 7   
8  1 Y 1 A HIS -12 ? A HIS 8   
9  1 Y 1 A HIS -11 ? A HIS 9   
10 1 Y 1 A HIS -10 ? A HIS 10  
11 1 Y 1 A SER -9  ? A SER 11  
12 1 Y 1 A SER -8  ? A SER 12  
13 1 Y 1 A GLY -7  ? A GLY 13  
14 1 Y 1 A LEU -6  ? A LEU 14  
15 1 Y 1 A VAL -5  ? A VAL 15  
16 1 Y 1 A PRO -4  ? A PRO 16  
17 1 Y 1 A ARG -3  ? A ARG 17  
18 1 Y 1 A GLY -2  ? A GLY 18  
19 1 Y 1 A SER -1  ? A SER 19  
20 1 Y 1 A HIS 0   ? A HIS 20  
21 1 Y 1 A MET 1   ? A MET 21  
22 1 Y 1 A ASN 2   ? A ASN 22  
23 1 Y 1 A ASP 122 ? A ASP 142 
24 1 Y 1 A LEU 123 ? A LEU 143 
25 1 Y 1 A PHE 124 ? A PHE 144 
26 1 Y 1 A GLN 125 ? A GLN 145 
27 1 Y 1 A GLU 126 ? A GLU 146 
28 1 Y 1 A ASN 127 ? A ASN 147 
29 1 Y 1 A ASN 128 ? A ASN 148 
30 1 Y 1 A SER 129 ? A SER 149 
31 1 Y 1 A ILE 130 ? A ILE 150 
32 1 Y 1 A VAL 131 ? A VAL 151 
33 1 Y 1 A SER 132 ? A SER 152 
34 1 Y 1 A LYS 133 ? A LYS 153 
35 1 Y 1 A THR 134 ? A THR 154 
36 1 Y 1 A ASN 135 ? A ASN 155 
37 1 Y 1 A GLN 136 ? A GLN 156 
38 1 Y 1 A SER 177 ? A SER 197 
39 1 Y 1 A ILE 178 ? A ILE 198 
40 1 Y 1 A ILE 179 ? A ILE 199 
41 1 Y 1 A LYS 180 ? A LYS 200 
42 1 Y 1 A VAL 181 ? A VAL 201 
# 
loop_
_chem_comp_atom.comp_id 
_chem_comp_atom.atom_id 
_chem_comp_atom.type_symbol 
_chem_comp_atom.pdbx_aromatic_flag 
_chem_comp_atom.pdbx_stereo_config 
_chem_comp_atom.pdbx_ordinal 
ALA N    N N N 1   
ALA CA   C N S 2   
ALA C    C N N 3   
ALA O    O N N 4   
ALA CB   C N N 5   
ALA OXT  O N N 6   
ALA H    H N N 7   
ALA H2   H N N 8   
ALA HA   H N N 9   
ALA HB1  H N N 10  
ALA HB2  H N N 11  
ALA HB3  H N N 12  
ALA HXT  H N N 13  
ARG N    N N N 14  
ARG CA   C N S 15  
ARG C    C N N 16  
ARG O    O N N 17  
ARG CB   C N N 18  
ARG CG   C N N 19  
ARG CD   C N N 20  
ARG NE   N N N 21  
ARG CZ   C N N 22  
ARG NH1  N N N 23  
ARG NH2  N N N 24  
ARG OXT  O N N 25  
ARG H    H N N 26  
ARG H2   H N N 27  
ARG HA   H N N 28  
ARG HB2  H N N 29  
ARG HB3  H N N 30  
ARG HG2  H N N 31  
ARG HG3  H N N 32  
ARG HD2  H N N 33  
ARG HD3  H N N 34  
ARG HE   H N N 35  
ARG HH11 H N N 36  
ARG HH12 H N N 37  
ARG HH21 H N N 38  
ARG HH22 H N N 39  
ARG HXT  H N N 40  
ASN N    N N N 41  
ASN CA   C N S 42  
ASN C    C N N 43  
ASN O    O N N 44  
ASN CB   C N N 45  
ASN CG   C N N 46  
ASN OD1  O N N 47  
ASN ND2  N N N 48  
ASN OXT  O N N 49  
ASN H    H N N 50  
ASN H2   H N N 51  
ASN HA   H N N 52  
ASN HB2  H N N 53  
ASN HB3  H N N 54  
ASN HD21 H N N 55  
ASN HD22 H N N 56  
ASN HXT  H N N 57  
ASP N    N N N 58  
ASP CA   C N S 59  
ASP C    C N N 60  
ASP O    O N N 61  
ASP CB   C N N 62  
ASP CG   C N N 63  
ASP OD1  O N N 64  
ASP OD2  O N N 65  
ASP OXT  O N N 66  
ASP H    H N N 67  
ASP H2   H N N 68  
ASP HA   H N N 69  
ASP HB2  H N N 70  
ASP HB3  H N N 71  
ASP HD2  H N N 72  
ASP HXT  H N N 73  
CYS N    N N N 74  
CYS CA   C N R 75  
CYS C    C N N 76  
CYS O    O N N 77  
CYS CB   C N N 78  
CYS SG   S N N 79  
CYS OXT  O N N 80  
CYS H    H N N 81  
CYS H2   H N N 82  
CYS HA   H N N 83  
CYS HB2  H N N 84  
CYS HB3  H N N 85  
CYS HG   H N N 86  
CYS HXT  H N N 87  
GLN N    N N N 88  
GLN CA   C N S 89  
GLN C    C N N 90  
GLN O    O N N 91  
GLN CB   C N N 92  
GLN CG   C N N 93  
GLN CD   C N N 94  
GLN OE1  O N N 95  
GLN NE2  N N N 96  
GLN OXT  O N N 97  
GLN H    H N N 98  
GLN H2   H N N 99  
GLN HA   H N N 100 
GLN HB2  H N N 101 
GLN HB3  H N N 102 
GLN HG2  H N N 103 
GLN HG3  H N N 104 
GLN HE21 H N N 105 
GLN HE22 H N N 106 
GLN HXT  H N N 107 
GLU N    N N N 108 
GLU CA   C N S 109 
GLU C    C N N 110 
GLU O    O N N 111 
GLU CB   C N N 112 
GLU CG   C N N 113 
GLU CD   C N N 114 
GLU OE1  O N N 115 
GLU OE2  O N N 116 
GLU OXT  O N N 117 
GLU H    H N N 118 
GLU H2   H N N 119 
GLU HA   H N N 120 
GLU HB2  H N N 121 
GLU HB3  H N N 122 
GLU HG2  H N N 123 
GLU HG3  H N N 124 
GLU HE2  H N N 125 
GLU HXT  H N N 126 
GLY N    N N N 127 
GLY CA   C N N 128 
GLY C    C N N 129 
GLY O    O N N 130 
GLY OXT  O N N 131 
GLY H    H N N 132 
GLY H2   H N N 133 
GLY HA2  H N N 134 
GLY HA3  H N N 135 
GLY HXT  H N N 136 
HIS N    N N N 137 
HIS CA   C N S 138 
HIS C    C N N 139 
HIS O    O N N 140 
HIS CB   C N N 141 
HIS CG   C Y N 142 
HIS ND1  N Y N 143 
HIS CD2  C Y N 144 
HIS CE1  C Y N 145 
HIS NE2  N Y N 146 
HIS OXT  O N N 147 
HIS H    H N N 148 
HIS H2   H N N 149 
HIS HA   H N N 150 
HIS HB2  H N N 151 
HIS HB3  H N N 152 
HIS HD1  H N N 153 
HIS HD2  H N N 154 
HIS HE1  H N N 155 
HIS HE2  H N N 156 
HIS HXT  H N N 157 
HOH O    O N N 158 
HOH H1   H N N 159 
HOH H2   H N N 160 
ILE N    N N N 161 
ILE CA   C N S 162 
ILE C    C N N 163 
ILE O    O N N 164 
ILE CB   C N S 165 
ILE CG1  C N N 166 
ILE CG2  C N N 167 
ILE CD1  C N N 168 
ILE OXT  O N N 169 
ILE H    H N N 170 
ILE H2   H N N 171 
ILE HA   H N N 172 
ILE HB   H N N 173 
ILE HG12 H N N 174 
ILE HG13 H N N 175 
ILE HG21 H N N 176 
ILE HG22 H N N 177 
ILE HG23 H N N 178 
ILE HD11 H N N 179 
ILE HD12 H N N 180 
ILE HD13 H N N 181 
ILE HXT  H N N 182 
LEU N    N N N 183 
LEU CA   C N S 184 
LEU C    C N N 185 
LEU O    O N N 186 
LEU CB   C N N 187 
LEU CG   C N N 188 
LEU CD1  C N N 189 
LEU CD2  C N N 190 
LEU OXT  O N N 191 
LEU H    H N N 192 
LEU H2   H N N 193 
LEU HA   H N N 194 
LEU HB2  H N N 195 
LEU HB3  H N N 196 
LEU HG   H N N 197 
LEU HD11 H N N 198 
LEU HD12 H N N 199 
LEU HD13 H N N 200 
LEU HD21 H N N 201 
LEU HD22 H N N 202 
LEU HD23 H N N 203 
LEU HXT  H N N 204 
LYS N    N N N 205 
LYS CA   C N S 206 
LYS C    C N N 207 
LYS O    O N N 208 
LYS CB   C N N 209 
LYS CG   C N N 210 
LYS CD   C N N 211 
LYS CE   C N N 212 
LYS NZ   N N N 213 
LYS OXT  O N N 214 
LYS H    H N N 215 
LYS H2   H N N 216 
LYS HA   H N N 217 
LYS HB2  H N N 218 
LYS HB3  H N N 219 
LYS HG2  H N N 220 
LYS HG3  H N N 221 
LYS HD2  H N N 222 
LYS HD3  H N N 223 
LYS HE2  H N N 224 
LYS HE3  H N N 225 
LYS HZ1  H N N 226 
LYS HZ2  H N N 227 
LYS HZ3  H N N 228 
LYS HXT  H N N 229 
MET N    N N N 230 
MET CA   C N S 231 
MET C    C N N 232 
MET O    O N N 233 
MET CB   C N N 234 
MET CG   C N N 235 
MET SD   S N N 236 
MET CE   C N N 237 
MET OXT  O N N 238 
MET H    H N N 239 
MET H2   H N N 240 
MET HA   H N N 241 
MET HB2  H N N 242 
MET HB3  H N N 243 
MET HG2  H N N 244 
MET HG3  H N N 245 
MET HE1  H N N 246 
MET HE2  H N N 247 
MET HE3  H N N 248 
MET HXT  H N N 249 
PHE N    N N N 250 
PHE CA   C N S 251 
PHE C    C N N 252 
PHE O    O N N 253 
PHE CB   C N N 254 
PHE CG   C Y N 255 
PHE CD1  C Y N 256 
PHE CD2  C Y N 257 
PHE CE1  C Y N 258 
PHE CE2  C Y N 259 
PHE CZ   C Y N 260 
PHE OXT  O N N 261 
PHE H    H N N 262 
PHE H2   H N N 263 
PHE HA   H N N 264 
PHE HB2  H N N 265 
PHE HB3  H N N 266 
PHE HD1  H N N 267 
PHE HD2  H N N 268 
PHE HE1  H N N 269 
PHE HE2  H N N 270 
PHE HZ   H N N 271 
PHE HXT  H N N 272 
PRO N    N N N 273 
PRO CA   C N S 274 
PRO C    C N N 275 
PRO O    O N N 276 
PRO CB   C N N 277 
PRO CG   C N N 278 
PRO CD   C N N 279 
PRO OXT  O N N 280 
PRO H    H N N 281 
PRO HA   H N N 282 
PRO HB2  H N N 283 
PRO HB3  H N N 284 
PRO HG2  H N N 285 
PRO HG3  H N N 286 
PRO HD2  H N N 287 
PRO HD3  H N N 288 
PRO HXT  H N N 289 
SER N    N N N 290 
SER CA   C N S 291 
SER C    C N N 292 
SER O    O N N 293 
SER CB   C N N 294 
SER OG   O N N 295 
SER OXT  O N N 296 
SER H    H N N 297 
SER H2   H N N 298 
SER HA   H N N 299 
SER HB2  H N N 300 
SER HB3  H N N 301 
SER HG   H N N 302 
SER HXT  H N N 303 
THR N    N N N 304 
THR CA   C N S 305 
THR C    C N N 306 
THR O    O N N 307 
THR CB   C N R 308 
THR OG1  O N N 309 
THR CG2  C N N 310 
THR OXT  O N N 311 
THR H    H N N 312 
THR H2   H N N 313 
THR HA   H N N 314 
THR HB   H N N 315 
THR HG1  H N N 316 
THR HG21 H N N 317 
THR HG22 H N N 318 
THR HG23 H N N 319 
THR HXT  H N N 320 
TRP N    N N N 321 
TRP CA   C N S 322 
TRP C    C N N 323 
TRP O    O N N 324 
TRP CB   C N N 325 
TRP CG   C Y N 326 
TRP CD1  C Y N 327 
TRP CD2  C Y N 328 
TRP NE1  N Y N 329 
TRP CE2  C Y N 330 
TRP CE3  C Y N 331 
TRP CZ2  C Y N 332 
TRP CZ3  C Y N 333 
TRP CH2  C Y N 334 
TRP OXT  O N N 335 
TRP H    H N N 336 
TRP H2   H N N 337 
TRP HA   H N N 338 
TRP HB2  H N N 339 
TRP HB3  H N N 340 
TRP HD1  H N N 341 
TRP HE1  H N N 342 
TRP HE3  H N N 343 
TRP HZ2  H N N 344 
TRP HZ3  H N N 345 
TRP HH2  H N N 346 
TRP HXT  H N N 347 
TYR N    N N N 348 
TYR CA   C N S 349 
TYR C    C N N 350 
TYR O    O N N 351 
TYR CB   C N N 352 
TYR CG   C Y N 353 
TYR CD1  C Y N 354 
TYR CD2  C Y N 355 
TYR CE1  C Y N 356 
TYR CE2  C Y N 357 
TYR CZ   C Y N 358 
TYR OH   O N N 359 
TYR OXT  O N N 360 
TYR H    H N N 361 
TYR H2   H N N 362 
TYR HA   H N N 363 
TYR HB2  H N N 364 
TYR HB3  H N N 365 
TYR HD1  H N N 366 
TYR HD2  H N N 367 
TYR HE1  H N N 368 
TYR HE2  H N N 369 
TYR HH   H N N 370 
TYR HXT  H N N 371 
VAL N    N N N 372 
VAL CA   C N S 373 
VAL C    C N N 374 
VAL O    O N N 375 
VAL CB   C N N 376 
VAL CG1  C N N 377 
VAL CG2  C N N 378 
VAL OXT  O N N 379 
VAL H    H N N 380 
VAL H2   H N N 381 
VAL HA   H N N 382 
VAL HB   H N N 383 
VAL HG11 H N N 384 
VAL HG12 H N N 385 
VAL HG13 H N N 386 
VAL HG21 H N N 387 
VAL HG22 H N N 388 
VAL HG23 H N N 389 
VAL HXT  H N N 390 
# 
loop_
_chem_comp_bond.comp_id 
_chem_comp_bond.atom_id_1 
_chem_comp_bond.atom_id_2 
_chem_comp_bond.value_order 
_chem_comp_bond.pdbx_aromatic_flag 
_chem_comp_bond.pdbx_stereo_config 
_chem_comp_bond.pdbx_ordinal 
ALA N   CA   sing N N 1   
ALA N   H    sing N N 2   
ALA N   H2   sing N N 3   
ALA CA  C    sing N N 4   
ALA CA  CB   sing N N 5   
ALA CA  HA   sing N N 6   
ALA C   O    doub N N 7   
ALA C   OXT  sing N N 8   
ALA CB  HB1  sing N N 9   
ALA CB  HB2  sing N N 10  
ALA CB  HB3  sing N N 11  
ALA OXT HXT  sing N N 12  
ARG N   CA   sing N N 13  
ARG N   H    sing N N 14  
ARG N   H2   sing N N 15  
ARG CA  C    sing N N 16  
ARG CA  CB   sing N N 17  
ARG CA  HA   sing N N 18  
ARG C   O    doub N N 19  
ARG C   OXT  sing N N 20  
ARG CB  CG   sing N N 21  
ARG CB  HB2  sing N N 22  
ARG CB  HB3  sing N N 23  
ARG CG  CD   sing N N 24  
ARG CG  HG2  sing N N 25  
ARG CG  HG3  sing N N 26  
ARG CD  NE   sing N N 27  
ARG CD  HD2  sing N N 28  
ARG CD  HD3  sing N N 29  
ARG NE  CZ   sing N N 30  
ARG NE  HE   sing N N 31  
ARG CZ  NH1  sing N N 32  
ARG CZ  NH2  doub N N 33  
ARG NH1 HH11 sing N N 34  
ARG NH1 HH12 sing N N 35  
ARG NH2 HH21 sing N N 36  
ARG NH2 HH22 sing N N 37  
ARG OXT HXT  sing N N 38  
ASN N   CA   sing N N 39  
ASN N   H    sing N N 40  
ASN N   H2   sing N N 41  
ASN CA  C    sing N N 42  
ASN CA  CB   sing N N 43  
ASN CA  HA   sing N N 44  
ASN C   O    doub N N 45  
ASN C   OXT  sing N N 46  
ASN CB  CG   sing N N 47  
ASN CB  HB2  sing N N 48  
ASN CB  HB3  sing N N 49  
ASN CG  OD1  doub N N 50  
ASN CG  ND2  sing N N 51  
ASN ND2 HD21 sing N N 52  
ASN ND2 HD22 sing N N 53  
ASN OXT HXT  sing N N 54  
ASP N   CA   sing N N 55  
ASP N   H    sing N N 56  
ASP N   H2   sing N N 57  
ASP CA  C    sing N N 58  
ASP CA  CB   sing N N 59  
ASP CA  HA   sing N N 60  
ASP C   O    doub N N 61  
ASP C   OXT  sing N N 62  
ASP CB  CG   sing N N 63  
ASP CB  HB2  sing N N 64  
ASP CB  HB3  sing N N 65  
ASP CG  OD1  doub N N 66  
ASP CG  OD2  sing N N 67  
ASP OD2 HD2  sing N N 68  
ASP OXT HXT  sing N N 69  
CYS N   CA   sing N N 70  
CYS N   H    sing N N 71  
CYS N   H2   sing N N 72  
CYS CA  C    sing N N 73  
CYS CA  CB   sing N N 74  
CYS CA  HA   sing N N 75  
CYS C   O    doub N N 76  
CYS C   OXT  sing N N 77  
CYS CB  SG   sing N N 78  
CYS CB  HB2  sing N N 79  
CYS CB  HB3  sing N N 80  
CYS SG  HG   sing N N 81  
CYS OXT HXT  sing N N 82  
GLN N   CA   sing N N 83  
GLN N   H    sing N N 84  
GLN N   H2   sing N N 85  
GLN CA  C    sing N N 86  
GLN CA  CB   sing N N 87  
GLN CA  HA   sing N N 88  
GLN C   O    doub N N 89  
GLN C   OXT  sing N N 90  
GLN CB  CG   sing N N 91  
GLN CB  HB2  sing N N 92  
GLN CB  HB3  sing N N 93  
GLN CG  CD   sing N N 94  
GLN CG  HG2  sing N N 95  
GLN CG  HG3  sing N N 96  
GLN CD  OE1  doub N N 97  
GLN CD  NE2  sing N N 98  
GLN NE2 HE21 sing N N 99  
GLN NE2 HE22 sing N N 100 
GLN OXT HXT  sing N N 101 
GLU N   CA   sing N N 102 
GLU N   H    sing N N 103 
GLU N   H2   sing N N 104 
GLU CA  C    sing N N 105 
GLU CA  CB   sing N N 106 
GLU CA  HA   sing N N 107 
GLU C   O    doub N N 108 
GLU C   OXT  sing N N 109 
GLU CB  CG   sing N N 110 
GLU CB  HB2  sing N N 111 
GLU CB  HB3  sing N N 112 
GLU CG  CD   sing N N 113 
GLU CG  HG2  sing N N 114 
GLU CG  HG3  sing N N 115 
GLU CD  OE1  doub N N 116 
GLU CD  OE2  sing N N 117 
GLU OE2 HE2  sing N N 118 
GLU OXT HXT  sing N N 119 
GLY N   CA   sing N N 120 
GLY N   H    sing N N 121 
GLY N   H2   sing N N 122 
GLY CA  C    sing N N 123 
GLY CA  HA2  sing N N 124 
GLY CA  HA3  sing N N 125 
GLY C   O    doub N N 126 
GLY C   OXT  sing N N 127 
GLY OXT HXT  sing N N 128 
HIS N   CA   sing N N 129 
HIS N   H    sing N N 130 
HIS N   H2   sing N N 131 
HIS CA  C    sing N N 132 
HIS CA  CB   sing N N 133 
HIS CA  HA   sing N N 134 
HIS C   O    doub N N 135 
HIS C   OXT  sing N N 136 
HIS CB  CG   sing N N 137 
HIS CB  HB2  sing N N 138 
HIS CB  HB3  sing N N 139 
HIS CG  ND1  sing Y N 140 
HIS CG  CD2  doub Y N 141 
HIS ND1 CE1  doub Y N 142 
HIS ND1 HD1  sing N N 143 
HIS CD2 NE2  sing Y N 144 
HIS CD2 HD2  sing N N 145 
HIS CE1 NE2  sing Y N 146 
HIS CE1 HE1  sing N N 147 
HIS NE2 HE2  sing N N 148 
HIS OXT HXT  sing N N 149 
HOH O   H1   sing N N 150 
HOH O   H2   sing N N 151 
ILE N   CA   sing N N 152 
ILE N   H    sing N N 153 
ILE N   H2   sing N N 154 
ILE CA  C    sing N N 155 
ILE CA  CB   sing N N 156 
ILE CA  HA   sing N N 157 
ILE C   O    doub N N 158 
ILE C   OXT  sing N N 159 
ILE CB  CG1  sing N N 160 
ILE CB  CG2  sing N N 161 
ILE CB  HB   sing N N 162 
ILE CG1 CD1  sing N N 163 
ILE CG1 HG12 sing N N 164 
ILE CG1 HG13 sing N N 165 
ILE CG2 HG21 sing N N 166 
ILE CG2 HG22 sing N N 167 
ILE CG2 HG23 sing N N 168 
ILE CD1 HD11 sing N N 169 
ILE CD1 HD12 sing N N 170 
ILE CD1 HD13 sing N N 171 
ILE OXT HXT  sing N N 172 
LEU N   CA   sing N N 173 
LEU N   H    sing N N 174 
LEU N   H2   sing N N 175 
LEU CA  C    sing N N 176 
LEU CA  CB   sing N N 177 
LEU CA  HA   sing N N 178 
LEU C   O    doub N N 179 
LEU C   OXT  sing N N 180 
LEU CB  CG   sing N N 181 
LEU CB  HB2  sing N N 182 
LEU CB  HB3  sing N N 183 
LEU CG  CD1  sing N N 184 
LEU CG  CD2  sing N N 185 
LEU CG  HG   sing N N 186 
LEU CD1 HD11 sing N N 187 
LEU CD1 HD12 sing N N 188 
LEU CD1 HD13 sing N N 189 
LEU CD2 HD21 sing N N 190 
LEU CD2 HD22 sing N N 191 
LEU CD2 HD23 sing N N 192 
LEU OXT HXT  sing N N 193 
LYS N   CA   sing N N 194 
LYS N   H    sing N N 195 
LYS N   H2   sing N N 196 
LYS CA  C    sing N N 197 
LYS CA  CB   sing N N 198 
LYS CA  HA   sing N N 199 
LYS C   O    doub N N 200 
LYS C   OXT  sing N N 201 
LYS CB  CG   sing N N 202 
LYS CB  HB2  sing N N 203 
LYS CB  HB3  sing N N 204 
LYS CG  CD   sing N N 205 
LYS CG  HG2  sing N N 206 
LYS CG  HG3  sing N N 207 
LYS CD  CE   sing N N 208 
LYS CD  HD2  sing N N 209 
LYS CD  HD3  sing N N 210 
LYS CE  NZ   sing N N 211 
LYS CE  HE2  sing N N 212 
LYS CE  HE3  sing N N 213 
LYS NZ  HZ1  sing N N 214 
LYS NZ  HZ2  sing N N 215 
LYS NZ  HZ3  sing N N 216 
LYS OXT HXT  sing N N 217 
MET N   CA   sing N N 218 
MET N   H    sing N N 219 
MET N   H2   sing N N 220 
MET CA  C    sing N N 221 
MET CA  CB   sing N N 222 
MET CA  HA   sing N N 223 
MET C   O    doub N N 224 
MET C   OXT  sing N N 225 
MET CB  CG   sing N N 226 
MET CB  HB2  sing N N 227 
MET CB  HB3  sing N N 228 
MET CG  SD   sing N N 229 
MET CG  HG2  sing N N 230 
MET CG  HG3  sing N N 231 
MET SD  CE   sing N N 232 
MET CE  HE1  sing N N 233 
MET CE  HE2  sing N N 234 
MET CE  HE3  sing N N 235 
MET OXT HXT  sing N N 236 
PHE N   CA   sing N N 237 
PHE N   H    sing N N 238 
PHE N   H2   sing N N 239 
PHE CA  C    sing N N 240 
PHE CA  CB   sing N N 241 
PHE CA  HA   sing N N 242 
PHE C   O    doub N N 243 
PHE C   OXT  sing N N 244 
PHE CB  CG   sing N N 245 
PHE CB  HB2  sing N N 246 
PHE CB  HB3  sing N N 247 
PHE CG  CD1  doub Y N 248 
PHE CG  CD2  sing Y N 249 
PHE CD1 CE1  sing Y N 250 
PHE CD1 HD1  sing N N 251 
PHE CD2 CE2  doub Y N 252 
PHE CD2 HD2  sing N N 253 
PHE CE1 CZ   doub Y N 254 
PHE CE1 HE1  sing N N 255 
PHE CE2 CZ   sing Y N 256 
PHE CE2 HE2  sing N N 257 
PHE CZ  HZ   sing N N 258 
PHE OXT HXT  sing N N 259 
PRO N   CA   sing N N 260 
PRO N   CD   sing N N 261 
PRO N   H    sing N N 262 
PRO CA  C    sing N N 263 
PRO CA  CB   sing N N 264 
PRO CA  HA   sing N N 265 
PRO C   O    doub N N 266 
PRO C   OXT  sing N N 267 
PRO CB  CG   sing N N 268 
PRO CB  HB2  sing N N 269 
PRO CB  HB3  sing N N 270 
PRO CG  CD   sing N N 271 
PRO CG  HG2  sing N N 272 
PRO CG  HG3  sing N N 273 
PRO CD  HD2  sing N N 274 
PRO CD  HD3  sing N N 275 
PRO OXT HXT  sing N N 276 
SER N   CA   sing N N 277 
SER N   H    sing N N 278 
SER N   H2   sing N N 279 
SER CA  C    sing N N 280 
SER CA  CB   sing N N 281 
SER CA  HA   sing N N 282 
SER C   O    doub N N 283 
SER C   OXT  sing N N 284 
SER CB  OG   sing N N 285 
SER CB  HB2  sing N N 286 
SER CB  HB3  sing N N 287 
SER OG  HG   sing N N 288 
SER OXT HXT  sing N N 289 
THR N   CA   sing N N 290 
THR N   H    sing N N 291 
THR N   H2   sing N N 292 
THR CA  C    sing N N 293 
THR CA  CB   sing N N 294 
THR CA  HA   sing N N 295 
THR C   O    doub N N 296 
THR C   OXT  sing N N 297 
THR CB  OG1  sing N N 298 
THR CB  CG2  sing N N 299 
THR CB  HB   sing N N 300 
THR OG1 HG1  sing N N 301 
THR CG2 HG21 sing N N 302 
THR CG2 HG22 sing N N 303 
THR CG2 HG23 sing N N 304 
THR OXT HXT  sing N N 305 
TRP N   CA   sing N N 306 
TRP N   H    sing N N 307 
TRP N   H2   sing N N 308 
TRP CA  C    sing N N 309 
TRP CA  CB   sing N N 310 
TRP CA  HA   sing N N 311 
TRP C   O    doub N N 312 
TRP C   OXT  sing N N 313 
TRP CB  CG   sing N N 314 
TRP CB  HB2  sing N N 315 
TRP CB  HB3  sing N N 316 
TRP CG  CD1  doub Y N 317 
TRP CG  CD2  sing Y N 318 
TRP CD1 NE1  sing Y N 319 
TRP CD1 HD1  sing N N 320 
TRP CD2 CE2  doub Y N 321 
TRP CD2 CE3  sing Y N 322 
TRP NE1 CE2  sing Y N 323 
TRP NE1 HE1  sing N N 324 
TRP CE2 CZ2  sing Y N 325 
TRP CE3 CZ3  doub Y N 326 
TRP CE3 HE3  sing N N 327 
TRP CZ2 CH2  doub Y N 328 
TRP CZ2 HZ2  sing N N 329 
TRP CZ3 CH2  sing Y N 330 
TRP CZ3 HZ3  sing N N 331 
TRP CH2 HH2  sing N N 332 
TRP OXT HXT  sing N N 333 
TYR N   CA   sing N N 334 
TYR N   H    sing N N 335 
TYR N   H2   sing N N 336 
TYR CA  C    sing N N 337 
TYR CA  CB   sing N N 338 
TYR CA  HA   sing N N 339 
TYR C   O    doub N N 340 
TYR C   OXT  sing N N 341 
TYR CB  CG   sing N N 342 
TYR CB  HB2  sing N N 343 
TYR CB  HB3  sing N N 344 
TYR CG  CD1  doub Y N 345 
TYR CG  CD2  sing Y N 346 
TYR CD1 CE1  sing Y N 347 
TYR CD1 HD1  sing N N 348 
TYR CD2 CE2  doub Y N 349 
TYR CD2 HD2  sing N N 350 
TYR CE1 CZ   doub Y N 351 
TYR CE1 HE1  sing N N 352 
TYR CE2 CZ   sing Y N 353 
TYR CE2 HE2  sing N N 354 
TYR CZ  OH   sing N N 355 
TYR OH  HH   sing N N 356 
TYR OXT HXT  sing N N 357 
VAL N   CA   sing N N 358 
VAL N   H    sing N N 359 
VAL N   H2   sing N N 360 
VAL CA  C    sing N N 361 
VAL CA  CB   sing N N 362 
VAL CA  HA   sing N N 363 
VAL C   O    doub N N 364 
VAL C   OXT  sing N N 365 
VAL CB  CG1  sing N N 366 
VAL CB  CG2  sing N N 367 
VAL CB  HB   sing N N 368 
VAL CG1 HG11 sing N N 369 
VAL CG1 HG12 sing N N 370 
VAL CG1 HG13 sing N N 371 
VAL CG2 HG21 sing N N 372 
VAL CG2 HG22 sing N N 373 
VAL CG2 HG23 sing N N 374 
VAL OXT HXT  sing N N 375 
# 
_pdbx_entity_nonpoly.entity_id   2 
_pdbx_entity_nonpoly.name        water 
_pdbx_entity_nonpoly.comp_id     HOH 
# 
_pdbx_initial_refinement_model.id               1 
_pdbx_initial_refinement_model.entity_id_list   ? 
_pdbx_initial_refinement_model.type             'experimental model' 
_pdbx_initial_refinement_model.source_name      PDB 
_pdbx_initial_refinement_model.accession_code   1Q40 
_pdbx_initial_refinement_model.details          'PDB ENTRY 1Q40' 
# 
